data_1HMA
#
_entry.id   1HMA
#
_cell.length_a   1.000
_cell.length_b   1.000
_cell.length_c   1.000
_cell.angle_alpha   90.00
_cell.angle_beta   90.00
_cell.angle_gamma   90.00
#
_symmetry.space_group_name_H-M   'P 1'
#
_entity_poly.entity_id   1
_entity_poly.type   'polypeptide(L)'
_entity_poly.pdbx_seq_one_letter_code
;SDKPKRPLSAYMLWLNSARESIKRENPGIKVTEVAKRGGELWRAMKDKSEWEAKAAKAKDDYDRAVKEFEANG
;
_entity_poly.pdbx_strand_id   A
#
# COMPACT_ATOMS: atom_id res chain seq x y z
N SER A 1 -18.57 10.21 -5.34
CA SER A 1 -17.70 9.37 -4.45
C SER A 1 -16.61 10.25 -3.83
N ASP A 2 -15.91 9.74 -2.87
CA ASP A 2 -14.83 10.54 -2.22
C ASP A 2 -13.48 10.19 -2.87
N LYS A 3 -12.40 10.51 -2.22
CA LYS A 3 -11.06 10.20 -2.79
C LYS A 3 -10.94 8.69 -3.00
N PRO A 4 -10.61 8.28 -4.20
CA PRO A 4 -10.46 6.86 -4.55
C PRO A 4 -9.15 6.30 -4.02
N LYS A 5 -9.04 5.00 -3.99
CA LYS A 5 -7.81 4.36 -3.49
C LYS A 5 -6.66 4.64 -4.47
N ARG A 6 -5.95 5.71 -4.26
CA ARG A 6 -4.83 6.05 -5.17
C ARG A 6 -3.88 4.85 -5.33
N PRO A 7 -3.26 4.76 -6.47
CA PRO A 7 -2.32 3.68 -6.80
C PRO A 7 -1.00 3.89 -6.04
N LEU A 8 -0.40 2.84 -5.57
CA LEU A 8 0.88 2.98 -4.82
C LEU A 8 1.78 1.78 -5.07
N SER A 9 2.83 1.71 -4.31
CA SER A 9 3.81 0.59 -4.46
C SER A 9 3.27 -0.70 -3.82
N ALA A 10 3.76 -1.82 -4.27
CA ALA A 10 3.30 -3.11 -3.70
C ALA A 10 3.74 -3.22 -2.23
N TYR A 11 4.99 -2.97 -1.97
CA TYR A 11 5.48 -3.05 -0.57
C TYR A 11 4.59 -2.18 0.31
N MET A 12 3.90 -1.25 -0.26
CA MET A 12 3.00 -0.38 0.54
C MET A 12 1.70 -1.12 0.83
N LEU A 13 1.11 -1.73 -0.15
CA LEU A 13 -0.15 -2.47 0.10
C LEU A 13 0.05 -3.37 1.32
N TRP A 14 1.10 -4.14 1.33
CA TRP A 14 1.36 -5.02 2.49
C TRP A 14 1.55 -4.16 3.73
N LEU A 15 2.21 -3.05 3.59
CA LEU A 15 2.43 -2.14 4.75
C LEU A 15 1.08 -1.81 5.41
N ASN A 16 0.06 -1.65 4.62
CA ASN A 16 -1.27 -1.33 5.19
C ASN A 16 -1.88 -2.57 5.83
N SER A 17 -1.67 -3.71 5.25
CA SER A 17 -2.24 -4.96 5.82
C SER A 17 -1.45 -5.36 7.07
N ALA A 18 -0.36 -4.70 7.34
CA ALA A 18 0.45 -5.06 8.54
C ALA A 18 0.66 -3.81 9.41
N ARG A 19 0.11 -2.69 9.02
CA ARG A 19 0.31 -1.46 9.83
C ARG A 19 -0.29 -1.67 11.23
N GLU A 20 -1.39 -2.34 11.33
CA GLU A 20 -2.00 -2.56 12.67
C GLU A 20 -1.23 -3.66 13.39
N SER A 21 -0.95 -4.74 12.71
CA SER A 21 -0.19 -5.84 13.36
C SER A 21 1.27 -5.42 13.50
N ILE A 22 1.64 -4.30 12.95
CA ILE A 22 3.05 -3.84 13.06
C ILE A 22 3.18 -2.98 14.33
N LYS A 23 2.28 -2.08 14.53
CA LYS A 23 2.35 -1.21 15.73
C LYS A 23 2.02 -2.04 16.98
N ARG A 24 1.21 -3.05 16.84
CA ARG A 24 0.86 -3.88 18.03
C ARG A 24 2.09 -4.62 18.53
N GLU A 25 2.60 -5.54 17.75
CA GLU A 25 3.81 -6.30 18.19
C GLU A 25 4.96 -5.31 18.44
N ASN A 26 4.95 -4.19 17.79
CA ASN A 26 6.04 -3.20 17.99
C ASN A 26 5.66 -2.23 19.11
N PRO A 27 6.66 -1.70 19.77
CA PRO A 27 6.48 -0.76 20.87
C PRO A 27 6.15 0.64 20.34
N GLY A 28 4.97 0.83 19.81
CA GLY A 28 4.62 2.17 19.27
C GLY A 28 5.80 2.65 18.41
N ILE A 29 6.52 1.72 17.85
CA ILE A 29 7.70 2.06 17.02
C ILE A 29 7.44 3.34 16.21
N LYS A 30 8.46 4.10 15.96
CA LYS A 30 8.28 5.36 15.18
C LYS A 30 7.97 5.04 13.73
N VAL A 31 7.46 5.99 13.00
CA VAL A 31 7.13 5.75 11.58
C VAL A 31 8.42 5.53 10.78
N THR A 32 9.52 6.05 11.26
CA THR A 32 10.81 5.87 10.53
C THR A 32 11.33 4.45 10.74
N GLU A 33 11.11 3.90 11.90
CA GLU A 33 11.60 2.51 12.18
C GLU A 33 10.51 1.51 11.77
N VAL A 34 9.34 1.98 11.42
CA VAL A 34 8.25 1.04 11.03
C VAL A 34 8.53 0.51 9.62
N ALA A 35 9.18 1.28 8.80
CA ALA A 35 9.48 0.82 7.42
C ALA A 35 10.71 -0.11 7.43
N LYS A 36 11.66 0.16 8.28
CA LYS A 36 12.87 -0.70 8.34
C LYS A 36 12.45 -2.12 8.71
N ARG A 37 11.53 -2.26 9.61
CA ARG A 37 11.08 -3.61 10.02
C ARG A 37 10.03 -4.13 9.02
N GLY A 38 9.22 -3.25 8.50
CA GLY A 38 8.19 -3.70 7.52
C GLY A 38 8.86 -4.31 6.29
N GLY A 39 10.10 -3.97 6.05
CA GLY A 39 10.80 -4.53 4.86
C GLY A 39 11.23 -5.97 5.14
N GLU A 40 11.40 -6.33 6.39
CA GLU A 40 11.82 -7.72 6.71
C GLU A 40 10.64 -8.67 6.52
N LEU A 41 9.50 -8.35 7.07
CA LEU A 41 8.31 -9.24 6.92
C LEU A 41 7.86 -9.21 5.46
N TRP A 42 7.94 -8.08 4.82
CA TRP A 42 7.51 -7.98 3.39
C TRP A 42 8.23 -9.06 2.57
N ARG A 43 9.53 -9.16 2.72
CA ARG A 43 10.28 -10.18 1.94
C ARG A 43 10.38 -11.48 2.73
N ALA A 44 9.86 -11.52 3.92
CA ALA A 44 9.93 -12.77 4.73
C ALA A 44 8.56 -13.45 4.77
N MET A 45 7.56 -12.83 4.20
CA MET A 45 6.21 -13.43 4.21
C MET A 45 6.10 -14.44 3.05
N LYS A 46 5.28 -14.17 2.08
CA LYS A 46 5.13 -15.11 0.95
C LYS A 46 5.82 -14.55 -0.29
N ASP A 47 5.20 -13.61 -0.96
CA ASP A 47 5.82 -13.01 -2.17
C ASP A 47 5.25 -11.61 -2.39
N LYS A 48 5.53 -11.01 -3.52
CA LYS A 48 5.00 -9.65 -3.79
C LYS A 48 3.94 -9.72 -4.89
N SER A 49 3.99 -10.72 -5.72
CA SER A 49 2.98 -10.83 -6.80
C SER A 49 1.59 -10.58 -6.23
N GLU A 50 1.39 -10.84 -4.96
CA GLU A 50 0.07 -10.61 -4.34
C GLU A 50 -0.27 -9.13 -4.40
N TRP A 51 0.47 -8.31 -3.71
CA TRP A 51 0.19 -6.86 -3.71
C TRP A 51 0.51 -6.29 -5.08
N GLU A 52 1.73 -6.42 -5.52
CA GLU A 52 2.13 -5.87 -6.85
C GLU A 52 0.96 -5.96 -7.84
N ALA A 53 0.52 -7.14 -8.16
CA ALA A 53 -0.63 -7.26 -9.10
C ALA A 53 -1.81 -6.47 -8.55
N LYS A 54 -2.05 -6.57 -7.27
CA LYS A 54 -3.18 -5.84 -6.66
C LYS A 54 -3.09 -4.35 -6.99
N ALA A 55 -1.91 -3.80 -7.04
CA ALA A 55 -1.77 -2.36 -7.36
C ALA A 55 -2.37 -2.10 -8.74
N ALA A 56 -2.08 -2.95 -9.68
CA ALA A 56 -2.64 -2.75 -11.04
C ALA A 56 -4.16 -2.59 -10.94
N LYS A 57 -4.81 -3.49 -10.26
CA LYS A 57 -6.29 -3.40 -10.12
C LYS A 57 -6.67 -1.98 -9.68
N ALA A 58 -6.15 -1.52 -8.57
CA ALA A 58 -6.50 -0.14 -8.13
C ALA A 58 -6.26 0.81 -9.29
N LYS A 59 -5.25 0.55 -10.07
CA LYS A 59 -4.95 1.42 -11.23
C LYS A 59 -6.19 1.56 -12.09
N ASP A 60 -6.68 0.47 -12.60
CA ASP A 60 -7.89 0.55 -13.48
C ASP A 60 -9.06 1.20 -12.72
N ASP A 61 -9.36 0.75 -11.54
CA ASP A 61 -10.49 1.35 -10.76
C ASP A 61 -10.09 2.74 -10.26
N TYR A 62 -8.86 3.12 -10.47
CA TYR A 62 -8.37 4.44 -9.99
C TYR A 62 -8.43 5.50 -11.10
N ASP A 63 -8.04 5.16 -12.30
CA ASP A 63 -8.09 6.16 -13.39
C ASP A 63 -9.54 6.43 -13.76
N ARG A 64 -10.34 5.41 -13.69
CA ARG A 64 -11.78 5.56 -14.05
C ARG A 64 -12.56 6.22 -12.91
N ALA A 65 -12.27 5.88 -11.68
CA ALA A 65 -13.02 6.47 -10.54
C ALA A 65 -12.53 7.88 -10.22
N VAL A 66 -11.26 8.12 -10.19
CA VAL A 66 -10.78 9.48 -9.88
C VAL A 66 -11.58 10.49 -10.69
N LYS A 67 -11.88 10.18 -11.91
CA LYS A 67 -12.67 11.14 -12.74
C LYS A 67 -13.91 11.53 -11.94
N GLU A 68 -14.63 10.56 -11.44
CA GLU A 68 -15.84 10.85 -10.62
C GLU A 68 -15.41 11.71 -9.42
N PHE A 69 -14.29 11.36 -8.87
CA PHE A 69 -13.70 12.09 -7.71
C PHE A 69 -13.29 13.51 -8.11
N GLU A 70 -13.01 13.70 -9.36
CA GLU A 70 -12.56 15.03 -9.81
C GLU A 70 -13.76 15.78 -10.39
N ALA A 71 -14.83 15.07 -10.58
CA ALA A 71 -16.06 15.67 -11.14
C ALA A 71 -16.92 16.27 -10.02
N ASN A 72 -16.30 16.75 -8.98
CA ASN A 72 -17.08 17.34 -7.85
C ASN A 72 -16.79 18.84 -7.76
N GLY A 73 -16.31 19.43 -8.83
CA GLY A 73 -16.01 20.89 -8.81
C GLY A 73 -17.17 21.64 -8.14
N SER A 1 -18.60 8.95 -1.87
CA SER A 1 -17.50 9.06 -2.86
C SER A 1 -16.45 10.06 -2.35
N ASP A 2 -15.19 9.74 -2.50
CA ASP A 2 -14.13 10.67 -2.02
C ASP A 2 -12.78 10.28 -2.63
N LYS A 3 -11.71 10.69 -2.03
CA LYS A 3 -10.36 10.34 -2.58
C LYS A 3 -10.26 8.82 -2.76
N PRO A 4 -9.90 8.40 -3.95
CA PRO A 4 -9.76 6.97 -4.28
C PRO A 4 -8.45 6.39 -3.73
N LYS A 5 -8.38 5.09 -3.67
CA LYS A 5 -7.14 4.44 -3.16
C LYS A 5 -6.03 4.59 -4.21
N ARG A 6 -5.33 5.68 -4.18
CA ARG A 6 -4.25 5.91 -5.17
C ARG A 6 -3.36 4.66 -5.30
N PRO A 7 -2.77 4.50 -6.45
CA PRO A 7 -1.88 3.38 -6.75
C PRO A 7 -0.55 3.55 -6.03
N LEU A 8 0.01 2.48 -5.53
CA LEU A 8 1.30 2.58 -4.80
C LEU A 8 2.09 1.27 -4.96
N SER A 9 3.37 1.34 -4.81
CA SER A 9 4.23 0.12 -4.96
C SER A 9 3.60 -1.07 -4.24
N ALA A 10 3.89 -2.27 -4.69
CA ALA A 10 3.32 -3.47 -4.03
C ALA A 10 3.78 -3.51 -2.57
N TYR A 11 5.05 -3.24 -2.34
CA TYR A 11 5.56 -3.25 -0.94
C TYR A 11 4.76 -2.23 -0.12
N MET A 12 4.18 -1.27 -0.77
CA MET A 12 3.39 -0.25 -0.05
C MET A 12 2.01 -0.81 0.31
N LEU A 13 1.43 -1.63 -0.54
CA LEU A 13 0.09 -2.21 -0.20
C LEU A 13 0.25 -3.05 1.06
N TRP A 14 1.16 -3.98 1.04
CA TRP A 14 1.38 -4.84 2.24
C TRP A 14 1.69 -3.94 3.43
N LEU A 15 2.41 -2.88 3.19
CA LEU A 15 2.77 -1.93 4.29
C LEU A 15 1.48 -1.45 4.98
N ASN A 16 0.55 -0.93 4.22
CA ASN A 16 -0.71 -0.44 4.82
C ASN A 16 -1.54 -1.62 5.31
N SER A 17 -1.22 -2.80 4.88
CA SER A 17 -1.98 -4.00 5.32
C SER A 17 -1.24 -4.67 6.47
N ALA A 18 -0.16 -4.09 6.92
CA ALA A 18 0.60 -4.69 8.04
C ALA A 18 0.79 -3.66 9.15
N ARG A 19 0.29 -2.47 8.96
CA ARG A 19 0.44 -1.41 10.00
C ARG A 19 -0.29 -1.84 11.28
N GLU A 20 -1.18 -2.78 11.18
CA GLU A 20 -1.90 -3.24 12.39
C GLU A 20 -1.02 -4.22 13.16
N SER A 21 -0.72 -5.34 12.58
CA SER A 21 0.14 -6.33 13.26
C SER A 21 1.53 -5.70 13.46
N ILE A 22 1.78 -4.60 12.80
CA ILE A 22 3.10 -3.94 12.95
C ILE A 22 3.08 -3.06 14.20
N LYS A 23 2.08 -2.24 14.34
CA LYS A 23 2.01 -1.37 15.53
C LYS A 23 1.74 -2.21 16.79
N ARG A 24 1.40 -3.46 16.62
CA ARG A 24 1.12 -4.32 17.80
C ARG A 24 2.38 -5.09 18.20
N GLU A 25 3.11 -5.61 17.24
CA GLU A 25 4.33 -6.38 17.57
C GLU A 25 5.47 -5.43 17.92
N ASN A 26 5.31 -4.17 17.62
CA ASN A 26 6.40 -3.20 17.93
C ASN A 26 6.05 -2.42 19.20
N PRO A 27 7.08 -2.06 19.93
CA PRO A 27 6.95 -1.31 21.19
C PRO A 27 6.69 0.16 20.89
N GLY A 28 5.53 0.50 20.38
CA GLY A 28 5.26 1.93 20.06
C GLY A 28 6.47 2.46 19.29
N ILE A 29 7.17 1.58 18.62
CA ILE A 29 8.37 1.99 17.86
C ILE A 29 8.12 3.32 17.15
N LYS A 30 9.16 4.04 16.84
CA LYS A 30 8.98 5.35 16.15
C LYS A 30 8.29 5.12 14.81
N VAL A 31 7.75 6.16 14.23
CA VAL A 31 7.06 6.02 12.93
C VAL A 31 8.09 5.81 11.81
N THR A 32 9.28 6.32 11.98
CA THR A 32 10.32 6.14 10.93
C THR A 32 10.87 4.71 10.99
N GLU A 33 10.96 4.14 12.15
CA GLU A 33 11.49 2.75 12.25
C GLU A 33 10.38 1.75 11.92
N VAL A 34 9.15 2.22 11.83
CA VAL A 34 8.04 1.29 11.51
C VAL A 34 8.10 0.91 10.02
N ALA A 35 8.58 1.79 9.20
CA ALA A 35 8.65 1.46 7.74
C ALA A 35 9.90 0.61 7.48
N LYS A 36 10.96 0.84 8.21
CA LYS A 36 12.20 0.05 8.01
C LYS A 36 11.98 -1.40 8.47
N ARG A 37 11.45 -1.56 9.65
CA ARG A 37 11.22 -2.94 10.17
C ARG A 37 10.10 -3.61 9.36
N GLY A 38 9.24 -2.84 8.75
CA GLY A 38 8.13 -3.44 7.96
C GLY A 38 8.71 -4.15 6.73
N GLY A 39 9.90 -3.77 6.32
CA GLY A 39 10.51 -4.44 5.13
C GLY A 39 11.01 -5.83 5.52
N GLU A 40 11.14 -6.09 6.79
CA GLU A 40 11.63 -7.43 7.22
C GLU A 40 10.53 -8.47 7.01
N LEU A 41 9.30 -8.10 7.24
CA LEU A 41 8.18 -9.06 7.06
C LEU A 41 7.76 -9.10 5.58
N TRP A 42 8.00 -8.03 4.87
CA TRP A 42 7.61 -8.01 3.43
C TRP A 42 8.34 -9.15 2.69
N ARG A 43 9.62 -9.23 2.84
CA ARG A 43 10.39 -10.31 2.14
C ARG A 43 10.35 -11.58 2.97
N ALA A 44 9.55 -11.62 4.01
CA ALA A 44 9.49 -12.85 4.85
C ALA A 44 8.05 -13.35 4.95
N MET A 45 7.13 -12.71 4.28
CA MET A 45 5.72 -13.15 4.34
C MET A 45 5.50 -14.30 3.36
N LYS A 46 4.73 -14.10 2.32
CA LYS A 46 4.48 -15.18 1.35
C LYS A 46 5.19 -14.84 0.02
N ASP A 47 4.58 -14.04 -0.79
CA ASP A 47 5.21 -13.67 -2.09
C ASP A 47 4.98 -12.17 -2.35
N LYS A 48 5.30 -11.71 -3.53
CA LYS A 48 5.11 -10.27 -3.84
C LYS A 48 4.11 -10.14 -4.98
N SER A 49 3.93 -11.18 -5.76
CA SER A 49 2.96 -11.11 -6.89
C SER A 49 1.56 -10.81 -6.34
N GLU A 50 1.36 -10.96 -5.06
CA GLU A 50 0.04 -10.68 -4.46
C GLU A 50 -0.29 -9.20 -4.62
N TRP A 51 0.43 -8.36 -3.94
CA TRP A 51 0.18 -6.91 -4.05
C TRP A 51 0.51 -6.44 -5.44
N GLU A 52 1.65 -6.83 -5.94
CA GLU A 52 2.05 -6.39 -7.31
C GLU A 52 0.83 -6.42 -8.25
N ALA A 53 0.33 -7.58 -8.57
CA ALA A 53 -0.87 -7.64 -9.47
C ALA A 53 -2.01 -6.84 -8.84
N LYS A 54 -2.04 -6.77 -7.54
CA LYS A 54 -3.12 -6.01 -6.85
C LYS A 54 -3.06 -4.53 -7.21
N ALA A 55 -1.88 -4.01 -7.42
CA ALA A 55 -1.77 -2.57 -7.77
C ALA A 55 -2.39 -2.32 -9.13
N ALA A 56 -2.49 -3.34 -9.94
CA ALA A 56 -3.10 -3.17 -11.29
C ALA A 56 -4.59 -2.87 -11.15
N LYS A 57 -5.30 -3.71 -10.47
CA LYS A 57 -6.77 -3.48 -10.30
C LYS A 57 -6.99 -2.06 -9.78
N ALA A 58 -6.22 -1.63 -8.81
CA ALA A 58 -6.41 -0.24 -8.32
C ALA A 58 -6.10 0.72 -9.45
N LYS A 59 -5.16 0.36 -10.28
CA LYS A 59 -4.79 1.24 -11.42
C LYS A 59 -6.02 1.53 -12.26
N ASP A 60 -6.70 0.50 -12.72
CA ASP A 60 -7.89 0.73 -13.56
C ASP A 60 -8.96 1.47 -12.76
N ASP A 61 -9.27 1.02 -11.59
CA ASP A 61 -10.31 1.70 -10.77
C ASP A 61 -9.76 3.04 -10.26
N TYR A 62 -8.51 3.28 -10.49
CA TYR A 62 -7.89 4.54 -10.00
C TYR A 62 -7.93 5.63 -11.09
N ASP A 63 -7.55 5.32 -12.29
CA ASP A 63 -7.57 6.36 -13.35
C ASP A 63 -9.01 6.69 -13.70
N ARG A 64 -9.87 5.74 -13.51
CA ARG A 64 -11.31 5.95 -13.84
C ARG A 64 -12.05 6.60 -12.66
N ALA A 65 -11.74 6.20 -11.46
CA ALA A 65 -12.44 6.78 -10.27
C ALA A 65 -11.89 8.16 -9.94
N VAL A 66 -10.61 8.37 -10.08
CA VAL A 66 -10.07 9.70 -9.76
C VAL A 66 -10.76 10.73 -10.63
N LYS A 67 -10.87 10.47 -11.91
CA LYS A 67 -11.56 11.45 -12.80
C LYS A 67 -12.84 11.93 -12.13
N GLU A 68 -13.47 11.08 -11.37
CA GLU A 68 -14.72 11.48 -10.66
C GLU A 68 -14.28 12.35 -9.48
N PHE A 69 -13.28 11.88 -8.82
CA PHE A 69 -12.67 12.58 -7.65
C PHE A 69 -12.15 13.97 -8.05
N GLU A 70 -11.77 14.13 -9.27
CA GLU A 70 -11.22 15.41 -9.72
C GLU A 70 -12.34 16.23 -10.35
N ALA A 71 -13.33 15.53 -10.82
CA ALA A 71 -14.49 16.17 -11.47
C ALA A 71 -15.20 17.09 -10.48
N ASN A 72 -14.96 16.91 -9.21
CA ASN A 72 -15.63 17.78 -8.20
C ASN A 72 -14.58 18.67 -7.52
N GLY A 73 -14.43 19.87 -7.99
CA GLY A 73 -13.43 20.79 -7.39
C GLY A 73 -12.04 20.51 -7.99
N SER A 1 -16.20 16.51 -8.23
CA SER A 1 -15.24 15.38 -8.23
C SER A 1 -13.84 15.90 -7.90
N ASP A 2 -12.88 15.02 -7.79
CA ASP A 2 -11.49 15.46 -7.48
C ASP A 2 -10.49 14.56 -8.19
N LYS A 3 -9.34 14.34 -7.60
CA LYS A 3 -8.32 13.47 -8.24
C LYS A 3 -8.56 12.01 -7.82
N PRO A 4 -8.29 11.10 -8.72
CA PRO A 4 -8.46 9.66 -8.49
C PRO A 4 -7.33 9.09 -7.64
N LYS A 5 -7.53 7.91 -7.12
CA LYS A 5 -6.48 7.26 -6.28
C LYS A 5 -5.31 6.85 -7.18
N ARG A 6 -4.15 7.39 -6.93
CA ARG A 6 -2.98 7.05 -7.78
C ARG A 6 -2.52 5.60 -7.51
N PRO A 7 -1.91 5.02 -8.51
CA PRO A 7 -1.38 3.64 -8.44
C PRO A 7 -0.13 3.60 -7.56
N LEU A 8 0.05 2.54 -6.82
CA LEU A 8 1.25 2.44 -5.94
C LEU A 8 1.91 1.08 -6.11
N SER A 9 2.98 0.88 -5.42
CA SER A 9 3.73 -0.41 -5.53
C SER A 9 3.11 -1.48 -4.63
N ALA A 10 3.34 -2.72 -4.96
CA ALA A 10 2.78 -3.84 -4.14
C ALA A 10 3.41 -3.80 -2.74
N TYR A 11 4.71 -3.66 -2.67
CA TYR A 11 5.36 -3.61 -1.34
C TYR A 11 4.66 -2.57 -0.48
N MET A 12 4.02 -1.62 -1.10
CA MET A 12 3.30 -0.57 -0.34
C MET A 12 1.98 -1.13 0.16
N LEU A 13 1.25 -1.84 -0.67
CA LEU A 13 -0.05 -2.40 -0.21
C LEU A 13 0.19 -3.17 1.09
N TRP A 14 1.11 -4.09 1.07
CA TRP A 14 1.42 -4.88 2.31
C TRP A 14 1.83 -3.91 3.41
N LEU A 15 2.60 -2.91 3.05
CA LEU A 15 3.06 -1.92 4.06
C LEU A 15 1.85 -1.34 4.80
N ASN A 16 0.75 -1.16 4.10
CA ASN A 16 -0.46 -0.60 4.74
C ASN A 16 -1.23 -1.70 5.48
N SER A 17 -1.08 -2.92 5.05
CA SER A 17 -1.81 -4.04 5.72
C SER A 17 -0.99 -4.57 6.90
N ALA A 18 0.21 -4.11 7.05
CA ALA A 18 1.05 -4.60 8.18
C ALA A 18 1.21 -3.50 9.23
N ARG A 19 1.01 -2.27 8.86
CA ARG A 19 1.16 -1.16 9.85
C ARG A 19 0.21 -1.39 11.03
N GLU A 20 -0.88 -2.06 10.81
CA GLU A 20 -1.83 -2.31 11.94
C GLU A 20 -1.30 -3.46 12.80
N SER A 21 -1.04 -4.59 12.21
CA SER A 21 -0.51 -5.72 12.99
C SER A 21 0.95 -5.42 13.38
N ILE A 22 1.48 -4.33 12.91
CA ILE A 22 2.88 -3.99 13.25
C ILE A 22 2.88 -3.11 14.49
N LYS A 23 2.04 -2.11 14.52
CA LYS A 23 1.99 -1.21 15.70
C LYS A 23 1.35 -1.94 16.89
N ARG A 24 0.67 -3.04 16.63
CA ARG A 24 0.03 -3.78 17.75
C ARG A 24 1.03 -4.76 18.36
N GLU A 25 1.94 -5.27 17.58
CA GLU A 25 2.94 -6.23 18.13
C GLU A 25 4.21 -5.47 18.53
N ASN A 26 4.21 -4.17 18.38
CA ASN A 26 5.41 -3.38 18.73
C ASN A 26 5.06 -2.39 19.84
N PRO A 27 6.04 -2.06 20.63
CA PRO A 27 5.88 -1.12 21.75
C PRO A 27 5.83 0.32 21.24
N GLY A 28 4.75 0.71 20.62
CA GLY A 28 4.67 2.11 20.09
C GLY A 28 5.99 2.42 19.40
N ILE A 29 6.61 1.41 18.84
CA ILE A 29 7.91 1.58 18.15
C ILE A 29 7.96 2.92 17.42
N LYS A 30 9.12 3.51 17.30
CA LYS A 30 9.24 4.82 16.61
C LYS A 30 8.77 4.69 15.16
N VAL A 31 8.32 5.77 14.57
CA VAL A 31 7.86 5.71 13.17
C VAL A 31 9.06 5.46 12.25
N THR A 32 10.24 5.84 12.67
CA THR A 32 11.44 5.62 11.83
C THR A 32 11.79 4.12 11.84
N GLU A 33 11.44 3.43 12.89
CA GLU A 33 11.75 1.97 12.96
C GLU A 33 10.54 1.17 12.47
N VAL A 34 9.41 1.81 12.33
CA VAL A 34 8.20 1.08 11.87
C VAL A 34 8.28 0.86 10.36
N ALA A 35 8.93 1.73 9.65
CA ALA A 35 9.04 1.57 8.17
C ALA A 35 10.25 0.68 7.85
N LYS A 36 11.26 0.70 8.68
CA LYS A 36 12.45 -0.14 8.42
C LYS A 36 12.06 -1.62 8.49
N ARG A 37 11.28 -2.00 9.46
CA ARG A 37 10.87 -3.43 9.59
C ARG A 37 9.90 -3.78 8.44
N GLY A 38 9.35 -2.79 7.81
CA GLY A 38 8.39 -3.05 6.69
C GLY A 38 9.14 -3.63 5.49
N GLY A 39 10.31 -3.11 5.21
CA GLY A 39 11.09 -3.63 4.04
C GLY A 39 11.70 -5.00 4.38
N GLU A 40 11.57 -5.43 5.60
CA GLU A 40 12.14 -6.75 5.98
C GLU A 40 11.10 -7.85 5.83
N LEU A 41 10.02 -7.78 6.57
CA LEU A 41 8.97 -8.82 6.48
C LEU A 41 8.42 -8.87 5.04
N TRP A 42 8.43 -7.76 4.35
CA TRP A 42 7.90 -7.75 2.96
C TRP A 42 8.67 -8.77 2.11
N ARG A 43 9.94 -8.58 1.94
CA ARG A 43 10.72 -9.54 1.10
C ARG A 43 11.00 -10.82 1.89
N ALA A 44 10.47 -10.95 3.07
CA ALA A 44 10.73 -12.19 3.87
C ALA A 44 9.41 -12.83 4.30
N MET A 45 8.29 -12.32 3.87
CA MET A 45 6.99 -12.92 4.27
C MET A 45 6.68 -14.10 3.35
N LYS A 46 5.64 -14.01 2.56
CA LYS A 46 5.27 -15.13 1.66
C LYS A 46 5.72 -14.80 0.23
N ASP A 47 4.87 -14.18 -0.54
CA ASP A 47 5.23 -13.83 -1.94
C ASP A 47 4.75 -12.41 -2.25
N LYS A 48 5.32 -11.79 -3.24
CA LYS A 48 4.89 -10.40 -3.58
C LYS A 48 3.94 -10.43 -4.77
N SER A 49 3.38 -11.56 -5.07
CA SER A 49 2.44 -11.65 -6.22
C SER A 49 1.03 -11.29 -5.75
N GLU A 50 0.77 -11.38 -4.47
CA GLU A 50 -0.58 -11.03 -3.96
C GLU A 50 -0.85 -9.57 -4.23
N TRP A 51 -0.15 -8.71 -3.54
CA TRP A 51 -0.34 -7.25 -3.74
C TRP A 51 -0.07 -6.90 -5.19
N GLU A 52 1.01 -7.39 -5.73
CA GLU A 52 1.35 -7.07 -7.14
C GLU A 52 0.09 -7.03 -7.99
N ALA A 53 -0.59 -8.13 -8.16
CA ALA A 53 -1.83 -8.12 -8.98
C ALA A 53 -2.80 -7.10 -8.40
N LYS A 54 -2.82 -6.95 -7.11
CA LYS A 54 -3.74 -5.97 -6.47
C LYS A 54 -3.48 -4.56 -7.00
N ALA A 55 -2.24 -4.18 -7.15
CA ALA A 55 -1.93 -2.81 -7.65
C ALA A 55 -2.51 -2.66 -9.06
N ALA A 56 -2.55 -3.73 -9.81
CA ALA A 56 -3.10 -3.67 -11.20
C ALA A 56 -4.50 -3.05 -11.15
N LYS A 57 -5.32 -3.51 -10.25
CA LYS A 57 -6.70 -2.95 -10.16
C LYS A 57 -6.63 -1.42 -10.17
N ALA A 58 -5.96 -0.83 -9.22
CA ALA A 58 -5.88 0.66 -9.22
C ALA A 58 -5.38 1.14 -10.58
N LYS A 59 -4.56 0.36 -11.22
CA LYS A 59 -4.02 0.75 -12.54
C LYS A 59 -5.14 0.93 -13.55
N ASP A 60 -6.04 -0.01 -13.60
CA ASP A 60 -7.15 0.09 -14.59
C ASP A 60 -8.14 1.18 -14.15
N ASP A 61 -8.43 1.26 -12.89
CA ASP A 61 -9.39 2.29 -12.40
C ASP A 61 -8.67 3.64 -12.29
N TYR A 62 -7.38 3.63 -12.45
CA TYR A 62 -6.60 4.88 -12.33
C TYR A 62 -6.33 5.50 -13.70
N ASP A 63 -5.95 4.69 -14.66
CA ASP A 63 -5.69 5.24 -16.01
C ASP A 63 -7.02 5.60 -16.66
N ARG A 64 -8.01 4.81 -16.38
CA ARG A 64 -9.35 5.05 -16.98
C ARG A 64 -10.06 6.20 -16.26
N ALA A 65 -9.93 6.30 -14.97
CA ALA A 65 -10.62 7.40 -14.23
C ALA A 65 -9.87 8.72 -14.39
N VAL A 66 -8.58 8.72 -14.30
CA VAL A 66 -7.85 10.00 -14.46
C VAL A 66 -8.27 10.65 -15.77
N LYS A 67 -8.31 9.89 -16.84
CA LYS A 67 -8.74 10.47 -18.15
C LYS A 67 -9.95 11.38 -17.91
N GLU A 68 -10.85 10.94 -17.08
CA GLU A 68 -12.05 11.76 -16.76
C GLU A 68 -11.56 12.99 -16.00
N PHE A 69 -10.80 12.73 -14.99
CA PHE A 69 -10.19 13.77 -14.13
C PHE A 69 -9.39 14.78 -14.96
N GLU A 70 -8.92 14.36 -16.09
CA GLU A 70 -8.08 15.27 -16.93
C GLU A 70 -8.98 15.89 -17.98
N ALA A 71 -10.10 15.28 -18.21
CA ALA A 71 -11.06 15.78 -19.22
C ALA A 71 -11.95 16.87 -18.61
N ASN A 72 -11.35 17.82 -17.93
CA ASN A 72 -12.16 18.91 -17.31
C ASN A 72 -11.34 20.20 -17.28
N GLY A 73 -10.21 20.19 -16.63
CA GLY A 73 -9.37 21.42 -16.57
C GLY A 73 -7.94 21.09 -17.04
N SER A 1 -14.87 9.78 -2.03
CA SER A 1 -13.95 10.95 -2.06
C SER A 1 -13.71 11.39 -3.51
N ASP A 2 -13.32 12.62 -3.70
CA ASP A 2 -13.07 13.10 -5.08
C ASP A 2 -11.72 12.58 -5.59
N LYS A 3 -10.77 12.43 -4.71
CA LYS A 3 -9.43 11.93 -5.15
C LYS A 3 -9.48 10.40 -5.24
N PRO A 4 -8.92 9.87 -6.31
CA PRO A 4 -8.88 8.43 -6.56
C PRO A 4 -7.81 7.74 -5.73
N LYS A 5 -7.88 6.45 -5.62
CA LYS A 5 -6.86 5.70 -4.84
C LYS A 5 -5.49 5.87 -5.49
N ARG A 6 -4.61 6.59 -4.86
CA ARG A 6 -3.26 6.79 -5.46
C ARG A 6 -2.53 5.44 -5.58
N PRO A 7 -1.83 5.27 -6.67
CA PRO A 7 -1.07 4.04 -6.94
C PRO A 7 0.17 3.98 -6.04
N LEU A 8 0.57 2.81 -5.63
CA LEU A 8 1.77 2.70 -4.74
C LEU A 8 2.46 1.35 -4.95
N SER A 9 3.49 1.13 -4.19
CA SER A 9 4.26 -0.13 -4.31
C SER A 9 3.56 -1.29 -3.58
N ALA A 10 3.82 -2.50 -4.01
CA ALA A 10 3.18 -3.68 -3.37
C ALA A 10 3.65 -3.79 -1.92
N TYR A 11 4.92 -3.59 -1.68
CA TYR A 11 5.42 -3.67 -0.29
C TYR A 11 4.58 -2.76 0.60
N MET A 12 4.02 -1.73 0.03
CA MET A 12 3.19 -0.79 0.82
C MET A 12 1.82 -1.44 1.09
N LEU A 13 1.22 -2.05 0.10
CA LEU A 13 -0.11 -2.69 0.33
C LEU A 13 0.01 -3.61 1.54
N TRP A 14 0.98 -4.48 1.53
CA TRP A 14 1.17 -5.40 2.68
C TRP A 14 1.51 -4.57 3.93
N LEU A 15 2.23 -3.50 3.75
CA LEU A 15 2.59 -2.65 4.92
C LEU A 15 1.31 -2.12 5.58
N ASN A 16 0.26 -1.96 4.81
CA ASN A 16 -1.01 -1.46 5.39
C ASN A 16 -1.79 -2.61 6.02
N SER A 17 -1.64 -3.79 5.49
CA SER A 17 -2.36 -4.96 6.05
C SER A 17 -1.63 -5.49 7.29
N ALA A 18 -0.50 -4.92 7.60
CA ALA A 18 0.26 -5.38 8.80
C ALA A 18 0.53 -4.19 9.71
N ARG A 19 0.17 -3.00 9.30
CA ARG A 19 0.41 -1.81 10.15
C ARG A 19 -0.32 -1.97 11.48
N GLU A 20 -1.25 -2.87 11.56
CA GLU A 20 -1.98 -3.08 12.84
C GLU A 20 -1.13 -3.92 13.78
N SER A 21 -0.86 -5.14 13.41
CA SER A 21 -0.02 -6.01 14.28
C SER A 21 1.40 -5.44 14.34
N ILE A 22 1.70 -4.49 13.50
CA ILE A 22 3.06 -3.89 13.51
C ILE A 22 3.08 -2.75 14.53
N LYS A 23 2.06 -1.95 14.55
CA LYS A 23 2.02 -0.81 15.50
C LYS A 23 1.94 -1.33 16.94
N ARG A 24 1.32 -2.46 17.16
CA ARG A 24 1.22 -2.99 18.54
C ARG A 24 2.51 -3.71 18.93
N GLU A 25 2.82 -4.81 18.29
CA GLU A 25 4.07 -5.55 18.63
C GLU A 25 5.24 -4.57 18.79
N ASN A 26 5.16 -3.43 18.15
CA ASN A 26 6.27 -2.44 18.27
C ASN A 26 5.94 -1.41 19.36
N PRO A 27 6.99 -0.88 19.96
CA PRO A 27 6.88 0.12 21.03
C PRO A 27 6.55 1.49 20.44
N GLY A 28 5.34 1.70 19.99
CA GLY A 28 4.99 3.02 19.40
C GLY A 28 6.13 3.44 18.47
N ILE A 29 6.82 2.47 17.92
CA ILE A 29 7.96 2.77 17.01
C ILE A 29 7.65 3.98 16.13
N LYS A 30 8.65 4.72 15.76
CA LYS A 30 8.42 5.91 14.89
C LYS A 30 7.97 5.45 13.51
N VAL A 31 7.34 6.32 12.77
CA VAL A 31 6.88 5.94 11.41
C VAL A 31 8.10 5.62 10.53
N THR A 32 9.20 6.26 10.79
CA THR A 32 10.43 6.00 9.97
C THR A 32 11.01 4.63 10.34
N GLU A 33 10.74 4.16 11.52
CA GLU A 33 11.29 2.83 11.93
C GLU A 33 10.21 1.76 11.73
N VAL A 34 9.00 2.16 11.44
CA VAL A 34 7.92 1.16 11.22
C VAL A 34 8.10 0.47 9.88
N ALA A 35 8.53 1.20 8.88
CA ALA A 35 8.73 0.58 7.54
C ALA A 35 9.96 -0.32 7.58
N LYS A 36 10.91 -0.01 8.41
CA LYS A 36 12.14 -0.84 8.50
C LYS A 36 11.80 -2.19 9.13
N ARG A 37 11.33 -2.17 10.34
CA ARG A 37 10.98 -3.46 11.03
C ARG A 37 9.79 -4.11 10.31
N GLY A 38 9.08 -3.36 9.51
CA GLY A 38 7.91 -3.95 8.79
C GLY A 38 8.40 -4.74 7.57
N GLY A 39 9.51 -4.35 7.01
CA GLY A 39 10.04 -5.08 5.82
C GLY A 39 10.56 -6.45 6.26
N GLU A 40 10.95 -6.59 7.50
CA GLU A 40 11.46 -7.91 7.98
C GLU A 40 10.48 -9.01 7.56
N LEU A 41 9.21 -8.80 7.75
CA LEU A 41 8.21 -9.83 7.38
C LEU A 41 8.00 -9.80 5.86
N TRP A 42 8.07 -8.65 5.26
CA TRP A 42 7.86 -8.55 3.79
C TRP A 42 8.95 -9.36 3.07
N ARG A 43 9.99 -9.73 3.77
CA ARG A 43 11.07 -10.51 3.13
C ARG A 43 10.52 -11.85 2.62
N ALA A 44 9.98 -12.66 3.50
CA ALA A 44 9.41 -13.96 3.06
C ALA A 44 8.38 -13.71 1.96
N MET A 45 7.70 -12.59 2.02
CA MET A 45 6.66 -12.26 1.00
C MET A 45 7.02 -12.83 -0.38
N LYS A 46 8.30 -12.89 -0.71
CA LYS A 46 8.76 -13.43 -2.02
C LYS A 46 7.67 -13.40 -3.11
N ASP A 47 6.73 -14.29 -3.06
CA ASP A 47 5.66 -14.27 -4.10
C ASP A 47 4.66 -13.16 -3.76
N LYS A 48 4.99 -11.94 -4.10
CA LYS A 48 4.08 -10.80 -3.79
C LYS A 48 3.08 -10.59 -4.93
N SER A 49 3.02 -11.52 -5.84
CA SER A 49 2.05 -11.37 -6.97
C SER A 49 0.68 -10.97 -6.42
N GLU A 50 0.42 -11.27 -5.17
CA GLU A 50 -0.88 -10.89 -4.56
C GLU A 50 -1.04 -9.37 -4.64
N TRP A 51 -0.23 -8.67 -3.90
CA TRP A 51 -0.32 -7.19 -3.90
C TRP A 51 0.06 -6.66 -5.27
N GLU A 52 1.27 -6.89 -5.68
CA GLU A 52 1.73 -6.39 -7.02
C GLU A 52 0.57 -6.31 -8.00
N ALA A 53 -0.21 -7.35 -8.12
CA ALA A 53 -1.36 -7.30 -9.06
C ALA A 53 -2.35 -6.24 -8.57
N LYS A 54 -2.70 -6.30 -7.31
CA LYS A 54 -3.65 -5.31 -6.75
C LYS A 54 -3.18 -3.88 -7.06
N ALA A 55 -1.93 -3.60 -6.87
CA ALA A 55 -1.42 -2.23 -7.15
C ALA A 55 -1.78 -1.85 -8.59
N ALA A 56 -1.56 -2.75 -9.51
CA ALA A 56 -1.90 -2.46 -10.93
C ALA A 56 -3.38 -2.07 -11.01
N LYS A 57 -4.24 -2.82 -10.38
CA LYS A 57 -5.69 -2.49 -10.41
C LYS A 57 -5.89 -1.02 -10.06
N ALA A 58 -5.36 -0.57 -8.95
CA ALA A 58 -5.53 0.86 -8.59
C ALA A 58 -4.98 1.73 -9.71
N LYS A 59 -3.95 1.26 -10.36
CA LYS A 59 -3.33 2.04 -11.45
C LYS A 59 -4.36 2.32 -12.54
N ASP A 60 -5.06 1.32 -12.97
CA ASP A 60 -6.08 1.53 -14.04
C ASP A 60 -7.23 2.39 -13.49
N ASP A 61 -7.73 2.06 -12.35
CA ASP A 61 -8.86 2.86 -11.76
C ASP A 61 -8.32 4.18 -11.24
N TYR A 62 -7.03 4.36 -11.25
CA TYR A 62 -6.43 5.61 -10.74
C TYR A 62 -6.15 6.59 -11.88
N ASP A 63 -5.67 6.11 -12.99
CA ASP A 63 -5.38 7.01 -14.13
C ASP A 63 -6.69 7.49 -14.71
N ARG A 64 -7.66 6.62 -14.74
CA ARG A 64 -8.98 6.99 -15.29
C ARG A 64 -9.77 7.84 -14.29
N ALA A 65 -9.68 7.53 -13.03
CA ALA A 65 -10.44 8.31 -12.01
C ALA A 65 -9.77 9.66 -11.74
N VAL A 66 -8.47 9.77 -11.88
CA VAL A 66 -7.84 11.08 -11.62
C VAL A 66 -8.37 12.09 -12.63
N LYS A 67 -8.47 11.70 -13.86
CA LYS A 67 -9.01 12.63 -14.89
C LYS A 67 -10.27 13.29 -14.33
N GLU A 68 -11.13 12.49 -13.74
CA GLU A 68 -12.38 13.04 -13.14
C GLU A 68 -12.00 13.93 -11.96
N PHE A 69 -11.02 13.51 -11.23
CA PHE A 69 -10.51 14.25 -10.05
C PHE A 69 -9.89 15.59 -10.46
N GLU A 70 -9.37 15.64 -11.65
CA GLU A 70 -8.71 16.88 -12.11
C GLU A 70 -9.76 17.72 -12.81
N ALA A 71 -10.78 17.08 -13.27
CA ALA A 71 -11.89 17.76 -13.97
C ALA A 71 -12.50 18.81 -13.04
N ASN A 72 -12.31 18.68 -11.76
CA ASN A 72 -12.88 19.67 -10.80
C ASN A 72 -11.75 20.51 -10.20
N GLY A 73 -10.62 19.91 -9.95
CA GLY A 73 -9.49 20.67 -9.37
C GLY A 73 -9.97 21.46 -8.15
N SER A 1 -15.73 3.91 0.11
CA SER A 1 -15.97 4.49 -1.23
C SER A 1 -15.36 5.90 -1.27
N ASP A 2 -15.96 6.79 -2.02
CA ASP A 2 -15.41 8.18 -2.11
C ASP A 2 -13.95 8.14 -2.56
N LYS A 3 -13.03 8.14 -1.62
CA LYS A 3 -11.58 8.11 -2.01
C LYS A 3 -11.24 6.71 -2.54
N PRO A 4 -10.38 6.68 -3.52
CA PRO A 4 -9.94 5.41 -4.15
C PRO A 4 -8.95 4.68 -3.26
N LYS A 5 -8.67 3.45 -3.61
CA LYS A 5 -7.70 2.65 -2.81
C LYS A 5 -6.28 3.16 -3.03
N ARG A 6 -5.91 4.20 -2.31
CA ARG A 6 -4.57 4.82 -2.42
C ARG A 6 -3.57 3.91 -3.17
N PRO A 7 -3.11 4.40 -4.30
CA PRO A 7 -2.15 3.71 -5.17
C PRO A 7 -0.73 3.84 -4.63
N LEU A 8 0.07 2.82 -4.76
CA LEU A 8 1.46 2.90 -4.23
C LEU A 8 2.21 1.58 -4.48
N SER A 9 3.41 1.53 -4.01
CA SER A 9 4.26 0.31 -4.20
C SER A 9 3.61 -0.91 -3.52
N ALA A 10 3.88 -2.08 -4.03
CA ALA A 10 3.30 -3.32 -3.44
C ALA A 10 3.83 -3.52 -2.02
N TYR A 11 5.13 -3.50 -1.85
CA TYR A 11 5.71 -3.69 -0.49
C TYR A 11 4.94 -2.79 0.48
N MET A 12 4.47 -1.67 0.01
CA MET A 12 3.71 -0.76 0.89
C MET A 12 2.35 -1.36 1.22
N LEU A 13 1.67 -1.91 0.24
CA LEU A 13 0.33 -2.51 0.55
C LEU A 13 0.48 -3.48 1.71
N TRP A 14 1.39 -4.40 1.59
CA TRP A 14 1.58 -5.37 2.69
C TRP A 14 1.93 -4.60 3.96
N LEU A 15 2.58 -3.48 3.81
CA LEU A 15 2.95 -2.66 5.00
C LEU A 15 1.69 -2.19 5.74
N ASN A 16 0.83 -1.45 5.09
CA ASN A 16 -0.40 -0.97 5.76
C ASN A 16 -1.32 -2.15 6.10
N SER A 17 -1.13 -3.28 5.46
CA SER A 17 -1.98 -4.45 5.75
C SER A 17 -1.44 -5.15 6.99
N ALA A 18 -0.24 -4.84 7.38
CA ALA A 18 0.37 -5.49 8.57
C ALA A 18 0.65 -4.42 9.63
N ARG A 19 0.32 -3.19 9.36
CA ARG A 19 0.57 -2.11 10.34
C ARG A 19 -0.24 -2.34 11.62
N GLU A 20 -1.14 -3.30 11.60
CA GLU A 20 -1.95 -3.55 12.82
C GLU A 20 -1.11 -4.35 13.82
N SER A 21 -0.88 -5.60 13.54
CA SER A 21 -0.06 -6.42 14.46
C SER A 21 1.33 -5.81 14.56
N ILE A 22 1.68 -4.94 13.66
CA ILE A 22 3.02 -4.30 13.70
C ILE A 22 2.99 -3.15 14.70
N LYS A 23 1.97 -2.33 14.66
CA LYS A 23 1.90 -1.18 15.60
C LYS A 23 1.72 -1.71 17.03
N ARG A 24 1.31 -2.94 17.16
CA ARG A 24 1.12 -3.52 18.52
C ARG A 24 2.46 -3.99 19.07
N GLU A 25 2.99 -5.06 18.56
CA GLU A 25 4.30 -5.57 19.06
C GLU A 25 5.29 -4.41 19.16
N ASN A 26 5.10 -3.38 18.37
CA ASN A 26 6.03 -2.22 18.43
C ASN A 26 5.43 -1.13 19.32
N PRO A 27 6.31 -0.37 19.92
CA PRO A 27 5.92 0.74 20.81
C PRO A 27 5.47 1.95 20.00
N GLY A 28 4.32 1.86 19.38
CA GLY A 28 3.85 3.01 18.55
C GLY A 28 5.03 3.50 17.71
N ILE A 29 5.91 2.60 17.39
CA ILE A 29 7.11 2.94 16.58
C ILE A 29 6.74 3.97 15.50
N LYS A 30 7.69 4.77 15.10
CA LYS A 30 7.42 5.79 14.06
C LYS A 30 7.19 5.10 12.71
N VAL A 31 6.52 5.75 11.80
CA VAL A 31 6.27 5.15 10.47
C VAL A 31 7.61 4.91 9.77
N THR A 32 8.60 5.71 10.06
CA THR A 32 9.94 5.52 9.41
C THR A 32 10.56 4.21 9.89
N GLU A 33 10.57 3.97 11.17
CA GLU A 33 11.16 2.70 11.68
C GLU A 33 10.19 1.55 11.44
N VAL A 34 8.96 1.84 11.15
CA VAL A 34 7.97 0.76 10.88
C VAL A 34 8.33 0.04 9.58
N ALA A 35 8.92 0.73 8.66
CA ALA A 35 9.30 0.09 7.37
C ALA A 35 10.63 -0.65 7.53
N LYS A 36 11.43 -0.24 8.48
CA LYS A 36 12.74 -0.92 8.69
C LYS A 36 12.48 -2.39 9.03
N ARG A 37 11.65 -2.65 9.99
CA ARG A 37 11.36 -4.06 10.37
C ARG A 37 10.28 -4.64 9.46
N GLY A 38 9.51 -3.79 8.84
CA GLY A 38 8.43 -4.30 7.94
C GLY A 38 9.06 -4.96 6.71
N GLY A 39 10.27 -4.60 6.39
CA GLY A 39 10.94 -5.21 5.20
C GLY A 39 11.40 -6.63 5.53
N GLU A 40 11.60 -6.93 6.79
CA GLU A 40 12.05 -8.30 7.15
C GLU A 40 10.94 -9.31 6.83
N LEU A 41 9.71 -8.96 7.06
CA LEU A 41 8.60 -9.89 6.77
C LEU A 41 8.17 -9.73 5.31
N TRP A 42 8.28 -8.56 4.77
CA TRP A 42 7.87 -8.34 3.34
C TRP A 42 8.67 -9.29 2.43
N ARG A 43 9.97 -9.23 2.50
CA ARG A 43 10.81 -10.11 1.63
C ARG A 43 10.60 -11.58 1.98
N ALA A 44 10.25 -11.87 3.21
CA ALA A 44 10.05 -13.29 3.60
C ALA A 44 8.56 -13.58 3.79
N MET A 45 7.71 -12.69 3.36
CA MET A 45 6.26 -12.91 3.52
C MET A 45 5.81 -14.04 2.59
N LYS A 46 5.17 -13.72 1.51
CA LYS A 46 4.70 -14.76 0.57
C LYS A 46 5.27 -14.46 -0.82
N ASP A 47 4.66 -13.53 -1.51
CA ASP A 47 5.14 -13.16 -2.87
C ASP A 47 4.80 -11.69 -3.13
N LYS A 48 5.63 -10.99 -3.84
CA LYS A 48 5.36 -9.56 -4.12
C LYS A 48 4.38 -9.44 -5.29
N SER A 49 4.18 -10.52 -6.02
CA SER A 49 3.24 -10.47 -7.17
C SER A 49 1.81 -10.34 -6.64
N GLU A 50 1.59 -10.67 -5.40
CA GLU A 50 0.22 -10.56 -4.83
C GLU A 50 -0.18 -9.09 -4.78
N TRP A 51 0.45 -8.34 -3.92
CA TRP A 51 0.13 -6.89 -3.83
C TRP A 51 0.39 -6.25 -5.17
N GLU A 52 1.57 -6.46 -5.70
CA GLU A 52 1.94 -5.85 -7.02
C GLU A 52 0.71 -5.75 -7.91
N ALA A 53 0.12 -6.85 -8.30
CA ALA A 53 -1.09 -6.77 -9.17
C ALA A 53 -2.14 -5.93 -8.46
N LYS A 54 -2.30 -6.13 -7.18
CA LYS A 54 -3.31 -5.35 -6.42
C LYS A 54 -3.10 -3.84 -6.63
N ALA A 55 -1.88 -3.41 -6.74
CA ALA A 55 -1.62 -1.96 -6.95
C ALA A 55 -2.23 -1.53 -8.28
N ALA A 56 -1.96 -2.26 -9.32
CA ALA A 56 -2.52 -1.91 -10.65
C ALA A 56 -4.04 -1.81 -10.55
N LYS A 57 -4.66 -2.82 -10.00
CA LYS A 57 -6.14 -2.80 -9.86
C LYS A 57 -6.55 -1.48 -9.19
N ALA A 58 -5.93 -1.12 -8.10
CA ALA A 58 -6.31 0.15 -7.43
C ALA A 58 -6.11 1.29 -8.42
N LYS A 59 -5.15 1.18 -9.29
CA LYS A 59 -4.90 2.25 -10.29
C LYS A 59 -6.17 2.45 -11.11
N ASP A 60 -6.64 1.41 -11.72
CA ASP A 60 -7.87 1.53 -12.56
C ASP A 60 -9.03 2.08 -11.70
N ASP A 61 -9.27 1.49 -10.58
CA ASP A 61 -10.37 1.97 -9.69
C ASP A 61 -10.00 3.33 -9.09
N TYR A 62 -8.78 3.73 -9.26
CA TYR A 62 -8.33 5.04 -8.71
C TYR A 62 -8.56 6.16 -9.72
N ASP A 63 -8.42 5.88 -10.98
CA ASP A 63 -8.64 6.95 -12.00
C ASP A 63 -10.14 7.21 -12.12
N ARG A 64 -10.90 6.15 -12.11
CA ARG A 64 -12.37 6.30 -12.24
C ARG A 64 -12.96 6.76 -10.89
N ALA A 65 -12.42 6.30 -9.81
CA ALA A 65 -12.96 6.67 -8.47
C ALA A 65 -12.53 8.09 -8.08
N VAL A 66 -11.48 8.62 -8.64
CA VAL A 66 -11.07 9.99 -8.25
C VAL A 66 -12.13 10.99 -8.72
N LYS A 67 -12.78 10.68 -9.81
CA LYS A 67 -13.84 11.61 -10.34
C LYS A 67 -15.03 11.60 -9.37
N GLU A 68 -15.57 10.43 -9.10
CA GLU A 68 -16.71 10.34 -8.14
C GLU A 68 -16.20 10.91 -6.81
N PHE A 69 -14.94 10.69 -6.60
CA PHE A 69 -14.23 11.17 -5.38
C PHE A 69 -14.08 12.69 -5.42
N GLU A 70 -13.97 13.23 -6.59
CA GLU A 70 -13.80 14.69 -6.72
C GLU A 70 -15.19 15.31 -6.74
N ALA A 71 -16.17 14.49 -6.95
CA ALA A 71 -17.57 14.93 -7.03
C ALA A 71 -18.19 14.99 -5.63
N ASN A 72 -17.68 14.23 -4.71
CA ASN A 72 -18.24 14.25 -3.33
C ASN A 72 -17.44 15.22 -2.46
N GLY A 73 -17.89 15.45 -1.25
CA GLY A 73 -17.16 16.40 -0.36
C GLY A 73 -17.77 17.79 -0.49
N SER A 1 -17.10 10.63 -3.26
CA SER A 1 -15.67 10.48 -3.61
C SER A 1 -15.27 11.53 -4.66
N ASP A 2 -14.09 11.43 -5.19
CA ASP A 2 -13.64 12.41 -6.21
C ASP A 2 -12.23 12.03 -6.67
N LYS A 3 -11.34 11.77 -5.74
CA LYS A 3 -9.96 11.39 -6.12
C LYS A 3 -9.83 9.85 -6.06
N PRO A 4 -9.19 9.29 -7.05
CA PRO A 4 -9.00 7.83 -7.14
C PRO A 4 -7.90 7.35 -6.20
N LYS A 5 -7.85 6.07 -5.96
CA LYS A 5 -6.81 5.51 -5.05
C LYS A 5 -5.48 5.46 -5.81
N ARG A 6 -4.61 6.41 -5.55
CA ARG A 6 -3.30 6.43 -6.25
C ARG A 6 -2.60 5.07 -6.10
N PRO A 7 -1.92 4.67 -7.15
CA PRO A 7 -1.17 3.40 -7.18
C PRO A 7 0.10 3.50 -6.32
N LEU A 8 0.47 2.43 -5.69
CA LEU A 8 1.69 2.45 -4.83
C LEU A 8 2.43 1.12 -4.94
N SER A 9 3.65 1.08 -4.48
CA SER A 9 4.46 -0.17 -4.56
C SER A 9 3.75 -1.33 -3.86
N ALA A 10 3.93 -2.52 -4.36
CA ALA A 10 3.28 -3.71 -3.71
C ALA A 10 3.69 -3.78 -2.24
N TYR A 11 4.92 -3.46 -1.95
CA TYR A 11 5.39 -3.51 -0.55
C TYR A 11 4.50 -2.61 0.32
N MET A 12 4.02 -1.54 -0.24
CA MET A 12 3.15 -0.62 0.55
C MET A 12 1.79 -1.28 0.79
N LEU A 13 1.19 -1.85 -0.23
CA LEU A 13 -0.14 -2.50 0.01
C LEU A 13 -0.02 -3.41 1.23
N TRP A 14 1.06 -4.13 1.32
CA TRP A 14 1.25 -5.03 2.49
C TRP A 14 1.35 -4.19 3.77
N LEU A 15 2.15 -3.15 3.76
CA LEU A 15 2.29 -2.29 4.96
C LEU A 15 0.91 -1.81 5.43
N ASN A 16 -0.01 -1.62 4.52
CA ASN A 16 -1.36 -1.16 4.92
C ASN A 16 -2.08 -2.23 5.73
N SER A 17 -2.07 -3.45 5.28
CA SER A 17 -2.74 -4.54 6.03
C SER A 17 -1.83 -5.01 7.17
N ALA A 18 -0.73 -4.35 7.37
CA ALA A 18 0.20 -4.77 8.46
C ALA A 18 0.37 -3.61 9.45
N ARG A 19 -0.06 -2.44 9.09
CA ARG A 19 0.08 -1.28 10.00
C ARG A 19 -0.66 -1.54 11.31
N GLU A 20 -1.51 -2.52 11.35
CA GLU A 20 -2.25 -2.81 12.61
C GLU A 20 -1.36 -3.66 13.51
N SER A 21 -1.03 -4.84 13.09
CA SER A 21 -0.15 -5.70 13.93
C SER A 21 1.24 -5.07 14.00
N ILE A 22 1.48 -4.05 13.22
CA ILE A 22 2.80 -3.38 13.26
C ILE A 22 2.76 -2.27 14.29
N LYS A 23 1.73 -1.47 14.27
CA LYS A 23 1.63 -0.36 15.23
C LYS A 23 1.29 -0.89 16.62
N ARG A 24 0.77 -2.10 16.70
CA ARG A 24 0.41 -2.67 18.02
C ARG A 24 1.56 -3.54 18.54
N GLU A 25 1.84 -4.63 17.87
CA GLU A 25 2.93 -5.52 18.33
C GLU A 25 4.18 -4.70 18.65
N ASN A 26 4.35 -3.58 18.00
CA ASN A 26 5.55 -2.73 18.27
C ASN A 26 5.27 -1.79 19.44
N PRO A 27 6.29 -1.51 20.21
CA PRO A 27 6.22 -0.64 21.37
C PRO A 27 6.20 0.83 20.93
N GLY A 28 5.12 1.29 20.37
CA GLY A 28 5.07 2.71 19.92
C GLY A 28 6.37 3.01 19.18
N ILE A 29 6.96 2.00 18.60
CA ILE A 29 8.23 2.17 17.86
C ILE A 29 8.25 3.50 17.12
N LYS A 30 9.42 4.04 16.89
CA LYS A 30 9.51 5.35 16.16
C LYS A 30 9.10 5.16 14.70
N VAL A 31 8.67 6.21 14.05
CA VAL A 31 8.26 6.08 12.64
C VAL A 31 9.52 5.85 11.77
N THR A 32 10.66 6.21 12.27
CA THR A 32 11.91 6.01 11.48
C THR A 32 12.33 4.55 11.56
N GLU A 33 11.71 3.78 12.42
CA GLU A 33 12.06 2.34 12.53
C GLU A 33 10.86 1.48 12.17
N VAL A 34 9.71 2.07 12.04
CA VAL A 34 8.50 1.28 11.69
C VAL A 34 8.68 0.66 10.30
N ALA A 35 9.29 1.39 9.41
CA ALA A 35 9.50 0.85 8.03
C ALA A 35 10.55 -0.26 8.08
N LYS A 36 11.47 -0.18 8.99
CA LYS A 36 12.52 -1.23 9.10
C LYS A 36 11.87 -2.56 9.50
N ARG A 37 11.05 -2.54 10.51
CA ARG A 37 10.38 -3.78 10.96
C ARG A 37 9.35 -4.21 9.91
N GLY A 38 8.96 -3.32 9.05
CA GLY A 38 7.97 -3.68 8.00
C GLY A 38 8.70 -4.27 6.78
N GLY A 39 9.99 -4.11 6.72
CA GLY A 39 10.75 -4.67 5.57
C GLY A 39 11.23 -6.08 5.90
N GLU A 40 11.34 -6.39 7.16
CA GLU A 40 11.81 -7.75 7.55
C GLU A 40 10.77 -8.79 7.12
N LEU A 41 9.52 -8.53 7.38
CA LEU A 41 8.47 -9.50 6.99
C LEU A 41 8.26 -9.43 5.47
N TRP A 42 8.30 -8.26 4.91
CA TRP A 42 8.10 -8.11 3.45
C TRP A 42 9.28 -8.76 2.71
N ARG A 43 10.35 -9.02 3.39
CA ARG A 43 11.53 -9.64 2.72
C ARG A 43 11.14 -11.04 2.22
N ALA A 44 10.77 -11.92 3.11
CA ALA A 44 10.36 -13.28 2.67
C ALA A 44 9.19 -13.17 1.69
N MET A 45 8.42 -12.11 1.82
CA MET A 45 7.25 -11.91 0.92
C MET A 45 7.49 -12.47 -0.48
N LYS A 46 8.71 -12.42 -0.97
CA LYS A 46 9.07 -12.96 -2.31
C LYS A 46 7.87 -13.04 -3.27
N ASP A 47 7.02 -14.01 -3.14
CA ASP A 47 5.85 -14.11 -4.05
C ASP A 47 4.78 -13.11 -3.61
N LYS A 48 4.91 -11.87 -4.01
CA LYS A 48 3.90 -10.84 -3.64
C LYS A 48 2.79 -10.81 -4.67
N SER A 49 2.68 -11.84 -5.47
CA SER A 49 1.61 -11.87 -6.52
C SER A 49 0.30 -11.38 -5.90
N GLU A 50 0.15 -11.52 -4.62
CA GLU A 50 -1.10 -11.05 -3.96
C GLU A 50 -1.29 -9.56 -4.22
N TRP A 51 -0.38 -8.77 -3.72
CA TRP A 51 -0.47 -7.31 -3.91
C TRP A 51 -0.22 -6.97 -5.36
N GLU A 52 1.00 -7.14 -5.82
CA GLU A 52 1.35 -6.81 -7.24
C GLU A 52 0.12 -6.94 -8.15
N ALA A 53 -0.65 -7.97 -7.99
CA ALA A 53 -1.86 -8.11 -8.85
C ALA A 53 -2.87 -7.03 -8.44
N LYS A 54 -3.19 -6.97 -7.18
CA LYS A 54 -4.15 -5.95 -6.70
C LYS A 54 -3.71 -4.53 -7.12
N ALA A 55 -2.44 -4.25 -7.07
CA ALA A 55 -1.97 -2.89 -7.45
C ALA A 55 -2.30 -2.66 -8.94
N ALA A 56 -2.23 -3.70 -9.73
CA ALA A 56 -2.54 -3.55 -11.18
C ALA A 56 -3.99 -3.07 -11.33
N LYS A 57 -4.91 -3.68 -10.63
CA LYS A 57 -6.32 -3.26 -10.74
C LYS A 57 -6.43 -1.75 -10.49
N ALA A 58 -5.90 -1.28 -9.40
CA ALA A 58 -5.97 0.19 -9.14
C ALA A 58 -5.28 0.92 -10.29
N LYS A 59 -4.30 0.30 -10.87
CA LYS A 59 -3.56 0.93 -11.99
C LYS A 59 -4.52 1.24 -13.13
N ASP A 60 -5.33 0.29 -13.50
CA ASP A 60 -6.28 0.52 -14.62
C ASP A 60 -7.35 1.53 -14.18
N ASP A 61 -7.95 1.29 -13.05
CA ASP A 61 -9.01 2.24 -12.57
C ASP A 61 -8.36 3.56 -12.15
N TYR A 62 -7.07 3.60 -12.10
CA TYR A 62 -6.36 4.84 -11.67
C TYR A 62 -5.99 5.71 -12.88
N ASP A 63 -5.42 5.12 -13.89
CA ASP A 63 -5.06 5.92 -15.08
C ASP A 63 -6.32 6.31 -15.82
N ARG A 64 -7.32 5.48 -15.73
CA ARG A 64 -8.59 5.78 -16.43
C ARG A 64 -9.49 6.67 -15.56
N ALA A 65 -9.53 6.43 -14.28
CA ALA A 65 -10.39 7.26 -13.39
C ALA A 65 -9.78 8.63 -13.18
N VAL A 66 -8.54 8.71 -12.78
CA VAL A 66 -7.91 10.03 -12.57
C VAL A 66 -8.27 10.95 -13.74
N LYS A 67 -8.25 10.43 -14.93
CA LYS A 67 -8.62 11.27 -16.11
C LYS A 67 -9.94 11.99 -15.80
N GLU A 68 -10.94 11.24 -15.42
CA GLU A 68 -12.25 11.85 -15.08
C GLU A 68 -12.03 12.85 -13.94
N PHE A 69 -11.19 12.48 -13.03
CA PHE A 69 -10.83 13.33 -11.86
C PHE A 69 -10.08 14.58 -12.30
N GLU A 70 -9.41 14.49 -13.41
CA GLU A 70 -8.61 15.64 -13.89
C GLU A 70 -9.45 16.43 -14.89
N ALA A 71 -10.56 15.87 -15.28
CA ALA A 71 -11.46 16.53 -16.23
C ALA A 71 -12.30 17.58 -15.52
N ASN A 72 -12.51 17.43 -14.24
CA ASN A 72 -13.32 18.43 -13.49
C ASN A 72 -12.56 18.89 -12.25
N GLY A 73 -11.44 19.54 -12.44
CA GLY A 73 -10.65 20.01 -11.26
C GLY A 73 -9.25 20.43 -11.72
N SER A 1 -17.35 7.50 -10.80
CA SER A 1 -16.15 8.16 -10.20
C SER A 1 -15.44 8.99 -11.27
N ASP A 2 -14.88 10.11 -10.89
CA ASP A 2 -14.17 10.97 -11.89
C ASP A 2 -12.68 10.70 -11.82
N LYS A 3 -12.07 10.91 -10.70
CA LYS A 3 -10.61 10.66 -10.56
C LYS A 3 -10.36 9.16 -10.51
N PRO A 4 -9.19 8.76 -10.94
CA PRO A 4 -8.79 7.35 -10.98
C PRO A 4 -8.44 6.82 -9.59
N LYS A 5 -8.37 5.52 -9.46
CA LYS A 5 -8.05 4.92 -8.14
C LYS A 5 -6.55 5.00 -7.88
N ARG A 6 -6.11 6.13 -7.36
CA ARG A 6 -4.66 6.36 -7.06
C ARG A 6 -3.91 5.02 -6.87
N PRO A 7 -2.96 4.80 -7.76
CA PRO A 7 -2.12 3.59 -7.79
C PRO A 7 -0.98 3.71 -6.77
N LEU A 8 -0.54 2.61 -6.22
CA LEU A 8 0.57 2.66 -5.22
C LEU A 8 1.36 1.35 -5.26
N SER A 9 2.66 1.45 -5.10
CA SER A 9 3.56 0.25 -5.15
C SER A 9 2.95 -0.94 -4.38
N ALA A 10 3.29 -2.13 -4.79
CA ALA A 10 2.77 -3.35 -4.10
C ALA A 10 3.29 -3.36 -2.67
N TYR A 11 4.55 -3.09 -2.48
CA TYR A 11 5.11 -3.07 -1.12
C TYR A 11 4.25 -2.14 -0.27
N MET A 12 3.60 -1.20 -0.90
CA MET A 12 2.74 -0.25 -0.16
C MET A 12 1.41 -0.93 0.19
N LEU A 13 0.88 -1.74 -0.69
CA LEU A 13 -0.40 -2.42 -0.35
C LEU A 13 -0.20 -3.22 0.94
N TRP A 14 0.78 -4.08 0.95
CA TRP A 14 1.05 -4.89 2.17
C TRP A 14 1.33 -3.95 3.34
N LEU A 15 2.00 -2.87 3.09
CA LEU A 15 2.30 -1.89 4.18
C LEU A 15 0.98 -1.43 4.81
N ASN A 16 -0.02 -1.25 4.00
CA ASN A 16 -1.33 -0.80 4.53
C ASN A 16 -2.05 -1.97 5.21
N SER A 17 -1.65 -3.17 4.89
CA SER A 17 -2.31 -4.36 5.50
C SER A 17 -1.55 -4.77 6.78
N ALA A 18 -0.43 -4.14 7.04
CA ALA A 18 0.34 -4.50 8.26
C ALA A 18 0.56 -3.26 9.12
N ARG A 19 0.01 -2.15 8.73
CA ARG A 19 0.20 -0.90 9.53
C ARG A 19 -0.34 -1.11 10.94
N GLU A 20 -1.63 -1.34 11.07
CA GLU A 20 -2.21 -1.54 12.43
C GLU A 20 -1.54 -2.73 13.12
N SER A 21 -1.39 -3.81 12.41
CA SER A 21 -0.75 -5.01 13.03
C SER A 21 0.74 -4.76 13.24
N ILE A 22 1.27 -3.71 12.68
CA ILE A 22 2.71 -3.40 12.87
C ILE A 22 2.88 -2.61 14.16
N LYS A 23 2.04 -1.64 14.38
CA LYS A 23 2.15 -0.82 15.61
C LYS A 23 1.84 -1.68 16.83
N ARG A 24 1.19 -2.79 16.64
CA ARG A 24 0.86 -3.67 17.79
C ARG A 24 1.86 -4.83 17.89
N GLU A 25 2.39 -5.26 16.78
CA GLU A 25 3.36 -6.38 16.80
C GLU A 25 4.78 -5.83 16.96
N ASN A 26 4.93 -4.70 17.59
CA ASN A 26 6.29 -4.11 17.77
C ASN A 26 6.46 -3.61 19.21
N PRO A 27 7.69 -3.59 19.64
CA PRO A 27 8.06 -3.13 20.97
C PRO A 27 8.03 -1.60 21.06
N GLY A 28 6.87 -1.01 21.01
CA GLY A 28 6.80 0.47 21.06
C GLY A 28 7.83 1.03 20.09
N ILE A 29 8.15 0.27 19.08
CA ILE A 29 9.16 0.71 18.08
C ILE A 29 9.00 2.19 17.77
N LYS A 30 10.05 2.84 17.37
CA LYS A 30 9.95 4.29 17.05
C LYS A 30 9.04 4.50 15.84
N VAL A 31 8.23 5.51 15.86
CA VAL A 31 7.32 5.77 14.72
C VAL A 31 8.13 5.80 13.43
N THR A 32 9.40 6.12 13.51
CA THR A 32 10.25 6.16 12.27
C THR A 32 10.74 4.76 11.94
N GLU A 33 11.10 3.99 12.92
CA GLU A 33 11.60 2.61 12.66
C GLU A 33 10.43 1.71 12.27
N VAL A 34 9.22 2.20 12.40
CA VAL A 34 8.04 1.37 12.05
C VAL A 34 7.95 1.20 10.53
N ALA A 35 8.46 2.14 9.78
CA ALA A 35 8.41 2.03 8.30
C ALA A 35 9.68 1.34 7.79
N LYS A 36 10.80 1.63 8.40
CA LYS A 36 12.07 0.99 7.95
C LYS A 36 12.00 -0.52 8.18
N ARG A 37 11.28 -0.93 9.19
CA ARG A 37 11.18 -2.39 9.47
C ARG A 37 10.16 -3.02 8.51
N GLY A 38 9.29 -2.23 7.94
CA GLY A 38 8.27 -2.78 7.01
C GLY A 38 8.97 -3.47 5.83
N GLY A 39 10.24 -3.21 5.65
CA GLY A 39 10.97 -3.85 4.52
C GLY A 39 11.45 -5.24 4.93
N GLU A 40 11.81 -5.42 6.17
CA GLU A 40 12.29 -6.74 6.63
C GLU A 40 11.17 -7.78 6.51
N LEU A 41 9.96 -7.39 6.82
CA LEU A 41 8.83 -8.34 6.72
C LEU A 41 8.39 -8.50 5.26
N TRP A 42 8.36 -7.43 4.53
CA TRP A 42 7.94 -7.51 3.10
C TRP A 42 8.88 -8.44 2.34
N ARG A 43 10.05 -8.70 2.86
CA ARG A 43 11.00 -9.59 2.15
C ARG A 43 10.72 -11.05 2.50
N ALA A 44 10.41 -11.33 3.73
CA ALA A 44 10.13 -12.74 4.14
C ALA A 44 8.65 -12.89 4.51
N MET A 45 7.85 -11.97 4.07
CA MET A 45 6.41 -12.04 4.40
C MET A 45 5.80 -13.30 3.77
N LYS A 46 5.00 -13.16 2.76
CA LYS A 46 4.39 -14.34 2.12
C LYS A 46 4.74 -14.37 0.63
N ASP A 47 3.93 -13.77 -0.19
CA ASP A 47 4.22 -13.75 -1.65
C ASP A 47 3.89 -12.37 -2.22
N LYS A 48 4.65 -11.92 -3.17
CA LYS A 48 4.38 -10.56 -3.75
C LYS A 48 3.26 -10.67 -4.79
N SER A 49 3.10 -11.81 -5.41
CA SER A 49 2.03 -11.97 -6.42
C SER A 49 0.69 -11.51 -5.83
N GLU A 50 0.57 -11.57 -4.53
CA GLU A 50 -0.68 -11.13 -3.88
C GLU A 50 -0.90 -9.64 -4.15
N TRP A 51 -0.03 -8.81 -3.64
CA TRP A 51 -0.18 -7.35 -3.86
C TRP A 51 0.23 -7.03 -5.29
N GLU A 52 1.45 -7.28 -5.63
CA GLU A 52 1.92 -6.96 -7.02
C GLU A 52 0.79 -7.15 -8.03
N ALA A 53 0.14 -8.28 -8.03
CA ALA A 53 -0.97 -8.48 -8.99
C ALA A 53 -2.10 -7.50 -8.64
N LYS A 54 -2.42 -7.40 -7.39
CA LYS A 54 -3.50 -6.47 -6.95
C LYS A 54 -3.24 -5.04 -7.45
N ALA A 55 -2.02 -4.60 -7.44
CA ALA A 55 -1.72 -3.23 -7.91
C ALA A 55 -2.06 -3.13 -9.40
N ALA A 56 -1.67 -4.12 -10.16
CA ALA A 56 -1.97 -4.12 -11.62
C ALA A 56 -3.43 -3.66 -11.83
N LYS A 57 -4.32 -4.19 -11.04
CA LYS A 57 -5.75 -3.80 -11.19
C LYS A 57 -5.87 -2.27 -11.23
N ALA A 58 -5.51 -1.59 -10.16
CA ALA A 58 -5.61 -0.11 -10.18
C ALA A 58 -4.93 0.41 -11.44
N LYS A 59 -3.97 -0.30 -11.93
CA LYS A 59 -3.26 0.13 -13.16
C LYS A 59 -4.26 0.23 -14.31
N ASP A 60 -4.89 -0.86 -14.62
CA ASP A 60 -5.87 -0.86 -15.75
C ASP A 60 -6.98 0.16 -15.47
N ASP A 61 -7.53 0.18 -14.29
CA ASP A 61 -8.61 1.15 -13.98
C ASP A 61 -8.03 2.56 -13.86
N TYR A 62 -6.72 2.67 -13.80
CA TYR A 62 -6.10 4.01 -13.66
C TYR A 62 -5.80 4.62 -15.03
N ASP A 63 -5.44 3.81 -16.00
CA ASP A 63 -5.15 4.35 -17.34
C ASP A 63 -6.46 4.63 -18.04
N ARG A 64 -7.39 3.74 -17.87
CA ARG A 64 -8.72 3.90 -18.52
C ARG A 64 -9.54 4.96 -17.77
N ALA A 65 -9.42 5.00 -16.47
CA ALA A 65 -10.21 5.99 -15.68
C ALA A 65 -9.61 7.39 -15.82
N VAL A 66 -8.34 7.50 -16.10
CA VAL A 66 -7.76 8.85 -16.25
C VAL A 66 -8.29 9.47 -17.54
N LYS A 67 -8.53 8.66 -18.53
CA LYS A 67 -9.05 9.15 -19.83
C LYS A 67 -10.46 9.72 -19.61
N GLU A 68 -11.35 8.92 -19.10
CA GLU A 68 -12.73 9.40 -18.82
C GLU A 68 -12.61 10.56 -17.83
N PHE A 69 -11.63 10.45 -17.00
CA PHE A 69 -11.31 11.46 -15.96
C PHE A 69 -10.76 12.73 -16.60
N GLU A 70 -10.12 12.58 -17.71
CA GLU A 70 -9.53 13.77 -18.38
C GLU A 70 -10.60 14.42 -19.23
N ALA A 71 -11.57 13.63 -19.57
CA ALA A 71 -12.70 14.11 -20.40
C ALA A 71 -13.53 15.12 -19.61
N ASN A 72 -13.31 15.21 -18.33
CA ASN A 72 -14.08 16.19 -17.51
C ASN A 72 -13.11 16.97 -16.62
N GLY A 73 -12.10 17.56 -17.19
CA GLY A 73 -11.13 18.33 -16.37
C GLY A 73 -9.89 17.46 -16.08
N SER A 1 -17.78 7.09 -6.39
CA SER A 1 -16.83 8.12 -5.90
C SER A 1 -16.22 8.87 -7.08
N ASP A 2 -15.25 9.71 -6.84
CA ASP A 2 -14.62 10.46 -7.95
C ASP A 2 -13.13 10.11 -8.03
N LYS A 3 -12.33 10.70 -7.18
CA LYS A 3 -10.87 10.39 -7.22
C LYS A 3 -10.65 8.88 -7.23
N PRO A 4 -9.91 8.42 -8.21
CA PRO A 4 -9.61 6.98 -8.36
C PRO A 4 -8.50 6.55 -7.42
N LYS A 5 -8.33 5.27 -7.25
CA LYS A 5 -7.26 4.77 -6.35
C LYS A 5 -5.90 4.88 -7.06
N ARG A 6 -5.14 5.87 -6.74
CA ARG A 6 -3.81 6.04 -7.40
C ARG A 6 -3.02 4.73 -7.33
N PRO A 7 -2.28 4.46 -8.38
CA PRO A 7 -1.44 3.25 -8.47
C PRO A 7 -0.19 3.40 -7.59
N LEU A 8 0.22 2.34 -6.96
CA LEU A 8 1.43 2.43 -6.08
C LEU A 8 2.20 1.12 -6.12
N SER A 9 3.14 1.00 -5.25
CA SER A 9 4.00 -0.22 -5.19
C SER A 9 3.33 -1.34 -4.39
N ALA A 10 3.59 -2.57 -4.77
CA ALA A 10 3.00 -3.72 -4.04
C ALA A 10 3.49 -3.69 -2.60
N TYR A 11 4.71 -3.28 -2.40
CA TYR A 11 5.28 -3.19 -1.03
C TYR A 11 4.38 -2.29 -0.19
N MET A 12 3.74 -1.33 -0.80
CA MET A 12 2.86 -0.42 -0.04
C MET A 12 1.57 -1.16 0.32
N LEU A 13 0.97 -1.85 -0.61
CA LEU A 13 -0.29 -2.59 -0.27
C LEU A 13 -0.07 -3.38 1.02
N TRP A 14 1.04 -4.05 1.12
CA TRP A 14 1.32 -4.85 2.34
C TRP A 14 1.46 -3.90 3.54
N LEU A 15 2.14 -2.80 3.36
CA LEU A 15 2.32 -1.84 4.48
C LEU A 15 0.95 -1.33 4.95
N ASN A 16 -0.03 -1.37 4.08
CA ASN A 16 -1.38 -0.89 4.47
C ASN A 16 -2.12 -1.98 5.23
N SER A 17 -1.96 -3.21 4.84
CA SER A 17 -2.66 -4.31 5.55
C SER A 17 -1.79 -4.82 6.69
N ALA A 18 -0.69 -4.15 6.95
CA ALA A 18 0.21 -4.61 8.05
C ALA A 18 0.43 -3.45 9.03
N ARG A 19 0.05 -2.26 8.67
CA ARG A 19 0.26 -1.11 9.59
C ARG A 19 -0.54 -1.33 10.88
N GLU A 20 -1.57 -2.12 10.83
CA GLU A 20 -2.36 -2.36 12.07
C GLU A 20 -1.66 -3.41 12.93
N SER A 21 -1.41 -4.56 12.38
CA SER A 21 -0.71 -5.62 13.16
C SER A 21 0.75 -5.22 13.37
N ILE A 22 1.18 -4.17 12.73
CA ILE A 22 2.59 -3.72 12.91
C ILE A 22 2.65 -2.75 14.08
N LYS A 23 1.73 -1.84 14.15
CA LYS A 23 1.74 -0.86 15.25
C LYS A 23 1.35 -1.53 16.58
N ARG A 24 0.88 -2.75 16.54
CA ARG A 24 0.47 -3.43 17.80
C ARG A 24 1.48 -4.53 18.16
N GLU A 25 1.99 -5.23 17.18
CA GLU A 25 2.97 -6.31 17.49
C GLU A 25 4.36 -5.72 17.72
N ASN A 26 4.47 -4.43 17.78
CA ASN A 26 5.80 -3.80 18.02
C ASN A 26 5.80 -3.10 19.38
N PRO A 27 6.96 -3.05 19.98
CA PRO A 27 7.16 -2.41 21.28
C PRO A 27 7.22 -0.89 21.13
N GLY A 28 6.11 -0.27 20.82
CA GLY A 28 6.13 1.21 20.64
C GLY A 28 7.34 1.57 19.78
N ILE A 29 7.75 0.65 18.94
CA ILE A 29 8.92 0.88 18.06
C ILE A 29 8.92 2.33 17.56
N LYS A 30 10.07 2.89 17.35
CA LYS A 30 10.14 4.30 16.85
C LYS A 30 9.30 4.44 15.59
N VAL A 31 8.88 5.64 15.28
CA VAL A 31 8.05 5.85 14.06
C VAL A 31 8.94 5.68 12.82
N THR A 32 10.21 5.92 12.96
CA THR A 32 11.13 5.78 11.79
C THR A 32 11.60 4.32 11.69
N GLU A 33 11.67 3.64 12.80
CA GLU A 33 12.11 2.22 12.77
C GLU A 33 10.96 1.33 12.34
N VAL A 34 9.76 1.86 12.32
CA VAL A 34 8.59 1.04 11.91
C VAL A 34 8.64 0.81 10.41
N ALA A 35 8.75 1.87 9.64
CA ALA A 35 8.80 1.73 8.16
C ALA A 35 10.01 0.88 7.78
N LYS A 36 11.10 1.02 8.50
CA LYS A 36 12.30 0.22 8.17
C LYS A 36 11.98 -1.27 8.33
N ARG A 37 11.31 -1.62 9.39
CA ARG A 37 10.95 -3.05 9.60
C ARG A 37 9.94 -3.48 8.54
N GLY A 38 9.20 -2.55 7.98
CA GLY A 38 8.22 -2.90 6.93
C GLY A 38 8.95 -3.39 5.68
N GLY A 39 10.11 -2.84 5.42
CA GLY A 39 10.87 -3.28 4.21
C GLY A 39 11.38 -4.72 4.42
N GLU A 40 11.71 -5.07 5.63
CA GLU A 40 12.21 -6.45 5.90
C GLU A 40 11.04 -7.43 5.85
N LEU A 41 10.08 -7.27 6.73
CA LEU A 41 8.92 -8.20 6.74
C LEU A 41 8.32 -8.30 5.32
N TRP A 42 8.22 -7.20 4.64
CA TRP A 42 7.65 -7.22 3.27
C TRP A 42 8.31 -8.33 2.44
N ARG A 43 9.58 -8.24 2.21
CA ARG A 43 10.28 -9.28 1.40
C ARG A 43 10.11 -10.66 2.05
N ALA A 44 10.39 -10.78 3.31
CA ALA A 44 10.27 -12.10 3.99
C ALA A 44 8.82 -12.35 4.42
N MET A 45 7.90 -11.58 3.91
CA MET A 45 6.47 -11.78 4.30
C MET A 45 5.99 -13.11 3.71
N LYS A 46 5.19 -13.06 2.68
CA LYS A 46 4.67 -14.30 2.08
C LYS A 46 5.04 -14.34 0.59
N ASP A 47 4.25 -13.71 -0.24
CA ASP A 47 4.54 -13.69 -1.69
C ASP A 47 4.33 -12.27 -2.22
N LYS A 48 5.08 -11.87 -3.21
CA LYS A 48 4.90 -10.49 -3.75
C LYS A 48 3.83 -10.50 -4.83
N SER A 49 3.61 -11.62 -5.46
CA SER A 49 2.56 -11.68 -6.52
C SER A 49 1.20 -11.38 -5.90
N GLU A 50 1.10 -11.47 -4.59
CA GLU A 50 -0.18 -11.18 -3.92
C GLU A 50 -0.53 -9.71 -4.14
N TRP A 51 0.21 -8.85 -3.51
CA TRP A 51 -0.04 -7.39 -3.66
C TRP A 51 0.27 -6.97 -5.09
N GLU A 52 1.48 -7.20 -5.53
CA GLU A 52 1.87 -6.81 -6.92
C GLU A 52 0.68 -7.00 -7.88
N ALA A 53 0.01 -8.11 -7.79
CA ALA A 53 -1.17 -8.33 -8.70
C ALA A 53 -2.26 -7.31 -8.34
N LYS A 54 -2.55 -7.18 -7.08
CA LYS A 54 -3.61 -6.21 -6.66
C LYS A 54 -3.28 -4.82 -7.22
N ALA A 55 -2.03 -4.46 -7.24
CA ALA A 55 -1.65 -3.12 -7.76
C ALA A 55 -2.13 -3.00 -9.21
N ALA A 56 -1.91 -4.03 -9.99
CA ALA A 56 -2.35 -3.99 -11.41
C ALA A 56 -3.83 -3.60 -11.47
N LYS A 57 -4.64 -4.21 -10.66
CA LYS A 57 -6.09 -3.89 -10.66
C LYS A 57 -6.28 -2.37 -10.58
N ALA A 58 -5.69 -1.73 -9.59
CA ALA A 58 -5.85 -0.25 -9.50
C ALA A 58 -5.35 0.38 -10.79
N LYS A 59 -4.39 -0.22 -11.42
CA LYS A 59 -3.85 0.34 -12.67
C LYS A 59 -4.95 0.45 -13.72
N ASP A 60 -5.68 -0.61 -13.91
CA ASP A 60 -6.77 -0.56 -14.92
C ASP A 60 -7.89 0.37 -14.45
N ASP A 61 -8.27 0.26 -13.21
CA ASP A 61 -9.35 1.13 -12.67
C ASP A 61 -8.82 2.55 -12.44
N TYR A 62 -7.53 2.72 -12.60
CA TYR A 62 -6.92 4.06 -12.37
C TYR A 62 -6.73 4.82 -13.68
N ASP A 63 -6.24 4.16 -14.70
CA ASP A 63 -6.04 4.86 -16.00
C ASP A 63 -7.39 5.14 -16.63
N ARG A 64 -8.32 4.25 -16.41
CA ARG A 64 -9.66 4.42 -17.00
C ARG A 64 -10.53 5.33 -16.13
N ALA A 65 -10.40 5.23 -14.83
CA ALA A 65 -11.25 6.05 -13.92
C ALA A 65 -10.68 7.46 -13.76
N VAL A 66 -9.41 7.66 -13.92
CA VAL A 66 -8.87 9.04 -13.77
C VAL A 66 -9.46 9.92 -14.86
N LYS A 67 -9.66 9.37 -16.01
CA LYS A 67 -10.25 10.18 -17.13
C LYS A 67 -11.60 10.73 -16.66
N GLU A 68 -12.46 9.87 -16.20
CA GLU A 68 -13.79 10.33 -15.69
C GLU A 68 -13.54 11.33 -14.56
N PHE A 69 -12.51 11.05 -13.81
CA PHE A 69 -12.09 11.89 -12.66
C PHE A 69 -11.55 13.23 -13.15
N GLU A 70 -11.02 13.26 -14.32
CA GLU A 70 -10.43 14.52 -14.84
C GLU A 70 -11.47 15.22 -15.70
N ALA A 71 -12.51 14.52 -16.02
CA ALA A 71 -13.59 15.08 -16.86
C ALA A 71 -14.51 15.97 -16.01
N ASN A 72 -14.53 15.75 -14.72
CA ASN A 72 -15.40 16.59 -13.84
C ASN A 72 -14.54 17.32 -12.82
N GLY A 73 -13.76 18.28 -13.25
CA GLY A 73 -12.90 19.04 -12.30
C GLY A 73 -13.72 19.39 -11.05
N SER A 1 -14.95 11.69 -4.78
CA SER A 1 -13.54 12.20 -4.71
C SER A 1 -13.05 12.51 -6.12
N ASP A 2 -12.37 13.61 -6.29
CA ASP A 2 -11.86 13.98 -7.64
C ASP A 2 -10.58 13.21 -7.93
N LYS A 3 -9.52 13.51 -7.23
CA LYS A 3 -8.24 12.79 -7.46
C LYS A 3 -8.42 11.29 -7.18
N PRO A 4 -8.09 10.48 -8.15
CA PRO A 4 -8.20 9.02 -8.03
C PRO A 4 -7.09 8.42 -7.19
N LYS A 5 -7.26 7.21 -6.77
CA LYS A 5 -6.21 6.55 -5.94
C LYS A 5 -4.97 6.29 -6.82
N ARG A 6 -3.89 6.95 -6.52
CA ARG A 6 -2.67 6.76 -7.35
C ARG A 6 -2.11 5.34 -7.17
N PRO A 7 -1.48 4.84 -8.20
CA PRO A 7 -0.88 3.51 -8.21
C PRO A 7 0.41 3.50 -7.37
N LEU A 8 0.81 2.35 -6.92
CA LEU A 8 2.05 2.27 -6.09
C LEU A 8 2.68 0.89 -6.23
N SER A 9 3.59 0.61 -5.37
CA SER A 9 4.30 -0.69 -5.41
C SER A 9 3.59 -1.73 -4.53
N ALA A 10 3.76 -2.98 -4.86
CA ALA A 10 3.12 -4.06 -4.07
C ALA A 10 3.65 -4.00 -2.63
N TYR A 11 4.89 -3.62 -2.47
CA TYR A 11 5.47 -3.53 -1.12
C TYR A 11 4.66 -2.51 -0.31
N MET A 12 4.11 -1.53 -0.96
CA MET A 12 3.29 -0.52 -0.25
C MET A 12 1.98 -1.15 0.20
N LEU A 13 1.31 -1.85 -0.68
CA LEU A 13 0.02 -2.49 -0.26
C LEU A 13 0.25 -3.26 1.04
N TRP A 14 1.27 -4.06 1.09
CA TRP A 14 1.56 -4.84 2.32
C TRP A 14 1.73 -3.88 3.50
N LEU A 15 2.55 -2.87 3.35
CA LEU A 15 2.75 -1.91 4.46
C LEU A 15 1.40 -1.32 4.91
N ASN A 16 0.44 -1.28 4.02
CA ASN A 16 -0.88 -0.72 4.38
C ASN A 16 -1.70 -1.78 5.14
N SER A 17 -1.55 -3.01 4.78
CA SER A 17 -2.31 -4.09 5.48
C SER A 17 -1.54 -4.56 6.71
N ALA A 18 -0.32 -4.08 6.89
CA ALA A 18 0.48 -4.50 8.07
C ALA A 18 0.74 -3.31 8.96
N ARG A 19 0.39 -2.13 8.54
CA ARG A 19 0.65 -0.92 9.39
C ARG A 19 -0.08 -1.06 10.73
N GLU A 20 -1.29 -1.56 10.71
CA GLU A 20 -2.04 -1.71 11.99
C GLU A 20 -1.49 -2.90 12.77
N SER A 21 -1.33 -4.02 12.12
CA SER A 21 -0.79 -5.21 12.82
C SER A 21 0.70 -5.00 13.08
N ILE A 22 1.27 -3.95 12.56
CA ILE A 22 2.71 -3.69 12.80
C ILE A 22 2.85 -2.85 14.08
N LYS A 23 2.10 -1.80 14.20
CA LYS A 23 2.20 -0.96 15.40
C LYS A 23 1.76 -1.76 16.63
N ARG A 24 0.97 -2.79 16.42
CA ARG A 24 0.50 -3.61 17.57
C ARG A 24 1.48 -4.77 17.80
N GLU A 25 2.05 -5.30 16.75
CA GLU A 25 3.01 -6.43 16.92
C GLU A 25 4.41 -5.90 17.21
N ASN A 26 4.51 -4.64 17.53
CA ASN A 26 5.85 -4.05 17.81
C ASN A 26 5.86 -3.41 19.21
N PRO A 27 7.04 -3.25 19.74
CA PRO A 27 7.24 -2.65 21.06
C PRO A 27 7.14 -1.13 20.97
N GLY A 28 5.96 -0.59 20.80
CA GLY A 28 5.83 0.88 20.70
C GLY A 28 6.93 1.38 19.77
N ILE A 29 7.34 0.55 18.85
CA ILE A 29 8.42 0.92 17.90
C ILE A 29 8.26 2.38 17.46
N LYS A 30 9.30 2.97 16.95
CA LYS A 30 9.21 4.39 16.52
C LYS A 30 8.40 4.48 15.22
N VAL A 31 7.60 5.51 15.09
CA VAL A 31 6.79 5.67 13.87
C VAL A 31 7.73 5.91 12.68
N THR A 32 8.96 6.27 12.93
CA THR A 32 9.91 6.50 11.82
C THR A 32 10.68 5.21 11.52
N GLU A 33 10.68 4.29 12.44
CA GLU A 33 11.41 3.01 12.22
C GLU A 33 10.40 1.94 11.78
N VAL A 34 9.14 2.20 11.97
CA VAL A 34 8.10 1.21 11.59
C VAL A 34 8.26 0.83 10.11
N ALA A 35 8.65 1.78 9.30
CA ALA A 35 8.83 1.48 7.85
C ALA A 35 10.17 0.79 7.62
N LYS A 36 11.12 1.02 8.48
CA LYS A 36 12.44 0.36 8.31
C LYS A 36 12.29 -1.16 8.40
N ARG A 37 11.70 -1.63 9.46
CA ARG A 37 11.51 -3.09 9.63
C ARG A 37 10.49 -3.60 8.60
N GLY A 38 9.59 -2.75 8.19
CA GLY A 38 8.57 -3.19 7.19
C GLY A 38 9.27 -3.69 5.94
N GLY A 39 10.51 -3.35 5.75
CA GLY A 39 11.25 -3.81 4.55
C GLY A 39 11.76 -5.24 4.77
N GLU A 40 12.14 -5.56 5.99
CA GLU A 40 12.65 -6.93 6.26
C GLU A 40 11.49 -7.94 6.19
N LEU A 41 10.37 -7.59 6.76
CA LEU A 41 9.20 -8.52 6.75
C LEU A 41 8.69 -8.69 5.32
N TRP A 42 8.59 -7.61 4.59
CA TRP A 42 8.10 -7.71 3.19
C TRP A 42 8.92 -8.74 2.41
N ARG A 43 10.19 -8.87 2.73
CA ARG A 43 11.04 -9.85 2.00
C ARG A 43 10.69 -11.27 2.44
N ALA A 44 10.38 -11.46 3.70
CA ALA A 44 10.05 -12.82 4.19
C ALA A 44 8.56 -12.91 4.55
N MET A 45 7.78 -12.00 4.05
CA MET A 45 6.33 -12.02 4.37
C MET A 45 5.71 -13.30 3.82
N LYS A 46 5.00 -13.22 2.74
CA LYS A 46 4.37 -14.43 2.17
C LYS A 46 4.72 -14.52 0.69
N ASP A 47 4.19 -13.63 -0.11
CA ASP A 47 4.49 -13.66 -1.57
C ASP A 47 4.32 -12.25 -2.13
N LYS A 48 5.24 -11.81 -2.94
CA LYS A 48 5.12 -10.44 -3.51
C LYS A 48 4.16 -10.44 -4.69
N SER A 49 3.56 -11.56 -4.99
CA SER A 49 2.61 -11.62 -6.12
C SER A 49 1.19 -11.28 -5.64
N GLU A 50 0.98 -11.35 -4.36
CA GLU A 50 -0.37 -11.03 -3.82
C GLU A 50 -0.67 -9.55 -4.07
N TRP A 51 0.17 -8.69 -3.58
CA TRP A 51 -0.04 -7.23 -3.76
C TRP A 51 0.31 -6.82 -5.17
N GLU A 52 1.28 -7.44 -5.78
CA GLU A 52 1.64 -7.03 -7.16
C GLU A 52 0.37 -7.04 -8.02
N ALA A 53 -0.36 -8.12 -7.97
CA ALA A 53 -1.61 -8.20 -8.76
C ALA A 53 -2.61 -7.19 -8.21
N LYS A 54 -2.63 -7.01 -6.92
CA LYS A 54 -3.59 -6.04 -6.30
C LYS A 54 -3.35 -4.64 -6.85
N ALA A 55 -2.12 -4.29 -7.10
CA ALA A 55 -1.82 -2.93 -7.63
C ALA A 55 -2.42 -2.79 -9.04
N ALA A 56 -2.40 -3.86 -9.79
CA ALA A 56 -2.95 -3.82 -11.17
C ALA A 56 -4.34 -3.18 -11.13
N LYS A 57 -5.18 -3.62 -10.23
CA LYS A 57 -6.55 -3.05 -10.15
C LYS A 57 -6.46 -1.52 -10.13
N ALA A 58 -5.80 -0.95 -9.16
CA ALA A 58 -5.69 0.53 -9.11
C ALA A 58 -5.14 1.04 -10.44
N LYS A 59 -4.33 0.26 -11.08
CA LYS A 59 -3.74 0.69 -12.37
C LYS A 59 -4.84 0.93 -13.39
N ASP A 60 -5.76 0.03 -13.48
CA ASP A 60 -6.87 0.19 -14.48
C ASP A 60 -7.81 1.31 -14.01
N ASP A 61 -8.20 1.29 -12.77
CA ASP A 61 -9.12 2.36 -12.27
C ASP A 61 -8.35 3.66 -12.12
N TYR A 62 -7.05 3.61 -12.24
CA TYR A 62 -6.25 4.85 -12.08
C TYR A 62 -5.99 5.51 -13.43
N ASP A 63 -5.58 4.75 -14.41
CA ASP A 63 -5.31 5.35 -15.74
C ASP A 63 -6.63 5.75 -16.37
N ARG A 64 -7.67 5.06 -15.98
CA ARG A 64 -9.01 5.36 -16.54
C ARG A 64 -9.71 6.44 -15.71
N ALA A 65 -9.57 6.40 -14.42
CA ALA A 65 -10.26 7.42 -13.57
C ALA A 65 -9.49 8.74 -13.55
N VAL A 66 -8.21 8.72 -13.78
CA VAL A 66 -7.47 10.01 -13.78
C VAL A 66 -7.93 10.82 -14.98
N LYS A 67 -8.10 10.18 -16.10
CA LYS A 67 -8.56 10.91 -17.30
C LYS A 67 -9.79 11.75 -16.94
N GLU A 68 -10.65 11.22 -16.10
CA GLU A 68 -11.84 11.98 -15.66
C GLU A 68 -11.34 13.10 -14.77
N PHE A 69 -10.55 12.72 -13.81
CA PHE A 69 -9.90 13.66 -12.86
C PHE A 69 -9.17 14.77 -13.61
N GLU A 70 -8.76 14.49 -14.81
CA GLU A 70 -7.99 15.50 -15.57
C GLU A 70 -8.95 16.23 -16.50
N ALA A 71 -10.05 15.60 -16.77
CA ALA A 71 -11.07 16.18 -17.66
C ALA A 71 -11.74 17.38 -16.98
N ASN A 72 -11.42 17.61 -15.74
CA ASN A 72 -12.03 18.76 -15.00
C ASN A 72 -11.01 19.89 -14.88
N GLY A 73 -10.91 20.72 -15.89
CA GLY A 73 -9.93 21.84 -15.82
C GLY A 73 -10.53 23.00 -15.01
N SER A 1 -15.27 11.55 -10.09
CA SER A 1 -13.90 11.04 -9.81
C SER A 1 -12.98 11.42 -10.98
N ASP A 2 -12.18 12.44 -10.80
CA ASP A 2 -11.27 12.86 -11.90
C ASP A 2 -9.90 12.18 -11.72
N LYS A 3 -8.98 12.84 -11.07
CA LYS A 3 -7.63 12.22 -10.87
C LYS A 3 -7.79 10.81 -10.28
N PRO A 4 -6.98 9.90 -10.77
CA PRO A 4 -7.01 8.50 -10.32
C PRO A 4 -6.30 8.34 -8.98
N LYS A 5 -6.51 7.23 -8.33
CA LYS A 5 -5.85 7.01 -7.02
C LYS A 5 -4.41 6.52 -7.25
N ARG A 6 -3.55 7.44 -7.59
CA ARG A 6 -2.10 7.14 -7.85
C ARG A 6 -1.73 5.67 -7.58
N PRO A 7 -1.17 5.04 -8.59
CA PRO A 7 -0.71 3.64 -8.54
C PRO A 7 0.60 3.54 -7.77
N LEU A 8 0.87 2.42 -7.18
CA LEU A 8 2.15 2.27 -6.41
C LEU A 8 2.67 0.83 -6.49
N SER A 9 3.76 0.59 -5.82
CA SER A 9 4.39 -0.76 -5.83
C SER A 9 3.66 -1.73 -4.88
N ALA A 10 3.77 -3.00 -5.15
CA ALA A 10 3.12 -4.02 -4.29
C ALA A 10 3.71 -3.95 -2.88
N TYR A 11 5.01 -3.88 -2.77
CA TYR A 11 5.64 -3.80 -1.44
C TYR A 11 4.92 -2.73 -0.61
N MET A 12 4.38 -1.74 -1.27
CA MET A 12 3.65 -0.67 -0.53
C MET A 12 2.30 -1.21 -0.06
N LEU A 13 1.56 -1.84 -0.94
CA LEU A 13 0.23 -2.38 -0.50
C LEU A 13 0.39 -3.12 0.82
N TRP A 14 1.37 -3.97 0.91
CA TRP A 14 1.59 -4.72 2.17
C TRP A 14 1.92 -3.74 3.30
N LEU A 15 2.74 -2.77 3.04
CA LEU A 15 3.10 -1.79 4.09
C LEU A 15 1.84 -1.11 4.63
N ASN A 16 0.80 -1.04 3.84
CA ASN A 16 -0.45 -0.39 4.30
C ASN A 16 -1.28 -1.38 5.12
N SER A 17 -1.43 -2.59 4.64
CA SER A 17 -2.23 -3.59 5.40
C SER A 17 -1.39 -4.14 6.56
N ALA A 18 -0.19 -3.64 6.73
CA ALA A 18 0.67 -4.14 7.84
C ALA A 18 0.89 -3.03 8.86
N ARG A 19 0.40 -1.85 8.61
CA ARG A 19 0.61 -0.74 9.58
C ARG A 19 0.04 -1.11 10.95
N GLU A 20 -1.26 -1.24 11.06
CA GLU A 20 -1.85 -1.59 12.37
C GLU A 20 -1.36 -2.98 12.80
N SER A 21 -1.22 -3.88 11.87
CA SER A 21 -0.74 -5.24 12.23
C SER A 21 0.75 -5.20 12.56
N ILE A 22 1.40 -4.10 12.25
CA ILE A 22 2.85 -4.01 12.57
C ILE A 22 3.00 -3.48 13.99
N LYS A 23 2.33 -2.40 14.30
CA LYS A 23 2.44 -1.83 15.67
C LYS A 23 1.89 -2.83 16.69
N ARG A 24 1.06 -3.75 16.28
CA ARG A 24 0.50 -4.73 17.26
C ARG A 24 1.60 -5.69 17.72
N GLU A 25 2.54 -5.98 16.87
CA GLU A 25 3.64 -6.91 17.27
C GLU A 25 4.91 -6.12 17.56
N ASN A 26 4.79 -4.88 17.97
CA ASN A 26 6.00 -4.08 18.25
C ASN A 26 5.82 -3.33 19.58
N PRO A 27 6.92 -3.09 20.24
CA PRO A 27 6.95 -2.39 21.53
C PRO A 27 6.77 -0.89 21.34
N GLY A 28 5.59 -0.45 20.99
CA GLY A 28 5.39 1.01 20.78
C GLY A 28 6.55 1.54 19.96
N ILE A 29 7.11 0.68 19.14
CA ILE A 29 8.26 1.08 18.30
C ILE A 29 8.06 2.49 17.74
N LYS A 30 9.11 3.19 17.47
CA LYS A 30 8.98 4.57 16.93
C LYS A 30 8.46 4.51 15.49
N VAL A 31 7.76 5.53 15.06
CA VAL A 31 7.23 5.53 13.68
C VAL A 31 8.40 5.67 12.71
N THR A 32 9.49 6.25 13.15
CA THR A 32 10.67 6.41 12.26
C THR A 32 11.33 5.04 12.05
N GLU A 33 10.99 4.09 12.88
CA GLU A 33 11.59 2.74 12.75
C GLU A 33 10.50 1.74 12.35
N VAL A 34 9.26 2.16 12.40
CA VAL A 34 8.15 1.23 12.02
C VAL A 34 8.19 0.97 10.52
N ALA A 35 8.41 1.98 9.74
CA ALA A 35 8.45 1.79 8.26
C ALA A 35 9.82 1.24 7.86
N LYS A 36 10.85 1.58 8.58
CA LYS A 36 12.21 1.06 8.25
C LYS A 36 12.21 -0.47 8.27
N ARG A 37 11.69 -1.04 9.32
CA ARG A 37 11.66 -2.53 9.41
C ARG A 37 10.59 -3.08 8.46
N GLY A 38 9.62 -2.29 8.12
CA GLY A 38 8.55 -2.77 7.20
C GLY A 38 9.17 -3.50 6.01
N GLY A 39 10.35 -3.11 5.61
CA GLY A 39 11.01 -3.77 4.45
C GLY A 39 11.40 -5.20 4.82
N GLU A 40 12.10 -5.37 5.90
CA GLU A 40 12.52 -6.74 6.31
C GLU A 40 11.33 -7.70 6.24
N LEU A 41 10.20 -7.31 6.75
CA LEU A 41 9.01 -8.20 6.72
C LEU A 41 8.55 -8.40 5.27
N TRP A 42 8.42 -7.35 4.52
CA TRP A 42 7.96 -7.49 3.11
C TRP A 42 8.68 -8.67 2.43
N ARG A 43 9.98 -8.62 2.36
CA ARG A 43 10.73 -9.73 1.68
C ARG A 43 10.54 -11.05 2.45
N ALA A 44 10.27 -10.98 3.72
CA ALA A 44 10.10 -12.23 4.52
C ALA A 44 8.63 -12.44 4.86
N MET A 45 7.75 -11.75 4.19
CA MET A 45 6.30 -11.90 4.47
C MET A 45 5.80 -13.25 3.93
N LYS A 46 5.05 -13.24 2.87
CA LYS A 46 4.54 -14.50 2.30
C LYS A 46 5.00 -14.60 0.85
N ASP A 47 4.54 -13.71 0.02
CA ASP A 47 4.93 -13.73 -1.42
C ASP A 47 4.67 -12.34 -2.00
N LYS A 48 4.61 -12.23 -3.30
CA LYS A 48 4.36 -10.88 -3.91
C LYS A 48 3.19 -10.96 -4.91
N SER A 49 2.78 -12.14 -5.27
CA SER A 49 1.65 -12.27 -6.22
C SER A 49 0.38 -11.69 -5.60
N GLU A 50 0.31 -11.65 -4.30
CA GLU A 50 -0.89 -11.10 -3.63
C GLU A 50 -1.04 -9.61 -3.95
N TRP A 51 -0.14 -8.82 -3.45
CA TRP A 51 -0.22 -7.36 -3.71
C TRP A 51 0.03 -7.09 -5.18
N GLU A 52 1.13 -7.54 -5.70
CA GLU A 52 1.45 -7.29 -7.13
C GLU A 52 0.17 -7.38 -7.98
N ALA A 53 -0.60 -8.42 -7.82
CA ALA A 53 -1.86 -8.54 -8.61
C ALA A 53 -2.81 -7.40 -8.23
N LYS A 54 -2.91 -7.13 -6.95
CA LYS A 54 -3.82 -6.04 -6.48
C LYS A 54 -3.44 -4.71 -7.13
N ALA A 55 -2.17 -4.44 -7.26
CA ALA A 55 -1.76 -3.14 -7.87
C ALA A 55 -2.34 -3.05 -9.28
N ALA A 56 -2.42 -4.17 -9.95
CA ALA A 56 -3.01 -4.17 -11.32
C ALA A 56 -4.32 -3.38 -11.31
N LYS A 57 -5.15 -3.64 -10.34
CA LYS A 57 -6.46 -2.93 -10.27
C LYS A 57 -6.24 -1.43 -10.47
N ALA A 58 -5.54 -0.78 -9.58
CA ALA A 58 -5.32 0.68 -9.76
C ALA A 58 -4.83 0.96 -11.17
N LYS A 59 -4.11 0.03 -11.75
CA LYS A 59 -3.60 0.23 -13.13
C LYS A 59 -4.78 0.40 -14.06
N ASP A 60 -5.66 -0.55 -14.10
CA ASP A 60 -6.85 -0.46 -15.00
C ASP A 60 -7.64 0.82 -14.70
N ASP A 61 -7.94 1.07 -13.46
CA ASP A 61 -8.71 2.30 -13.12
C ASP A 61 -7.84 3.53 -13.32
N TYR A 62 -6.56 3.34 -13.50
CA TYR A 62 -5.64 4.49 -13.70
C TYR A 62 -5.59 4.89 -15.17
N ASP A 63 -5.60 3.94 -16.06
CA ASP A 63 -5.54 4.28 -17.51
C ASP A 63 -6.92 4.75 -17.95
N ARG A 64 -7.93 4.18 -17.37
CA ARG A 64 -9.33 4.56 -17.74
C ARG A 64 -9.75 5.82 -16.99
N ALA A 65 -9.35 5.95 -15.76
CA ALA A 65 -9.75 7.16 -14.97
C ALA A 65 -9.01 8.41 -15.46
N VAL A 66 -7.85 8.25 -16.05
CA VAL A 66 -7.14 9.46 -16.53
C VAL A 66 -7.91 10.06 -17.71
N LYS A 67 -8.46 9.23 -18.55
CA LYS A 67 -9.24 9.73 -19.72
C LYS A 67 -10.43 10.55 -19.22
N GLU A 68 -11.24 9.98 -18.38
CA GLU A 68 -12.40 10.74 -17.82
C GLU A 68 -11.83 11.96 -17.10
N PHE A 69 -10.68 11.77 -16.56
CA PHE A 69 -9.94 12.84 -15.83
C PHE A 69 -9.40 13.89 -16.79
N GLU A 70 -9.11 13.49 -17.99
CA GLU A 70 -8.54 14.44 -18.97
C GLU A 70 -9.70 15.03 -19.79
N ALA A 71 -10.85 14.45 -19.63
CA ALA A 71 -12.05 14.91 -20.36
C ALA A 71 -12.76 16.01 -19.58
N ASN A 72 -12.04 16.99 -19.13
CA ASN A 72 -12.68 18.10 -18.36
C ASN A 72 -12.04 19.43 -18.75
N GLY A 73 -12.46 20.01 -19.84
CA GLY A 73 -11.88 21.31 -20.27
C GLY A 73 -12.96 22.15 -20.96
N SER A 1 -18.85 2.90 0.39
CA SER A 1 -17.41 3.17 0.62
C SER A 1 -17.15 4.67 0.57
N ASP A 2 -16.26 5.16 1.39
CA ASP A 2 -15.96 6.62 1.39
C ASP A 2 -14.75 6.90 0.49
N LYS A 3 -13.56 6.83 1.03
CA LYS A 3 -12.36 7.09 0.20
C LYS A 3 -11.77 5.75 -0.29
N PRO A 4 -11.35 5.74 -1.53
CA PRO A 4 -10.76 4.55 -2.16
C PRO A 4 -9.31 4.35 -1.73
N LYS A 5 -8.78 3.18 -1.96
CA LYS A 5 -7.37 2.92 -1.58
C LYS A 5 -6.45 3.62 -2.58
N ARG A 6 -5.51 4.39 -2.10
CA ARG A 6 -4.60 5.11 -3.02
C ARG A 6 -3.53 4.15 -3.57
N PRO A 7 -3.16 4.36 -4.81
CA PRO A 7 -2.15 3.54 -5.50
C PRO A 7 -0.74 3.86 -4.98
N LEU A 8 0.12 2.87 -4.94
CA LEU A 8 1.51 3.11 -4.45
C LEU A 8 2.31 1.81 -4.50
N SER A 9 3.54 1.89 -4.09
CA SER A 9 4.44 0.70 -4.11
C SER A 9 3.74 -0.52 -3.49
N ALA A 10 3.94 -1.68 -4.07
CA ALA A 10 3.32 -2.91 -3.53
C ALA A 10 3.80 -3.12 -2.09
N TYR A 11 5.07 -2.93 -1.86
CA TYR A 11 5.61 -3.09 -0.49
C TYR A 11 4.78 -2.26 0.48
N MET A 12 4.22 -1.18 0.01
CA MET A 12 3.39 -0.32 0.89
C MET A 12 2.03 -0.99 1.14
N LEU A 13 1.44 -1.57 0.12
CA LEU A 13 0.12 -2.24 0.35
C LEU A 13 0.26 -3.20 1.52
N TRP A 14 1.17 -4.11 1.41
CA TRP A 14 1.37 -5.09 2.51
C TRP A 14 1.74 -4.34 3.79
N LEU A 15 2.52 -3.29 3.66
CA LEU A 15 2.91 -2.49 4.84
C LEU A 15 1.65 -1.96 5.54
N ASN A 16 0.60 -1.77 4.79
CA ASN A 16 -0.65 -1.25 5.38
C ASN A 16 -1.49 -2.43 5.89
N SER A 17 -1.25 -3.61 5.37
CA SER A 17 -2.02 -4.80 5.83
C SER A 17 -1.36 -5.37 7.09
N ALA A 18 -0.21 -4.86 7.45
CA ALA A 18 0.48 -5.38 8.66
C ALA A 18 0.78 -4.23 9.62
N ARG A 19 0.43 -3.03 9.23
CA ARG A 19 0.70 -1.86 10.12
C ARG A 19 -0.12 -2.00 11.41
N GLU A 20 -1.08 -2.87 11.42
CA GLU A 20 -1.90 -3.06 12.65
C GLU A 20 -1.15 -3.97 13.61
N SER A 21 -0.96 -5.19 13.24
CA SER A 21 -0.22 -6.13 14.13
C SER A 21 1.22 -5.63 14.29
N ILE A 22 1.63 -4.71 13.45
CA ILE A 22 3.01 -4.18 13.55
C ILE A 22 3.02 -3.06 14.59
N LYS A 23 2.10 -2.15 14.50
CA LYS A 23 2.07 -1.03 15.46
C LYS A 23 1.82 -1.55 16.88
N ARG A 24 1.23 -2.71 17.01
CA ARG A 24 0.96 -3.26 18.37
C ARG A 24 2.23 -3.88 18.95
N GLU A 25 2.67 -4.99 18.41
CA GLU A 25 3.90 -5.64 18.93
C GLU A 25 5.03 -4.61 19.05
N ASN A 26 4.95 -3.53 18.30
CA ASN A 26 6.00 -2.50 18.37
C ASN A 26 5.64 -1.45 19.42
N PRO A 27 6.64 -0.84 19.98
CA PRO A 27 6.48 0.20 21.00
C PRO A 27 6.06 1.52 20.37
N GLY A 28 4.85 1.61 19.90
CA GLY A 28 4.41 2.88 19.26
C GLY A 28 5.52 3.34 18.31
N ILE A 29 6.28 2.40 17.81
CA ILE A 29 7.40 2.74 16.89
C ILE A 29 6.98 3.87 15.94
N LYS A 30 7.91 4.69 15.55
CA LYS A 30 7.58 5.82 14.64
C LYS A 30 7.24 5.28 13.24
N VAL A 31 6.76 6.12 12.37
CA VAL A 31 6.41 5.67 11.01
C VAL A 31 7.69 5.50 10.18
N THR A 32 8.75 6.15 10.56
CA THR A 32 10.03 6.04 9.80
C THR A 32 10.74 4.75 10.18
N GLU A 33 10.42 4.20 11.32
CA GLU A 33 11.09 2.94 11.76
C GLU A 33 10.11 1.77 11.59
N VAL A 34 8.88 2.05 11.27
CA VAL A 34 7.90 0.95 11.09
C VAL A 34 8.26 0.15 9.84
N ALA A 35 8.78 0.80 8.84
CA ALA A 35 9.16 0.08 7.59
C ALA A 35 10.38 -0.79 7.88
N LYS A 36 11.16 -0.43 8.85
CA LYS A 36 12.37 -1.24 9.18
C LYS A 36 11.99 -2.73 9.29
N ARG A 37 10.89 -3.02 9.92
CA ARG A 37 10.46 -4.44 10.07
C ARG A 37 9.67 -4.85 8.82
N GLY A 38 9.15 -3.90 8.10
CA GLY A 38 8.35 -4.22 6.89
C GLY A 38 9.25 -4.88 5.83
N GLY A 39 10.42 -4.34 5.61
CA GLY A 39 11.32 -4.93 4.59
C GLY A 39 11.74 -6.35 5.02
N GLU A 40 11.57 -6.68 6.26
CA GLU A 40 11.95 -8.03 6.74
C GLU A 40 10.83 -9.03 6.42
N LEU A 41 9.65 -8.80 6.90
CA LEU A 41 8.53 -9.74 6.62
C LEU A 41 8.08 -9.58 5.16
N TRP A 42 8.54 -8.57 4.49
CA TRP A 42 8.14 -8.37 3.07
C TRP A 42 8.88 -9.36 2.18
N ARG A 43 10.17 -9.44 2.31
CA ARG A 43 10.95 -10.38 1.46
C ARG A 43 10.98 -11.77 2.10
N ALA A 44 10.17 -11.98 3.09
CA ALA A 44 10.16 -13.32 3.77
C ALA A 44 8.74 -13.84 3.91
N MET A 45 7.78 -13.21 3.30
CA MET A 45 6.39 -13.68 3.41
C MET A 45 6.17 -14.81 2.42
N LYS A 46 5.16 -14.72 1.60
CA LYS A 46 4.89 -15.79 0.61
C LYS A 46 5.23 -15.28 -0.79
N ASP A 47 4.41 -14.45 -1.35
CA ASP A 47 4.68 -13.92 -2.72
C ASP A 47 4.48 -12.41 -2.72
N LYS A 48 5.41 -11.67 -3.25
CA LYS A 48 5.27 -10.18 -3.28
C LYS A 48 4.45 -9.76 -4.50
N SER A 49 4.20 -10.67 -5.40
CA SER A 49 3.40 -10.30 -6.61
C SER A 49 1.94 -10.11 -6.22
N GLU A 50 1.60 -10.38 -4.99
CA GLU A 50 0.20 -10.21 -4.55
C GLU A 50 -0.16 -8.72 -4.54
N TRP A 51 0.61 -7.92 -3.87
CA TRP A 51 0.33 -6.46 -3.82
C TRP A 51 0.77 -5.80 -5.12
N GLU A 52 1.77 -6.32 -5.76
CA GLU A 52 2.24 -5.68 -7.02
C GLU A 52 1.10 -5.65 -8.04
N ALA A 53 0.42 -6.75 -8.23
CA ALA A 53 -0.70 -6.78 -9.20
C ALA A 53 -1.91 -6.10 -8.56
N LYS A 54 -2.00 -6.15 -7.26
CA LYS A 54 -3.14 -5.51 -6.55
C LYS A 54 -3.06 -3.99 -6.73
N ALA A 55 -1.87 -3.47 -6.84
CA ALA A 55 -1.72 -1.99 -7.01
C ALA A 55 -2.26 -1.58 -8.36
N ALA A 56 -2.09 -2.40 -9.36
CA ALA A 56 -2.62 -2.05 -10.71
C ALA A 56 -4.14 -1.99 -10.65
N LYS A 57 -4.76 -3.06 -10.24
CA LYS A 57 -6.25 -3.09 -10.15
C LYS A 57 -6.72 -1.89 -9.33
N ALA A 58 -6.08 -1.60 -8.22
CA ALA A 58 -6.51 -0.43 -7.41
C ALA A 58 -6.36 0.82 -8.26
N LYS A 59 -5.35 0.85 -9.10
CA LYS A 59 -5.12 2.02 -9.96
C LYS A 59 -6.37 2.30 -10.78
N ASP A 60 -6.79 1.35 -11.56
CA ASP A 60 -8.00 1.58 -12.40
C ASP A 60 -9.22 1.90 -11.53
N ASP A 61 -9.43 1.15 -10.49
CA ASP A 61 -10.61 1.40 -9.61
C ASP A 61 -10.32 2.62 -8.72
N TYR A 62 -9.14 3.13 -8.79
CA TYR A 62 -8.77 4.29 -7.94
C TYR A 62 -8.95 5.62 -8.69
N ASP A 63 -8.59 5.66 -9.94
CA ASP A 63 -8.75 6.93 -10.71
C ASP A 63 -10.22 7.14 -10.98
N ARG A 64 -10.94 6.08 -11.16
CA ARG A 64 -12.39 6.18 -11.45
C ARG A 64 -13.19 6.37 -10.15
N ALA A 65 -12.82 5.69 -9.11
CA ALA A 65 -13.58 5.82 -7.83
C ALA A 65 -13.21 7.13 -7.13
N VAL A 66 -12.03 7.63 -7.35
CA VAL A 66 -11.66 8.91 -6.70
C VAL A 66 -12.49 10.03 -7.33
N LYS A 67 -12.79 9.88 -8.60
CA LYS A 67 -13.60 10.91 -9.32
C LYS A 67 -15.00 10.97 -8.69
N GLU A 68 -15.66 9.84 -8.61
CA GLU A 68 -17.01 9.81 -7.97
C GLU A 68 -16.83 10.28 -6.54
N PHE A 69 -15.70 9.95 -6.00
CA PHE A 69 -15.31 10.33 -4.61
C PHE A 69 -15.03 11.83 -4.53
N GLU A 70 -14.60 12.41 -5.60
CA GLU A 70 -14.27 13.85 -5.57
C GLU A 70 -15.53 14.63 -5.90
N ALA A 71 -16.48 13.94 -6.46
CA ALA A 71 -17.76 14.56 -6.86
C ALA A 71 -18.68 14.70 -5.64
N ASN A 72 -18.42 13.94 -4.61
CA ASN A 72 -19.28 14.03 -3.39
C ASN A 72 -18.40 13.93 -2.15
N GLY A 73 -18.27 14.99 -1.39
CA GLY A 73 -17.44 14.94 -0.16
C GLY A 73 -18.09 15.79 0.94
N SER A 1 -14.98 8.70 -10.53
CA SER A 1 -14.31 9.24 -11.74
C SER A 1 -13.47 10.45 -11.36
N ASP A 2 -13.55 10.87 -10.12
CA ASP A 2 -12.75 12.04 -9.67
C ASP A 2 -11.32 11.60 -9.35
N LYS A 3 -10.73 12.15 -8.32
CA LYS A 3 -9.33 11.76 -7.97
C LYS A 3 -9.17 10.24 -8.08
N PRO A 4 -8.05 9.82 -8.61
CA PRO A 4 -7.75 8.38 -8.80
C PRO A 4 -7.33 7.71 -7.50
N LYS A 5 -7.32 6.40 -7.49
CA LYS A 5 -6.91 5.67 -6.26
C LYS A 5 -5.39 5.63 -6.17
N ARG A 6 -4.81 6.60 -5.51
CA ARG A 6 -3.32 6.68 -5.37
C ARG A 6 -2.66 5.30 -5.54
N PRO A 7 -1.88 5.18 -6.59
CA PRO A 7 -1.17 3.94 -6.94
C PRO A 7 0.11 3.79 -6.10
N LEU A 8 0.44 2.58 -5.74
CA LEU A 8 1.65 2.36 -4.90
C LEU A 8 2.26 0.99 -5.23
N SER A 9 3.48 0.77 -4.82
CA SER A 9 4.15 -0.53 -5.11
C SER A 9 3.56 -1.65 -4.25
N ALA A 10 3.66 -2.87 -4.72
CA ALA A 10 3.12 -4.02 -3.94
C ALA A 10 3.63 -3.98 -2.50
N TYR A 11 4.91 -3.79 -2.32
CA TYR A 11 5.48 -3.75 -0.96
C TYR A 11 4.69 -2.75 -0.10
N MET A 12 4.23 -1.69 -0.67
CA MET A 12 3.46 -0.69 0.10
C MET A 12 2.07 -1.23 0.46
N LEU A 13 1.39 -1.91 -0.44
CA LEU A 13 0.04 -2.44 -0.10
C LEU A 13 0.17 -3.25 1.18
N TRP A 14 1.01 -4.24 1.17
CA TRP A 14 1.19 -5.09 2.39
C TRP A 14 1.53 -4.17 3.57
N LEU A 15 2.28 -3.13 3.33
CA LEU A 15 2.67 -2.21 4.43
C LEU A 15 1.41 -1.64 5.11
N ASN A 16 0.48 -1.13 4.34
CA ASN A 16 -0.75 -0.55 4.95
C ASN A 16 -1.69 -1.67 5.40
N SER A 17 -1.37 -2.89 5.08
CA SER A 17 -2.25 -4.02 5.50
C SER A 17 -1.62 -4.72 6.70
N ALA A 18 -0.63 -4.10 7.31
CA ALA A 18 0.03 -4.72 8.48
C ALA A 18 0.31 -3.66 9.54
N ARG A 19 -0.15 -2.45 9.33
CA ARG A 19 0.09 -1.38 10.32
C ARG A 19 -0.51 -1.76 11.68
N GLU A 20 -1.54 -2.55 11.68
CA GLU A 20 -2.16 -2.95 12.98
C GLU A 20 -1.31 -4.05 13.61
N SER A 21 -1.07 -5.11 12.89
CA SER A 21 -0.24 -6.21 13.45
C SER A 21 1.22 -5.74 13.56
N ILE A 22 1.50 -4.57 13.04
CA ILE A 22 2.89 -4.05 13.12
C ILE A 22 3.02 -3.23 14.40
N LYS A 23 2.10 -2.34 14.63
CA LYS A 23 2.16 -1.50 15.84
C LYS A 23 1.85 -2.34 17.09
N ARG A 24 1.20 -3.47 16.90
CA ARG A 24 0.87 -4.32 18.07
C ARG A 24 2.10 -5.13 18.48
N GLU A 25 2.92 -5.49 17.54
CA GLU A 25 4.14 -6.28 17.87
C GLU A 25 5.36 -5.36 17.92
N ASN A 26 5.15 -4.09 18.07
CA ASN A 26 6.31 -3.15 18.11
C ASN A 26 6.23 -2.30 19.39
N PRO A 27 7.38 -1.94 19.89
CA PRO A 27 7.50 -1.12 21.11
C PRO A 27 7.22 0.35 20.80
N GLY A 28 6.00 0.69 20.50
CA GLY A 28 5.69 2.11 20.17
C GLY A 28 6.74 2.59 19.17
N ILE A 29 7.30 1.68 18.42
CA ILE A 29 8.34 2.03 17.43
C ILE A 29 8.01 3.36 16.75
N LYS A 30 9.01 4.11 16.38
CA LYS A 30 8.76 5.42 15.71
C LYS A 30 8.03 5.18 14.39
N VAL A 31 7.40 6.20 13.87
CA VAL A 31 6.67 6.05 12.59
C VAL A 31 7.69 5.84 11.46
N THR A 32 8.87 6.36 11.61
CA THR A 32 9.91 6.18 10.56
C THR A 32 10.56 4.81 10.70
N GLU A 33 10.81 4.39 11.92
CA GLU A 33 11.43 3.06 12.13
C GLU A 33 10.40 1.95 11.86
N VAL A 34 9.17 2.32 11.65
CA VAL A 34 8.12 1.30 11.39
C VAL A 34 8.19 0.85 9.93
N ALA A 35 8.55 1.73 9.04
CA ALA A 35 8.64 1.36 7.60
C ALA A 35 9.91 0.55 7.37
N LYS A 36 10.90 0.73 8.20
CA LYS A 36 12.17 -0.03 8.04
C LYS A 36 11.99 -1.47 8.52
N ARG A 37 11.42 -1.63 9.68
CA ARG A 37 11.20 -3.00 10.23
C ARG A 37 10.09 -3.71 9.44
N GLY A 38 9.06 -3.01 9.07
CA GLY A 38 7.96 -3.64 8.32
C GLY A 38 8.50 -4.29 7.04
N GLY A 39 9.59 -3.77 6.53
CA GLY A 39 10.16 -4.36 5.28
C GLY A 39 10.78 -5.72 5.59
N GLU A 40 11.36 -5.88 6.75
CA GLU A 40 11.98 -7.19 7.10
C GLU A 40 10.96 -8.31 6.91
N LEU A 41 9.69 -8.00 7.00
CA LEU A 41 8.65 -9.04 6.82
C LEU A 41 8.22 -9.08 5.35
N TRP A 42 8.31 -7.99 4.67
CA TRP A 42 7.90 -7.96 3.23
C TRP A 42 8.76 -8.95 2.43
N ARG A 43 10.05 -8.85 2.53
CA ARG A 43 10.92 -9.78 1.76
C ARG A 43 10.99 -11.14 2.46
N ALA A 44 10.19 -11.35 3.48
CA ALA A 44 10.23 -12.65 4.21
C ALA A 44 8.83 -13.24 4.35
N MET A 45 7.86 -12.67 3.69
CA MET A 45 6.48 -13.21 3.80
C MET A 45 6.37 -14.44 2.91
N LYS A 46 5.40 -14.47 2.04
CA LYS A 46 5.22 -15.63 1.14
C LYS A 46 5.61 -15.22 -0.28
N ASP A 47 4.79 -14.39 -0.90
CA ASP A 47 5.09 -13.95 -2.29
C ASP A 47 4.65 -12.50 -2.44
N LYS A 48 5.02 -11.87 -3.53
CA LYS A 48 4.60 -10.45 -3.73
C LYS A 48 3.62 -10.37 -4.90
N SER A 49 3.48 -11.43 -5.66
CA SER A 49 2.53 -11.40 -6.80
C SER A 49 1.12 -11.09 -6.29
N GLU A 50 0.91 -11.26 -5.01
CA GLU A 50 -0.43 -10.96 -4.43
C GLU A 50 -0.71 -9.47 -4.54
N TRP A 51 0.00 -8.68 -3.78
CA TRP A 51 -0.21 -7.22 -3.83
C TRP A 51 0.07 -6.74 -5.25
N GLU A 52 1.25 -7.02 -5.74
CA GLU A 52 1.62 -6.59 -7.12
C GLU A 52 0.40 -6.55 -8.03
N ALA A 53 -0.21 -7.67 -8.29
CA ALA A 53 -1.41 -7.67 -9.17
C ALA A 53 -2.43 -6.68 -8.63
N LYS A 54 -2.66 -6.69 -7.35
CA LYS A 54 -3.66 -5.75 -6.74
C LYS A 54 -3.32 -4.30 -7.10
N ALA A 55 -2.07 -3.94 -7.08
CA ALA A 55 -1.69 -2.53 -7.41
C ALA A 55 -2.05 -2.24 -8.87
N ALA A 56 -1.75 -3.16 -9.75
CA ALA A 56 -2.07 -2.95 -11.19
C ALA A 56 -3.49 -2.40 -11.30
N LYS A 57 -4.42 -2.98 -10.59
CA LYS A 57 -5.82 -2.49 -10.66
C LYS A 57 -5.85 -0.98 -10.48
N ALA A 58 -5.43 -0.48 -9.34
CA ALA A 58 -5.46 1.00 -9.14
C ALA A 58 -4.83 1.66 -10.37
N LYS A 59 -3.89 1.02 -10.98
CA LYS A 59 -3.25 1.60 -12.19
C LYS A 59 -4.30 1.84 -13.25
N ASP A 60 -5.04 0.83 -13.58
CA ASP A 60 -6.10 0.98 -14.61
C ASP A 60 -7.10 2.06 -14.19
N ASP A 61 -7.63 1.96 -12.99
CA ASP A 61 -8.61 2.98 -12.52
C ASP A 61 -7.89 4.31 -12.27
N TYR A 62 -6.59 4.29 -12.31
CA TYR A 62 -5.81 5.54 -12.07
C TYR A 62 -5.54 6.27 -13.38
N ASP A 63 -5.36 5.57 -14.46
CA ASP A 63 -5.09 6.25 -15.75
C ASP A 63 -6.40 6.77 -16.31
N ARG A 64 -7.44 6.02 -16.13
CA ARG A 64 -8.77 6.44 -16.64
C ARG A 64 -9.39 7.46 -15.68
N ALA A 65 -9.19 7.29 -14.41
CA ALA A 65 -9.80 8.22 -13.42
C ALA A 65 -9.06 9.57 -13.42
N VAL A 66 -7.80 9.60 -13.76
CA VAL A 66 -7.09 10.92 -13.76
C VAL A 66 -7.65 11.78 -14.88
N LYS A 67 -7.99 11.18 -15.98
CA LYS A 67 -8.55 11.95 -17.14
C LYS A 67 -9.88 12.57 -16.72
N GLU A 68 -10.81 11.77 -16.28
CA GLU A 68 -12.12 12.32 -15.82
C GLU A 68 -11.84 13.27 -14.66
N PHE A 69 -10.81 12.95 -13.95
CA PHE A 69 -10.34 13.74 -12.78
C PHE A 69 -9.70 15.04 -13.24
N GLU A 70 -9.14 15.03 -14.40
CA GLU A 70 -8.46 16.25 -14.92
C GLU A 70 -9.50 17.11 -15.63
N ALA A 71 -10.64 16.52 -15.87
CA ALA A 71 -11.73 17.22 -16.58
C ALA A 71 -12.56 18.03 -15.58
N ASN A 72 -11.92 18.81 -14.76
CA ASN A 72 -12.67 19.63 -13.77
C ASN A 72 -12.06 21.03 -13.68
N GLY A 73 -11.61 21.56 -14.78
CA GLY A 73 -11.00 22.92 -14.76
C GLY A 73 -9.47 22.80 -14.68
N SER A 1 -9.82 16.72 -12.40
CA SER A 1 -8.60 15.99 -11.96
C SER A 1 -7.95 15.30 -13.17
N ASP A 2 -6.69 15.54 -13.40
CA ASP A 2 -6.01 14.91 -14.56
C ASP A 2 -4.98 13.89 -14.05
N LYS A 3 -4.04 14.34 -13.27
CA LYS A 3 -3.00 13.41 -12.74
C LYS A 3 -3.69 12.12 -12.28
N PRO A 4 -3.05 11.01 -12.53
CA PRO A 4 -3.58 9.68 -12.15
C PRO A 4 -3.40 9.42 -10.66
N LYS A 5 -4.08 8.44 -10.15
CA LYS A 5 -3.98 8.12 -8.70
C LYS A 5 -2.73 7.30 -8.44
N ARG A 6 -1.59 7.95 -8.46
CA ARG A 6 -0.27 7.27 -8.25
C ARG A 6 -0.42 5.81 -7.79
N PRO A 7 0.15 4.92 -8.56
CA PRO A 7 0.12 3.47 -8.32
C PRO A 7 1.13 3.08 -7.25
N LEU A 8 0.75 2.22 -6.35
CA LEU A 8 1.67 1.79 -5.26
C LEU A 8 2.28 0.44 -5.59
N SER A 9 3.40 0.16 -5.01
CA SER A 9 4.07 -1.15 -5.25
C SER A 9 3.48 -2.21 -4.32
N ALA A 10 3.61 -3.46 -4.67
CA ALA A 10 3.06 -4.54 -3.80
C ALA A 10 3.59 -4.37 -2.38
N TYR A 11 4.85 -4.03 -2.23
CA TYR A 11 5.43 -3.85 -0.88
C TYR A 11 4.63 -2.80 -0.11
N MET A 12 4.14 -1.80 -0.80
CA MET A 12 3.36 -0.74 -0.12
C MET A 12 2.01 -1.29 0.35
N LEU A 13 1.29 -1.97 -0.50
CA LEU A 13 -0.02 -2.52 -0.08
C LEU A 13 0.16 -3.36 1.19
N TRP A 14 1.29 -4.00 1.33
CA TRP A 14 1.54 -4.81 2.55
C TRP A 14 1.73 -3.89 3.75
N LEU A 15 2.54 -2.88 3.62
CA LEU A 15 2.78 -1.95 4.75
C LEU A 15 1.45 -1.36 5.23
N ASN A 16 0.50 -1.20 4.35
CA ASN A 16 -0.80 -0.63 4.77
C ASN A 16 -1.56 -1.63 5.64
N SER A 17 -1.76 -2.83 5.15
CA SER A 17 -2.49 -3.83 5.97
C SER A 17 -1.57 -4.35 7.07
N ALA A 18 -0.35 -3.91 7.11
CA ALA A 18 0.59 -4.38 8.17
C ALA A 18 0.76 -3.29 9.23
N ARG A 19 0.31 -2.09 8.94
CA ARG A 19 0.45 -0.99 9.93
C ARG A 19 -0.33 -1.34 11.20
N GLU A 20 -1.33 -2.17 11.10
CA GLU A 20 -2.10 -2.54 12.31
C GLU A 20 -1.34 -3.61 13.09
N SER A 21 -1.05 -4.72 12.46
CA SER A 21 -0.29 -5.78 13.17
C SER A 21 1.13 -5.29 13.43
N ILE A 22 1.50 -4.16 12.88
CA ILE A 22 2.86 -3.63 13.11
C ILE A 22 2.83 -2.74 14.36
N LYS A 23 1.89 -1.84 14.42
CA LYS A 23 1.80 -0.94 15.58
C LYS A 23 1.39 -1.73 16.82
N ARG A 24 0.88 -2.91 16.65
CA ARG A 24 0.46 -3.74 17.83
C ARG A 24 1.64 -4.58 18.32
N GLU A 25 2.22 -5.36 17.46
CA GLU A 25 3.37 -6.21 17.88
C GLU A 25 4.59 -5.32 18.19
N ASN A 26 4.47 -4.04 17.95
CA ASN A 26 5.63 -3.14 18.23
C ASN A 26 5.32 -2.27 19.45
N PRO A 27 6.35 -1.98 20.20
CA PRO A 27 6.25 -1.15 21.41
C PRO A 27 6.15 0.33 21.04
N GLY A 28 5.03 0.75 20.51
CA GLY A 28 4.91 2.18 20.12
C GLY A 28 6.17 2.58 19.37
N ILE A 29 6.79 1.62 18.73
CA ILE A 29 8.04 1.88 17.98
C ILE A 29 7.98 3.24 17.28
N LYS A 30 9.10 3.86 17.08
CA LYS A 30 9.11 5.19 16.40
C LYS A 30 8.58 5.03 14.97
N VAL A 31 8.01 6.08 14.42
CA VAL A 31 7.48 6.00 13.04
C VAL A 31 8.63 5.74 12.07
N THR A 32 9.76 6.36 12.29
CA THR A 32 10.91 6.16 11.36
C THR A 32 11.31 4.68 11.36
N GLU A 33 11.25 4.03 12.49
CA GLU A 33 11.64 2.59 12.54
C GLU A 33 10.43 1.73 12.15
N VAL A 34 9.25 2.29 12.16
CA VAL A 34 8.05 1.50 11.79
C VAL A 34 8.21 1.01 10.35
N ALA A 35 8.96 1.71 9.55
CA ALA A 35 9.14 1.29 8.13
C ALA A 35 10.31 0.30 8.03
N LYS A 36 11.39 0.58 8.71
CA LYS A 36 12.57 -0.33 8.64
C LYS A 36 12.14 -1.74 9.05
N ARG A 37 11.33 -1.86 10.06
CA ARG A 37 10.88 -3.21 10.50
C ARG A 37 9.94 -3.81 9.46
N GLY A 38 9.31 -3.00 8.67
CA GLY A 38 8.38 -3.52 7.63
C GLY A 38 9.20 -4.13 6.48
N GLY A 39 10.38 -3.63 6.26
CA GLY A 39 11.22 -4.18 5.16
C GLY A 39 11.79 -5.53 5.57
N GLU A 40 11.71 -5.87 6.83
CA GLU A 40 12.24 -7.19 7.28
C GLU A 40 11.19 -8.28 7.04
N LEU A 41 9.94 -7.95 7.21
CA LEU A 41 8.88 -8.97 7.00
C LEU A 41 8.53 -9.04 5.51
N TRP A 42 8.64 -7.95 4.81
CA TRP A 42 8.33 -7.97 3.35
C TRP A 42 9.41 -8.75 2.61
N ARG A 43 10.50 -9.03 3.25
CA ARG A 43 11.59 -9.79 2.58
C ARG A 43 11.10 -11.19 2.23
N ALA A 44 10.79 -11.99 3.21
CA ALA A 44 10.28 -13.37 2.93
C ALA A 44 9.04 -13.25 2.04
N MET A 45 8.35 -12.15 2.14
CA MET A 45 7.12 -11.93 1.31
C MET A 45 7.21 -12.63 -0.05
N LYS A 46 8.40 -12.70 -0.62
CA LYS A 46 8.63 -13.36 -1.94
C LYS A 46 7.35 -13.48 -2.79
N ASP A 47 6.47 -14.39 -2.46
CA ASP A 47 5.23 -14.53 -3.27
C ASP A 47 4.25 -13.41 -2.87
N LYS A 48 4.35 -12.29 -3.54
CA LYS A 48 3.43 -11.15 -3.22
C LYS A 48 2.28 -11.13 -4.24
N SER A 49 2.10 -12.20 -4.95
CA SER A 49 0.99 -12.25 -5.95
C SER A 49 -0.28 -11.63 -5.36
N GLU A 50 -0.42 -11.68 -4.06
CA GLU A 50 -1.62 -11.09 -3.42
C GLU A 50 -1.68 -9.60 -3.71
N TRP A 51 -0.76 -8.86 -3.17
CA TRP A 51 -0.74 -7.40 -3.40
C TRP A 51 -0.46 -7.13 -4.87
N GLU A 52 0.65 -7.62 -5.36
CA GLU A 52 1.00 -7.38 -6.80
C GLU A 52 -0.27 -7.41 -7.65
N ALA A 53 -1.20 -8.26 -7.35
CA ALA A 53 -2.47 -8.30 -8.14
C ALA A 53 -3.27 -7.05 -7.81
N LYS A 54 -3.46 -6.78 -6.54
CA LYS A 54 -4.24 -5.57 -6.13
C LYS A 54 -3.67 -4.31 -6.79
N ALA A 55 -2.37 -4.20 -6.88
CA ALA A 55 -1.78 -2.99 -7.50
C ALA A 55 -2.17 -2.94 -8.98
N ALA A 56 -2.35 -4.08 -9.58
CA ALA A 56 -2.73 -4.12 -11.02
C ALA A 56 -3.87 -3.14 -11.28
N LYS A 57 -4.85 -3.13 -10.43
CA LYS A 57 -6.00 -2.19 -10.62
C LYS A 57 -5.47 -0.79 -10.91
N ALA A 58 -4.75 -0.20 -10.00
CA ALA A 58 -4.22 1.18 -10.25
C ALA A 58 -3.51 1.20 -11.60
N LYS A 59 -2.96 0.09 -12.00
CA LYS A 59 -2.25 0.03 -13.30
C LYS A 59 -3.23 0.38 -14.42
N ASP A 60 -4.31 -0.34 -14.51
CA ASP A 60 -5.31 -0.08 -15.59
C ASP A 60 -5.82 1.36 -15.48
N ASP A 61 -6.22 1.77 -14.30
CA ASP A 61 -6.74 3.16 -14.13
C ASP A 61 -5.59 4.17 -14.23
N TYR A 62 -4.38 3.69 -14.22
CA TYR A 62 -3.21 4.62 -14.29
C TYR A 62 -2.77 4.81 -15.75
N ASP A 63 -2.92 3.81 -16.57
CA ASP A 63 -2.50 3.97 -18.00
C ASP A 63 -3.62 4.67 -18.74
N ARG A 64 -4.83 4.41 -18.36
CA ARG A 64 -6.00 5.05 -19.03
C ARG A 64 -6.18 6.48 -18.53
N ALA A 65 -5.93 6.72 -17.27
CA ALA A 65 -6.11 8.09 -16.70
C ALA A 65 -4.93 8.98 -17.09
N VAL A 66 -3.76 8.43 -17.27
CA VAL A 66 -2.62 9.30 -17.65
C VAL A 66 -2.91 9.90 -19.01
N LYS A 67 -3.56 9.17 -19.87
CA LYS A 67 -3.88 9.70 -21.23
C LYS A 67 -4.73 10.96 -21.07
N GLU A 68 -5.80 10.88 -20.34
CA GLU A 68 -6.66 12.08 -20.11
C GLU A 68 -5.78 13.15 -19.45
N PHE A 69 -4.91 12.69 -18.63
CA PHE A 69 -3.95 13.56 -17.90
C PHE A 69 -2.93 14.17 -18.85
N GLU A 70 -2.64 13.49 -19.92
CA GLU A 70 -1.63 13.98 -20.87
C GLU A 70 -2.34 14.79 -21.95
N ALA A 71 -3.63 14.65 -22.00
CA ALA A 71 -4.45 15.36 -23.00
C ALA A 71 -4.50 16.86 -22.67
N ASN A 72 -4.02 17.24 -21.52
CA ASN A 72 -4.04 18.68 -21.14
C ASN A 72 -2.66 19.09 -20.63
N GLY A 73 -1.82 19.61 -21.48
CA GLY A 73 -0.47 20.03 -21.04
C GLY A 73 0.46 18.81 -21.01
N SER A 1 -3.20 15.22 -8.98
CA SER A 1 -4.56 15.64 -8.56
C SER A 1 -5.53 14.47 -8.73
N ASP A 2 -6.80 14.75 -8.72
CA ASP A 2 -7.81 13.67 -8.88
C ASP A 2 -7.94 12.88 -7.58
N LYS A 3 -9.07 12.25 -7.36
CA LYS A 3 -9.23 11.47 -6.11
C LYS A 3 -9.45 9.97 -6.40
N PRO A 4 -8.75 9.42 -7.36
CA PRO A 4 -8.86 7.99 -7.71
C PRO A 4 -8.16 7.11 -6.67
N LYS A 5 -8.37 5.84 -6.76
CA LYS A 5 -7.74 4.90 -5.78
C LYS A 5 -6.22 5.05 -5.83
N ARG A 6 -5.69 5.97 -5.05
CA ARG A 6 -4.22 6.20 -5.02
C ARG A 6 -3.44 4.88 -5.22
N PRO A 7 -2.77 4.80 -6.34
CA PRO A 7 -1.96 3.65 -6.74
C PRO A 7 -0.59 3.68 -6.05
N LEU A 8 -0.12 2.54 -5.62
CA LEU A 8 1.21 2.50 -4.95
C LEU A 8 1.88 1.16 -5.21
N SER A 9 3.15 1.07 -4.90
CA SER A 9 3.90 -0.20 -5.14
C SER A 9 3.29 -1.35 -4.32
N ALA A 10 3.51 -2.55 -4.75
CA ALA A 10 2.96 -3.73 -4.01
C ALA A 10 3.45 -3.70 -2.57
N TYR A 11 4.74 -3.60 -2.37
CA TYR A 11 5.28 -3.57 -0.98
C TYR A 11 4.49 -2.55 -0.17
N MET A 12 3.94 -1.56 -0.82
CA MET A 12 3.16 -0.53 -0.09
C MET A 12 1.79 -1.11 0.32
N LEU A 13 1.12 -1.81 -0.55
CA LEU A 13 -0.20 -2.37 -0.16
C LEU A 13 -0.04 -3.18 1.13
N TRP A 14 1.03 -3.92 1.23
CA TRP A 14 1.26 -4.72 2.47
C TRP A 14 1.52 -3.78 3.63
N LEU A 15 2.24 -2.71 3.40
CA LEU A 15 2.54 -1.75 4.51
C LEU A 15 1.22 -1.20 5.08
N ASN A 16 0.26 -0.88 4.24
CA ASN A 16 -1.01 -0.33 4.77
C ASN A 16 -1.85 -1.48 5.35
N SER A 17 -1.63 -2.68 4.88
CA SER A 17 -2.41 -3.84 5.42
C SER A 17 -1.65 -4.43 6.61
N ALA A 18 -0.46 -3.93 6.88
CA ALA A 18 0.33 -4.46 8.02
C ALA A 18 0.39 -3.41 9.12
N ARG A 19 -0.27 -2.29 8.94
CA ARG A 19 -0.24 -1.23 9.99
C ARG A 19 -0.73 -1.81 11.32
N GLU A 20 -1.60 -2.78 11.28
CA GLU A 20 -2.10 -3.37 12.55
C GLU A 20 -1.05 -4.34 13.10
N SER A 21 -0.60 -5.26 12.29
CA SER A 21 0.42 -6.23 12.76
C SER A 21 1.76 -5.51 12.92
N ILE A 22 1.82 -4.26 12.54
CA ILE A 22 3.10 -3.51 12.66
C ILE A 22 3.07 -2.75 13.99
N LYS A 23 2.00 -2.07 14.28
CA LYS A 23 1.92 -1.32 15.54
C LYS A 23 1.79 -2.29 16.72
N ARG A 24 1.38 -3.51 16.46
CA ARG A 24 1.24 -4.50 17.57
C ARG A 24 2.57 -5.22 17.79
N GLU A 25 2.88 -6.18 16.96
CA GLU A 25 4.17 -6.92 17.12
C GLU A 25 5.30 -5.95 17.46
N ASN A 26 5.19 -4.73 17.04
CA ASN A 26 6.26 -3.74 17.35
C ASN A 26 5.97 -3.03 18.67
N PRO A 27 7.03 -2.72 19.38
CA PRO A 27 6.94 -2.03 20.67
C PRO A 27 6.68 -0.54 20.48
N GLY A 28 5.48 -0.17 20.10
CA GLY A 28 5.19 1.27 19.89
C GLY A 28 6.35 1.88 19.11
N ILE A 29 7.00 1.08 18.31
CA ILE A 29 8.16 1.55 17.52
C ILE A 29 7.94 2.99 17.04
N LYS A 30 9.00 3.73 16.85
CA LYS A 30 8.85 5.14 16.39
C LYS A 30 8.53 5.17 14.90
N VAL A 31 8.28 6.32 14.36
CA VAL A 31 7.95 6.44 12.92
C VAL A 31 9.23 6.32 12.09
N THR A 32 10.37 6.57 12.69
CA THR A 32 11.65 6.47 11.93
C THR A 32 12.11 5.02 11.87
N GLU A 33 11.38 4.12 12.48
CA GLU A 33 11.78 2.69 12.46
C GLU A 33 10.60 1.82 12.02
N VAL A 34 9.46 2.41 11.82
CA VAL A 34 8.28 1.61 11.40
C VAL A 34 8.46 1.12 9.96
N ALA A 35 8.50 2.04 9.03
CA ALA A 35 8.67 1.65 7.60
C ALA A 35 9.92 0.77 7.45
N LYS A 36 10.93 1.00 8.25
CA LYS A 36 12.17 0.19 8.13
C LYS A 36 11.86 -1.26 8.57
N ARG A 37 11.03 -1.41 9.56
CA ARG A 37 10.70 -2.78 10.05
C ARG A 37 9.68 -3.42 9.10
N GLY A 38 8.95 -2.63 8.37
CA GLY A 38 7.94 -3.22 7.43
C GLY A 38 8.66 -3.88 6.25
N GLY A 39 9.91 -3.53 6.04
CA GLY A 39 10.66 -4.14 4.90
C GLY A 39 11.20 -5.52 5.32
N GLU A 40 11.12 -5.84 6.58
CA GLU A 40 11.64 -7.16 7.04
C GLU A 40 10.54 -8.21 6.87
N LEU A 41 9.31 -7.86 7.15
CA LEU A 41 8.19 -8.84 7.02
C LEU A 41 7.73 -8.89 5.56
N TRP A 42 7.85 -7.80 4.86
CA TRP A 42 7.40 -7.77 3.43
C TRP A 42 8.17 -8.82 2.63
N ARG A 43 9.47 -8.71 2.58
CA ARG A 43 10.28 -9.68 1.80
C ARG A 43 10.41 -10.99 2.58
N ALA A 44 9.95 -11.03 3.80
CA ALA A 44 10.08 -12.28 4.60
C ALA A 44 8.71 -12.88 4.90
N MET A 45 7.65 -12.30 4.39
CA MET A 45 6.30 -12.86 4.67
C MET A 45 6.05 -14.05 3.75
N LYS A 46 5.15 -13.94 2.82
CA LYS A 46 4.87 -15.07 1.90
C LYS A 46 5.44 -14.77 0.52
N ASP A 47 4.79 -13.91 -0.23
CA ASP A 47 5.30 -13.58 -1.59
C ASP A 47 4.93 -12.12 -1.92
N LYS A 48 5.16 -11.71 -3.13
CA LYS A 48 4.81 -10.30 -3.51
C LYS A 48 3.86 -10.34 -4.71
N SER A 49 3.65 -11.48 -5.29
CA SER A 49 2.73 -11.56 -6.46
C SER A 49 1.30 -11.23 -6.00
N GLU A 50 1.05 -11.33 -4.73
CA GLU A 50 -0.31 -11.02 -4.21
C GLU A 50 -0.60 -9.54 -4.44
N TRP A 51 0.06 -8.69 -3.71
CA TRP A 51 -0.15 -7.24 -3.87
C TRP A 51 0.24 -6.83 -5.27
N GLU A 52 1.42 -7.20 -5.70
CA GLU A 52 1.89 -6.82 -7.07
C GLU A 52 0.71 -6.82 -8.05
N ALA A 53 0.00 -7.91 -8.16
CA ALA A 53 -1.15 -7.92 -9.11
C ALA A 53 -2.18 -6.89 -8.63
N LYS A 54 -2.41 -6.83 -7.35
CA LYS A 54 -3.39 -5.84 -6.81
C LYS A 54 -3.04 -4.42 -7.29
N ALA A 55 -1.77 -4.09 -7.33
CA ALA A 55 -1.39 -2.73 -7.79
C ALA A 55 -1.99 -2.50 -9.17
N ALA A 56 -2.01 -3.53 -9.98
CA ALA A 56 -2.60 -3.41 -11.34
C ALA A 56 -4.07 -3.00 -11.20
N LYS A 57 -4.78 -3.64 -10.32
CA LYS A 57 -6.21 -3.30 -10.13
C LYS A 57 -6.37 -1.81 -9.83
N ALA A 58 -5.57 -1.27 -8.95
CA ALA A 58 -5.69 0.18 -8.65
C ALA A 58 -5.44 0.97 -9.93
N LYS A 59 -4.66 0.42 -10.83
CA LYS A 59 -4.37 1.11 -12.10
C LYS A 59 -5.66 1.25 -12.91
N ASP A 60 -6.27 0.16 -13.24
CA ASP A 60 -7.53 0.21 -14.05
C ASP A 60 -8.63 0.93 -13.25
N ASP A 61 -8.55 0.91 -11.96
CA ASP A 61 -9.58 1.60 -11.13
C ASP A 61 -9.17 3.06 -10.96
N TYR A 62 -7.96 3.37 -11.28
CA TYR A 62 -7.47 4.77 -11.15
C TYR A 62 -7.80 5.55 -12.42
N ASP A 63 -7.62 4.96 -13.56
CA ASP A 63 -7.94 5.67 -14.83
C ASP A 63 -9.44 5.74 -14.98
N ARG A 64 -10.12 4.74 -14.49
CA ARG A 64 -11.60 4.72 -14.60
C ARG A 64 -12.24 5.49 -13.44
N ALA A 65 -11.70 5.38 -12.27
CA ALA A 65 -12.29 6.10 -11.10
C ALA A 65 -12.11 7.60 -11.28
N VAL A 66 -11.14 8.03 -12.04
CA VAL A 66 -10.96 9.48 -12.24
C VAL A 66 -12.13 9.99 -13.08
N LYS A 67 -12.63 9.16 -13.94
CA LYS A 67 -13.78 9.54 -14.81
C LYS A 67 -15.02 9.74 -13.93
N GLU A 68 -15.42 8.72 -13.22
CA GLU A 68 -16.59 8.86 -12.31
C GLU A 68 -16.28 9.98 -11.34
N PHE A 69 -15.03 10.09 -11.03
CA PHE A 69 -14.50 11.13 -10.11
C PHE A 69 -14.56 12.50 -10.77
N GLU A 70 -14.45 12.53 -12.06
CA GLU A 70 -14.46 13.83 -12.77
C GLU A 70 -15.91 14.18 -13.07
N ALA A 71 -16.76 13.20 -12.94
CA ALA A 71 -18.19 13.38 -13.21
C ALA A 71 -18.95 13.64 -11.91
N ASN A 72 -18.30 14.23 -10.94
CA ASN A 72 -18.98 14.50 -9.64
C ASN A 72 -19.42 15.96 -9.59
N GLY A 73 -18.83 16.81 -10.39
CA GLY A 73 -19.22 18.25 -10.38
C GLY A 73 -20.28 18.50 -11.46
N SER A 1 -18.05 0.77 1.42
CA SER A 1 -17.74 0.27 0.05
C SER A 1 -17.77 1.43 -0.95
N ASP A 2 -17.48 2.62 -0.49
CA ASP A 2 -17.50 3.79 -1.41
C ASP A 2 -16.07 4.13 -1.83
N LYS A 3 -15.24 4.50 -0.90
CA LYS A 3 -13.82 4.85 -1.24
C LYS A 3 -13.11 3.60 -1.78
N PRO A 4 -12.27 3.81 -2.77
CA PRO A 4 -11.50 2.73 -3.40
C PRO A 4 -10.32 2.32 -2.54
N LYS A 5 -9.70 1.22 -2.86
CA LYS A 5 -8.52 0.75 -2.06
C LYS A 5 -7.30 1.59 -2.40
N ARG A 6 -7.21 2.76 -1.82
CA ARG A 6 -6.07 3.70 -2.04
C ARG A 6 -4.92 3.04 -2.82
N PRO A 7 -4.64 3.60 -3.98
CA PRO A 7 -3.58 3.14 -4.89
C PRO A 7 -2.21 3.63 -4.41
N LEU A 8 -1.21 2.79 -4.52
CA LEU A 8 0.16 3.21 -4.08
C LEU A 8 1.14 2.05 -4.23
N SER A 9 2.35 2.28 -3.85
CA SER A 9 3.41 1.23 -3.96
C SER A 9 2.91 -0.12 -3.43
N ALA A 10 3.27 -1.18 -4.09
CA ALA A 10 2.85 -2.54 -3.64
C ALA A 10 3.37 -2.78 -2.23
N TYR A 11 4.62 -2.51 -2.00
CA TYR A 11 5.20 -2.72 -0.65
C TYR A 11 4.31 -2.02 0.38
N MET A 12 3.60 -1.01 -0.03
CA MET A 12 2.70 -0.30 0.90
C MET A 12 1.46 -1.16 1.15
N LEU A 13 0.90 -1.73 0.12
CA LEU A 13 -0.31 -2.58 0.32
C LEU A 13 -0.04 -3.56 1.45
N TRP A 14 1.06 -4.26 1.37
CA TRP A 14 1.39 -5.25 2.44
C TRP A 14 1.56 -4.53 3.77
N LEU A 15 2.19 -3.38 3.77
CA LEU A 15 2.39 -2.64 5.04
C LEU A 15 1.03 -2.21 5.61
N ASN A 16 0.02 -2.14 4.79
CA ASN A 16 -1.32 -1.73 5.28
C ASN A 16 -1.99 -2.91 6.00
N SER A 17 -1.71 -4.11 5.58
CA SER A 17 -2.33 -5.30 6.24
C SER A 17 -1.47 -5.72 7.43
N ALA A 18 -0.26 -5.22 7.52
CA ALA A 18 0.62 -5.60 8.66
C ALA A 18 0.78 -4.40 9.60
N ARG A 19 0.39 -3.23 9.17
CA ARG A 19 0.53 -2.03 10.03
C ARG A 19 -0.31 -2.20 11.30
N GLU A 20 -1.25 -3.11 11.30
CA GLU A 20 -2.08 -3.31 12.51
C GLU A 20 -1.30 -4.15 13.52
N SER A 21 -1.04 -5.39 13.19
CA SER A 21 -0.26 -6.25 14.11
C SER A 21 1.14 -5.65 14.30
N ILE A 22 1.49 -4.71 13.47
CA ILE A 22 2.84 -4.09 13.59
C ILE A 22 2.78 -2.97 14.64
N LYS A 23 1.80 -2.12 14.55
CA LYS A 23 1.70 -1.01 15.52
C LYS A 23 1.26 -1.54 16.89
N ARG A 24 0.67 -2.71 16.93
CA ARG A 24 0.22 -3.26 18.23
C ARG A 24 1.40 -3.93 18.95
N GLU A 25 2.20 -4.66 18.23
CA GLU A 25 3.37 -5.33 18.88
C GLU A 25 4.50 -4.31 19.07
N ASN A 26 4.48 -3.24 18.34
CA ASN A 26 5.56 -2.22 18.49
C ASN A 26 5.08 -1.06 19.37
N PRO A 27 6.01 -0.47 20.08
CA PRO A 27 5.72 0.65 20.98
C PRO A 27 5.54 1.94 20.19
N GLY A 28 4.44 2.09 19.50
CA GLY A 28 4.23 3.32 18.70
C GLY A 28 5.53 3.61 17.94
N ILE A 29 6.26 2.57 17.64
CA ILE A 29 7.54 2.70 16.92
C ILE A 29 7.47 3.84 15.90
N LYS A 30 8.56 4.53 15.70
CA LYS A 30 8.56 5.66 14.73
C LYS A 30 8.49 5.12 13.30
N VAL A 31 8.41 5.98 12.33
CA VAL A 31 8.35 5.52 10.92
C VAL A 31 9.75 5.08 10.46
N THR A 32 10.77 5.71 10.98
CA THR A 32 12.16 5.32 10.57
C THR A 32 12.44 3.90 11.04
N GLU A 33 11.63 3.38 11.93
CA GLU A 33 11.84 2.00 12.42
C GLU A 33 10.66 1.12 12.02
N VAL A 34 9.56 1.71 11.65
CA VAL A 34 8.37 0.92 11.25
C VAL A 34 8.63 0.25 9.89
N ALA A 35 9.36 0.92 9.03
CA ALA A 35 9.65 0.34 7.69
C ALA A 35 10.75 -0.72 7.84
N LYS A 36 11.54 -0.62 8.86
CA LYS A 36 12.62 -1.62 9.07
C LYS A 36 12.01 -3.02 9.18
N ARG A 37 11.11 -3.21 10.10
CA ARG A 37 10.47 -4.55 10.25
C ARG A 37 9.58 -4.82 9.04
N GLY A 38 9.01 -3.80 8.47
CA GLY A 38 8.13 -4.01 7.29
C GLY A 38 8.98 -4.44 6.09
N GLY A 39 10.27 -4.31 6.20
CA GLY A 39 11.15 -4.71 5.07
C GLY A 39 11.66 -6.13 5.30
N GLU A 40 11.46 -6.67 6.46
CA GLU A 40 11.94 -8.05 6.74
C GLU A 40 10.83 -9.06 6.44
N LEU A 41 9.60 -8.64 6.55
CA LEU A 41 8.47 -9.57 6.26
C LEU A 41 8.01 -9.38 4.82
N TRP A 42 8.15 -8.18 4.30
CA TRP A 42 7.72 -7.92 2.90
C TRP A 42 8.56 -8.75 1.93
N ARG A 43 9.82 -8.91 2.20
CA ARG A 43 10.69 -9.69 1.28
C ARG A 43 10.74 -11.16 1.71
N ALA A 44 10.12 -11.49 2.80
CA ALA A 44 10.17 -12.92 3.27
C ALA A 44 8.76 -13.42 3.61
N MET A 45 7.75 -12.67 3.27
CA MET A 45 6.37 -13.13 3.57
C MET A 45 5.95 -14.21 2.57
N LYS A 46 5.03 -13.92 1.70
CA LYS A 46 4.59 -14.93 0.71
C LYS A 46 5.20 -14.59 -0.65
N ASP A 47 4.62 -13.66 -1.35
CA ASP A 47 5.15 -13.26 -2.68
C ASP A 47 4.99 -11.75 -2.85
N LYS A 48 5.96 -11.08 -3.40
CA LYS A 48 5.86 -9.61 -3.58
C LYS A 48 4.99 -9.31 -4.81
N SER A 49 4.72 -10.30 -5.61
CA SER A 49 3.88 -10.06 -6.81
C SER A 49 2.41 -9.99 -6.41
N GLU A 50 2.12 -10.32 -5.18
CA GLU A 50 0.70 -10.27 -4.72
C GLU A 50 0.19 -8.83 -4.72
N TRP A 51 0.89 -7.97 -4.04
CA TRP A 51 0.48 -6.55 -3.98
C TRP A 51 0.87 -5.82 -5.26
N GLU A 52 1.95 -6.21 -5.88
CA GLU A 52 2.35 -5.51 -7.12
C GLU A 52 1.20 -5.58 -8.12
N ALA A 53 0.69 -6.75 -8.35
CA ALA A 53 -0.45 -6.88 -9.30
C ALA A 53 -1.70 -6.32 -8.64
N LYS A 54 -1.74 -6.36 -7.33
CA LYS A 54 -2.92 -5.83 -6.60
C LYS A 54 -3.01 -4.32 -6.83
N ALA A 55 -1.90 -3.67 -7.01
CA ALA A 55 -1.93 -2.20 -7.24
C ALA A 55 -2.66 -1.92 -8.55
N ALA A 56 -2.46 -2.75 -9.53
CA ALA A 56 -3.14 -2.55 -10.83
C ALA A 56 -4.65 -2.71 -10.64
N LYS A 57 -5.05 -3.80 -10.06
CA LYS A 57 -6.50 -4.03 -9.83
C LYS A 57 -7.09 -2.84 -9.07
N ALA A 58 -6.36 -2.31 -8.13
CA ALA A 58 -6.88 -1.14 -7.37
C ALA A 58 -7.02 0.04 -8.33
N LYS A 59 -6.14 0.13 -9.28
CA LYS A 59 -6.20 1.24 -10.26
C LYS A 59 -7.53 1.20 -11.01
N ASP A 60 -7.81 0.10 -11.63
CA ASP A 60 -9.09 -0.03 -12.39
C ASP A 60 -10.28 0.17 -11.43
N ASP A 61 -10.24 -0.45 -10.29
CA ASP A 61 -11.36 -0.32 -9.32
C ASP A 61 -11.28 1.05 -8.65
N TYR A 62 -10.20 1.75 -8.85
CA TYR A 62 -10.04 3.09 -8.22
C TYR A 62 -10.61 4.17 -9.14
N ASP A 63 -10.51 3.99 -10.42
CA ASP A 63 -11.06 5.00 -11.36
C ASP A 63 -12.56 4.84 -11.41
N ARG A 64 -13.02 3.63 -11.35
CA ARG A 64 -14.47 3.36 -11.41
C ARG A 64 -15.10 3.52 -10.02
N ALA A 65 -14.42 3.08 -9.00
CA ALA A 65 -15.00 3.19 -7.62
C ALA A 65 -15.02 4.65 -7.16
N VAL A 66 -14.18 5.49 -7.70
CA VAL A 66 -14.21 6.91 -7.26
C VAL A 66 -15.53 7.54 -7.69
N LYS A 67 -16.07 7.09 -8.79
CA LYS A 67 -17.36 7.64 -9.29
C LYS A 67 -18.48 7.25 -8.31
N GLU A 68 -18.63 5.99 -8.04
CA GLU A 68 -19.67 5.55 -7.07
C GLU A 68 -19.34 6.22 -5.74
N PHE A 69 -18.07 6.40 -5.54
CA PHE A 69 -17.52 7.05 -4.32
C PHE A 69 -17.83 8.54 -4.33
N GLU A 70 -17.94 9.09 -5.50
CA GLU A 70 -18.20 10.55 -5.60
C GLU A 70 -19.70 10.74 -5.46
N ALA A 71 -20.42 9.70 -5.73
CA ALA A 71 -21.89 9.72 -5.65
C ALA A 71 -22.34 9.67 -4.18
N ASN A 72 -21.55 9.04 -3.35
CA ASN A 72 -21.92 8.94 -1.91
C ASN A 72 -20.85 9.64 -1.06
N GLY A 73 -21.10 10.86 -0.65
CA GLY A 73 -20.11 11.59 0.18
C GLY A 73 -20.20 13.08 -0.12
N SER A 1 -9.68 16.91 -3.70
CA SER A 1 -8.69 15.90 -4.16
C SER A 1 -9.42 14.76 -4.88
N ASP A 2 -8.83 14.21 -5.89
CA ASP A 2 -9.50 13.10 -6.63
C ASP A 2 -9.85 11.99 -5.65
N LYS A 3 -10.88 11.22 -5.94
CA LYS A 3 -11.26 10.12 -5.00
C LYS A 3 -11.07 8.73 -5.65
N PRO A 4 -10.05 8.54 -6.46
CA PRO A 4 -9.77 7.24 -7.09
C PRO A 4 -9.16 6.27 -6.09
N LYS A 5 -9.02 5.04 -6.49
CA LYS A 5 -8.42 4.02 -5.58
C LYS A 5 -6.94 4.35 -5.34
N ARG A 6 -6.67 5.21 -4.39
CA ARG A 6 -5.27 5.62 -4.07
C ARG A 6 -4.25 4.53 -4.47
N PRO A 7 -3.43 4.87 -5.44
CA PRO A 7 -2.39 3.98 -5.98
C PRO A 7 -1.14 4.01 -5.10
N LEU A 8 -0.51 2.88 -4.92
CA LEU A 8 0.70 2.82 -4.06
C LEU A 8 1.52 1.57 -4.39
N SER A 9 2.77 1.56 -4.03
CA SER A 9 3.64 0.39 -4.34
C SER A 9 3.11 -0.88 -3.67
N ALA A 10 3.40 -2.00 -4.24
CA ALA A 10 2.91 -3.28 -3.65
C ALA A 10 3.39 -3.39 -2.19
N TYR A 11 4.64 -3.12 -1.95
CA TYR A 11 5.17 -3.21 -0.57
C TYR A 11 4.26 -2.45 0.38
N MET A 12 3.60 -1.42 -0.11
CA MET A 12 2.70 -0.63 0.76
C MET A 12 1.39 -1.40 0.98
N LEU A 13 0.83 -2.00 -0.04
CA LEU A 13 -0.44 -2.75 0.17
C LEU A 13 -0.25 -3.71 1.33
N TRP A 14 0.79 -4.50 1.29
CA TRP A 14 1.04 -5.45 2.41
C TRP A 14 1.22 -4.65 3.70
N LEU A 15 1.88 -3.53 3.62
CA LEU A 15 2.10 -2.69 4.83
C LEU A 15 0.74 -2.44 5.51
N ASN A 16 -0.30 -2.29 4.74
CA ASN A 16 -1.64 -2.04 5.34
C ASN A 16 -2.12 -3.30 6.05
N SER A 17 -1.81 -4.45 5.52
CA SER A 17 -2.24 -5.72 6.17
C SER A 17 -1.35 -6.01 7.37
N ALA A 18 -0.27 -5.29 7.52
CA ALA A 18 0.63 -5.52 8.68
C ALA A 18 0.73 -4.26 9.52
N ARG A 19 0.04 -3.21 9.13
CA ARG A 19 0.11 -1.94 9.90
C ARG A 19 -0.43 -2.17 11.32
N GLU A 20 -1.42 -3.02 11.46
CA GLU A 20 -1.97 -3.28 12.82
C GLU A 20 -1.00 -4.15 13.60
N SER A 21 -0.63 -5.26 13.05
CA SER A 21 0.32 -6.16 13.76
C SER A 21 1.70 -5.50 13.79
N ILE A 22 1.87 -4.41 13.09
CA ILE A 22 3.19 -3.72 13.09
C ILE A 22 3.22 -2.72 14.24
N LYS A 23 2.20 -1.94 14.40
CA LYS A 23 2.18 -0.94 15.48
C LYS A 23 2.07 -1.65 16.83
N ARG A 24 1.60 -2.87 16.84
CA ARG A 24 1.47 -3.61 18.13
C ARG A 24 2.75 -4.38 18.41
N GLU A 25 3.12 -5.29 17.55
CA GLU A 25 4.37 -6.08 17.78
C GLU A 25 5.52 -5.14 18.14
N ASN A 26 5.51 -3.94 17.62
CA ASN A 26 6.61 -2.98 17.93
C ASN A 26 6.22 -2.11 19.12
N PRO A 27 7.22 -1.56 19.75
CA PRO A 27 7.04 -0.67 20.89
C PRO A 27 6.52 0.67 20.38
N GLY A 28 6.92 1.76 20.97
CA GLY A 28 6.47 3.07 20.44
C GLY A 28 7.41 3.45 19.29
N ILE A 29 7.83 2.48 18.52
CA ILE A 29 8.75 2.71 17.39
C ILE A 29 8.44 4.05 16.71
N LYS A 30 9.43 4.67 16.13
CA LYS A 30 9.19 5.96 15.44
C LYS A 30 8.41 5.70 14.14
N VAL A 31 8.06 6.73 13.43
CA VAL A 31 7.32 6.55 12.17
C VAL A 31 8.31 6.19 11.05
N THR A 32 9.54 6.60 11.19
CA THR A 32 10.55 6.29 10.15
C THR A 32 11.07 4.86 10.33
N GLU A 33 10.60 4.17 11.34
CA GLU A 33 11.06 2.77 11.56
C GLU A 33 9.87 1.82 11.48
N VAL A 34 8.68 2.33 11.63
CA VAL A 34 7.48 1.45 11.56
C VAL A 34 7.44 0.76 10.20
N ALA A 35 7.87 1.45 9.17
CA ALA A 35 7.86 0.84 7.82
C ALA A 35 9.17 0.08 7.60
N LYS A 36 10.21 0.47 8.28
CA LYS A 36 11.52 -0.23 8.11
C LYS A 36 11.37 -1.69 8.57
N ARG A 37 10.99 -1.88 9.80
CA ARG A 37 10.83 -3.27 10.32
C ARG A 37 9.72 -3.97 9.56
N GLY A 38 8.87 -3.23 8.91
CA GLY A 38 7.75 -3.86 8.15
C GLY A 38 8.31 -4.57 6.92
N GLY A 39 9.38 -4.07 6.37
CA GLY A 39 9.98 -4.72 5.17
C GLY A 39 10.52 -6.10 5.55
N GLU A 40 10.67 -6.36 6.82
CA GLU A 40 11.19 -7.70 7.25
C GLU A 40 10.18 -8.79 6.90
N LEU A 41 8.92 -8.54 7.16
CA LEU A 41 7.88 -9.57 6.85
C LEU A 41 7.53 -9.50 5.37
N TRP A 42 7.68 -8.35 4.77
CA TRP A 42 7.34 -8.22 3.32
C TRP A 42 8.12 -9.25 2.50
N ARG A 43 9.43 -9.21 2.59
CA ARG A 43 10.25 -10.18 1.81
C ARG A 43 10.36 -11.51 2.58
N ALA A 44 9.64 -11.64 3.65
CA ALA A 44 9.72 -12.92 4.43
C ALA A 44 8.34 -13.57 4.50
N MET A 45 7.35 -12.96 3.94
CA MET A 45 5.98 -13.55 3.98
C MET A 45 5.86 -14.62 2.89
N LYS A 46 5.07 -14.39 1.89
CA LYS A 46 4.91 -15.40 0.81
C LYS A 46 5.57 -14.90 -0.48
N ASP A 47 4.86 -14.15 -1.27
CA ASP A 47 5.44 -13.63 -2.54
C ASP A 47 5.10 -12.15 -2.67
N LYS A 48 5.55 -11.51 -3.73
CA LYS A 48 5.25 -10.06 -3.92
C LYS A 48 4.36 -9.88 -5.14
N SER A 49 4.28 -10.87 -5.99
CA SER A 49 3.42 -10.75 -7.20
C SER A 49 1.97 -10.61 -6.76
N GLU A 50 1.69 -10.88 -5.51
CA GLU A 50 0.30 -10.75 -5.01
C GLU A 50 -0.09 -9.27 -4.99
N TRP A 51 0.47 -8.53 -4.09
CA TRP A 51 0.16 -7.08 -4.04
C TRP A 51 0.54 -6.46 -5.37
N GLU A 52 1.75 -6.69 -5.78
CA GLU A 52 2.24 -6.11 -7.07
C GLU A 52 1.09 -6.04 -8.10
N ALA A 53 0.59 -7.17 -8.52
CA ALA A 53 -0.53 -7.15 -9.51
C ALA A 53 -1.65 -6.25 -8.99
N LYS A 54 -1.95 -6.34 -7.73
CA LYS A 54 -3.04 -5.50 -7.16
C LYS A 54 -2.75 -4.02 -7.40
N ALA A 55 -1.52 -3.60 -7.24
CA ALA A 55 -1.19 -2.17 -7.47
C ALA A 55 -1.64 -1.80 -8.88
N ALA A 56 -1.59 -2.74 -9.78
CA ALA A 56 -2.01 -2.46 -11.18
C ALA A 56 -3.51 -2.17 -11.21
N LYS A 57 -4.28 -2.97 -10.53
CA LYS A 57 -5.75 -2.76 -10.50
C LYS A 57 -6.06 -1.34 -10.00
N ALA A 58 -5.37 -0.89 -9.00
CA ALA A 58 -5.64 0.49 -8.49
C ALA A 58 -5.31 1.49 -9.59
N LYS A 59 -4.40 1.12 -10.47
CA LYS A 59 -4.01 2.02 -11.57
C LYS A 59 -5.19 2.22 -12.52
N ASP A 60 -5.67 1.15 -13.10
CA ASP A 60 -6.81 1.27 -14.05
C ASP A 60 -8.05 1.81 -13.33
N ASP A 61 -8.20 1.51 -12.07
CA ASP A 61 -9.37 2.01 -11.32
C ASP A 61 -9.12 3.47 -10.90
N TYR A 62 -7.90 3.91 -11.02
CA TYR A 62 -7.56 5.30 -10.62
C TYR A 62 -7.85 6.25 -11.79
N ASP A 63 -7.46 5.90 -12.98
CA ASP A 63 -7.73 6.79 -14.14
C ASP A 63 -9.21 6.72 -14.47
N ARG A 64 -9.78 5.57 -14.29
CA ARG A 64 -11.22 5.38 -14.60
C ARG A 64 -12.09 5.93 -13.47
N ALA A 65 -11.66 5.76 -12.25
CA ALA A 65 -12.49 6.25 -11.09
C ALA A 65 -12.43 7.77 -10.98
N VAL A 66 -11.38 8.40 -11.44
CA VAL A 66 -11.34 9.89 -11.33
C VAL A 66 -12.42 10.48 -12.22
N LYS A 67 -12.58 9.93 -13.39
CA LYS A 67 -13.62 10.45 -14.33
C LYS A 67 -14.99 10.38 -13.66
N GLU A 68 -15.39 9.21 -13.23
CA GLU A 68 -16.69 9.06 -12.55
C GLU A 68 -16.69 9.98 -11.33
N PHE A 69 -15.53 10.12 -10.77
CA PHE A 69 -15.31 10.97 -9.57
C PHE A 69 -15.42 12.45 -9.95
N GLU A 70 -15.08 12.77 -11.16
CA GLU A 70 -15.11 14.19 -11.58
C GLU A 70 -16.47 14.48 -12.20
N ALA A 71 -17.22 13.44 -12.40
CA ALA A 71 -18.56 13.57 -13.01
C ALA A 71 -19.62 13.77 -11.92
N ASN A 72 -19.22 14.29 -10.79
CA ASN A 72 -20.19 14.51 -9.68
C ASN A 72 -20.55 16.00 -9.61
N GLY A 73 -20.88 16.60 -10.71
CA GLY A 73 -21.24 18.04 -10.70
C GLY A 73 -22.22 18.34 -11.83
N SER A 1 3.94 18.63 -8.35
CA SER A 1 4.14 17.28 -8.94
C SER A 1 2.78 16.62 -9.19
N ASP A 2 1.83 17.36 -9.68
CA ASP A 2 0.48 16.79 -9.94
C ASP A 2 -0.14 16.30 -8.64
N LYS A 3 -1.43 16.09 -8.62
CA LYS A 3 -2.09 15.62 -7.39
C LYS A 3 -2.98 14.38 -7.65
N PRO A 4 -2.57 13.51 -8.55
CA PRO A 4 -3.34 12.29 -8.85
C PRO A 4 -3.10 11.22 -7.78
N LYS A 5 -3.93 10.22 -7.77
CA LYS A 5 -3.73 9.13 -6.78
C LYS A 5 -2.73 8.15 -7.37
N ARG A 6 -1.48 8.53 -7.38
CA ARG A 6 -0.42 7.67 -7.97
C ARG A 6 -0.47 6.26 -7.38
N PRO A 7 -0.05 5.31 -8.19
CA PRO A 7 -0.01 3.88 -7.80
C PRO A 7 1.14 3.62 -6.83
N LEU A 8 0.89 2.83 -5.83
CA LEU A 8 1.97 2.52 -4.84
C LEU A 8 2.64 1.19 -5.19
N SER A 9 3.62 0.83 -4.42
CA SER A 9 4.34 -0.45 -4.69
C SER A 9 3.66 -1.61 -3.95
N ALA A 10 3.90 -2.81 -4.38
CA ALA A 10 3.27 -3.99 -3.73
C ALA A 10 3.70 -4.02 -2.25
N TYR A 11 4.95 -3.76 -1.98
CA TYR A 11 5.42 -3.76 -0.57
C TYR A 11 4.56 -2.81 0.24
N MET A 12 4.02 -1.80 -0.40
CA MET A 12 3.15 -0.84 0.33
C MET A 12 1.81 -1.50 0.63
N LEU A 13 1.26 -2.24 -0.30
CA LEU A 13 -0.05 -2.90 -0.03
C LEU A 13 0.07 -3.72 1.24
N TRP A 14 0.99 -4.64 1.25
CA TRP A 14 1.17 -5.50 2.45
C TRP A 14 1.45 -4.61 3.67
N LEU A 15 2.13 -3.53 3.46
CA LEU A 15 2.44 -2.60 4.58
C LEU A 15 1.14 -2.05 5.19
N ASN A 16 0.14 -1.81 4.37
CA ASN A 16 -1.13 -1.27 4.89
C ASN A 16 -1.94 -2.38 5.56
N SER A 17 -1.53 -3.60 5.42
CA SER A 17 -2.28 -4.72 6.05
C SER A 17 -1.53 -5.16 7.32
N ALA A 18 -0.31 -4.71 7.49
CA ALA A 18 0.46 -5.11 8.71
C ALA A 18 0.72 -3.88 9.57
N ARG A 19 0.29 -2.73 9.14
CA ARG A 19 0.51 -1.50 9.95
C ARG A 19 -0.22 -1.60 11.28
N GLU A 20 -1.20 -2.47 11.37
CA GLU A 20 -1.95 -2.62 12.65
C GLU A 20 -1.12 -3.50 13.59
N SER A 21 -0.94 -4.73 13.24
CA SER A 21 -0.14 -5.63 14.12
C SER A 21 1.27 -5.08 14.23
N ILE A 22 1.63 -4.16 13.38
CA ILE A 22 3.00 -3.57 13.43
C ILE A 22 3.02 -2.47 14.50
N LYS A 23 2.10 -1.55 14.43
CA LYS A 23 2.08 -0.46 15.43
C LYS A 23 1.76 -1.04 16.81
N ARG A 24 1.11 -2.17 16.86
CA ARG A 24 0.77 -2.78 18.17
C ARG A 24 1.98 -3.57 18.68
N GLU A 25 2.31 -4.65 18.03
CA GLU A 25 3.48 -5.47 18.48
C GLU A 25 4.65 -4.54 18.78
N ASN A 26 4.71 -3.41 18.13
CA ASN A 26 5.83 -2.47 18.38
C ASN A 26 5.45 -1.49 19.51
N PRO A 27 6.44 -1.09 20.26
CA PRO A 27 6.26 -0.16 21.37
C PRO A 27 6.11 1.27 20.85
N GLY A 28 5.01 1.59 20.22
CA GLY A 28 4.85 2.96 19.68
C GLY A 28 6.14 3.33 18.95
N ILE A 29 6.82 2.33 18.45
CA ILE A 29 8.10 2.56 17.73
C ILE A 29 8.03 3.83 16.89
N LYS A 30 9.15 4.44 16.64
CA LYS A 30 9.16 5.69 15.82
C LYS A 30 8.42 5.44 14.51
N VAL A 31 8.08 6.49 13.81
CA VAL A 31 7.37 6.33 12.53
C VAL A 31 8.39 5.96 11.43
N THR A 32 9.60 6.44 11.55
CA THR A 32 10.63 6.11 10.53
C THR A 32 11.13 4.68 10.73
N GLU A 33 11.01 4.17 11.93
CA GLU A 33 11.47 2.77 12.19
C GLU A 33 10.29 1.81 12.06
N VAL A 34 9.16 2.30 11.63
CA VAL A 34 7.96 1.42 11.49
C VAL A 34 8.05 0.66 10.16
N ALA A 35 8.57 1.28 9.14
CA ALA A 35 8.68 0.59 7.83
C ALA A 35 9.87 -0.36 7.84
N LYS A 36 10.85 -0.08 8.66
CA LYS A 36 12.04 -0.97 8.74
C LYS A 36 11.63 -2.34 9.28
N ARG A 37 10.92 -2.36 10.37
CA ARG A 37 10.48 -3.66 10.96
C ARG A 37 9.54 -4.37 9.97
N GLY A 38 8.72 -3.64 9.29
CA GLY A 38 7.78 -4.28 8.31
C GLY A 38 8.58 -4.93 7.19
N GLY A 39 9.70 -4.35 6.82
CA GLY A 39 10.52 -4.94 5.73
C GLY A 39 11.04 -6.31 6.15
N GLU A 40 11.24 -6.52 7.42
CA GLU A 40 11.75 -7.84 7.90
C GLU A 40 10.75 -8.93 7.53
N LEU A 41 9.50 -8.58 7.38
CA LEU A 41 8.48 -9.59 7.02
C LEU A 41 8.26 -9.60 5.50
N TRP A 42 8.34 -8.44 4.89
CA TRP A 42 8.14 -8.37 3.41
C TRP A 42 9.27 -9.11 2.69
N ARG A 43 10.29 -9.47 3.41
CA ARG A 43 11.43 -10.18 2.77
C ARG A 43 10.97 -11.54 2.25
N ALA A 44 10.56 -12.41 3.13
CA ALA A 44 10.09 -13.76 2.68
C ALA A 44 9.00 -13.59 1.63
N MET A 45 8.26 -12.52 1.74
CA MET A 45 7.15 -12.24 0.77
C MET A 45 7.46 -12.80 -0.63
N LYS A 46 8.70 -12.78 -1.04
CA LYS A 46 9.12 -13.31 -2.37
C LYS A 46 7.96 -13.32 -3.38
N ASP A 47 7.10 -14.31 -3.34
CA ASP A 47 5.98 -14.34 -4.32
C ASP A 47 4.89 -13.38 -3.84
N LYS A 48 5.04 -12.12 -4.17
CA LYS A 48 4.02 -11.11 -3.75
C LYS A 48 2.93 -10.99 -4.82
N SER A 49 2.83 -11.96 -5.68
CA SER A 49 1.78 -11.88 -6.75
C SER A 49 0.46 -11.42 -6.13
N GLU A 50 0.26 -11.64 -4.87
CA GLU A 50 -1.01 -11.20 -4.21
C GLU A 50 -1.15 -9.69 -4.33
N TRP A 51 -0.29 -8.97 -3.68
CA TRP A 51 -0.34 -7.49 -3.73
C TRP A 51 -0.06 -7.02 -5.14
N GLU A 52 1.02 -7.48 -5.72
CA GLU A 52 1.38 -7.05 -7.10
C GLU A 52 0.11 -6.89 -7.95
N ALA A 53 -0.67 -7.93 -8.08
CA ALA A 53 -1.92 -7.81 -8.88
C ALA A 53 -2.80 -6.72 -8.27
N LYS A 54 -2.87 -6.69 -6.97
CA LYS A 54 -3.71 -5.65 -6.28
C LYS A 54 -3.30 -4.24 -6.74
N ALA A 55 -2.04 -3.99 -6.89
CA ALA A 55 -1.61 -2.63 -7.32
C ALA A 55 -2.19 -2.33 -8.71
N ALA A 56 -2.37 -3.34 -9.51
CA ALA A 56 -2.94 -3.13 -10.86
C ALA A 56 -4.16 -2.23 -10.76
N LYS A 57 -5.05 -2.52 -9.85
CA LYS A 57 -6.27 -1.68 -9.70
C LYS A 57 -5.86 -0.20 -9.69
N ALA A 58 -5.10 0.22 -8.71
CA ALA A 58 -4.68 1.65 -8.70
C ALA A 58 -4.20 2.03 -10.08
N LYS A 59 -3.54 1.14 -10.75
CA LYS A 59 -3.04 1.45 -12.11
C LYS A 59 -4.18 1.96 -12.98
N ASP A 60 -5.18 1.16 -13.17
CA ASP A 60 -6.31 1.61 -14.03
C ASP A 60 -6.97 2.87 -13.45
N ASP A 61 -7.28 2.87 -12.19
CA ASP A 61 -7.91 4.07 -11.58
C ASP A 61 -6.86 5.18 -11.49
N TYR A 62 -5.65 4.87 -11.82
CA TYR A 62 -4.55 5.88 -11.75
C TYR A 62 -4.41 6.61 -13.08
N ASP A 63 -4.17 5.91 -14.14
CA ASP A 63 -4.04 6.59 -15.45
C ASP A 63 -5.38 7.18 -15.81
N ARG A 64 -6.42 6.50 -15.45
CA ARG A 64 -7.79 6.97 -15.76
C ARG A 64 -8.19 8.13 -14.84
N ALA A 65 -7.86 8.05 -13.58
CA ALA A 65 -8.24 9.14 -12.63
C ALA A 65 -7.45 10.40 -12.91
N VAL A 66 -6.17 10.31 -13.09
CA VAL A 66 -5.39 11.54 -13.38
C VAL A 66 -6.01 12.24 -14.56
N LYS A 67 -6.30 11.52 -15.62
CA LYS A 67 -6.94 12.16 -16.81
C LYS A 67 -8.04 13.11 -16.35
N GLU A 68 -8.78 12.73 -15.34
CA GLU A 68 -9.85 13.60 -14.82
C GLU A 68 -9.17 14.77 -14.11
N PHE A 69 -8.27 14.43 -13.26
CA PHE A 69 -7.46 15.42 -12.50
C PHE A 69 -6.79 16.42 -13.44
N GLU A 70 -6.53 16.01 -14.64
CA GLU A 70 -5.83 16.90 -15.60
C GLU A 70 -6.89 17.58 -16.45
N ALA A 71 -8.03 16.95 -16.52
CA ALA A 71 -9.15 17.50 -17.31
C ALA A 71 -9.61 18.83 -16.71
N ASN A 72 -9.34 19.04 -15.45
CA ASN A 72 -9.75 20.31 -14.79
C ASN A 72 -8.72 21.41 -15.12
N GLY A 73 -7.48 21.04 -15.25
CA GLY A 73 -6.42 22.05 -15.56
C GLY A 73 -6.06 22.81 -14.28
N SER A 1 -15.84 11.56 -3.32
CA SER A 1 -14.55 12.32 -3.30
C SER A 1 -14.28 12.88 -4.70
N ASP A 2 -13.05 13.20 -4.98
CA ASP A 2 -12.72 13.75 -6.33
C ASP A 2 -11.55 12.96 -6.92
N LYS A 3 -10.42 12.99 -6.27
CA LYS A 3 -9.23 12.24 -6.78
C LYS A 3 -9.38 10.76 -6.41
N PRO A 4 -9.01 9.90 -7.34
CA PRO A 4 -9.08 8.44 -7.14
C PRO A 4 -7.93 7.94 -6.28
N LYS A 5 -8.04 6.75 -5.78
CA LYS A 5 -6.96 6.18 -4.94
C LYS A 5 -5.67 6.08 -5.77
N ARG A 6 -4.76 6.99 -5.56
CA ARG A 6 -3.49 6.96 -6.34
C ARG A 6 -2.83 5.58 -6.21
N PRO A 7 -2.29 5.10 -7.31
CA PRO A 7 -1.59 3.80 -7.35
C PRO A 7 -0.25 3.88 -6.62
N LEU A 8 0.13 2.85 -5.93
CA LEU A 8 1.43 2.86 -5.20
C LEU A 8 2.16 1.56 -5.44
N SER A 9 3.20 1.36 -4.69
CA SER A 9 4.01 0.12 -4.85
C SER A 9 3.36 -1.04 -4.09
N ALA A 10 3.57 -2.24 -4.57
CA ALA A 10 2.98 -3.42 -3.87
C ALA A 10 3.54 -3.50 -2.44
N TYR A 11 4.82 -3.33 -2.29
CA TYR A 11 5.42 -3.37 -0.94
C TYR A 11 4.65 -2.41 -0.04
N MET A 12 4.05 -1.41 -0.61
CA MET A 12 3.29 -0.42 0.19
C MET A 12 1.95 -1.04 0.62
N LEU A 13 1.24 -1.64 -0.28
CA LEU A 13 -0.07 -2.26 0.11
C LEU A 13 0.16 -3.18 1.31
N TRP A 14 1.27 -3.88 1.31
CA TRP A 14 1.55 -4.81 2.44
C TRP A 14 1.84 -4.00 3.71
N LEU A 15 2.55 -2.92 3.59
CA LEU A 15 2.86 -2.10 4.79
C LEU A 15 1.57 -1.54 5.38
N ASN A 16 0.60 -1.27 4.56
CA ASN A 16 -0.69 -0.72 5.08
C ASN A 16 -1.51 -1.85 5.71
N SER A 17 -1.39 -3.04 5.19
CA SER A 17 -2.17 -4.17 5.77
C SER A 17 -1.39 -4.75 6.95
N ALA A 18 -0.14 -4.38 7.08
CA ALA A 18 0.68 -4.90 8.22
C ALA A 18 0.85 -3.81 9.26
N ARG A 19 0.46 -2.60 8.94
CA ARG A 19 0.62 -1.49 9.92
C ARG A 19 -0.20 -1.80 11.18
N GLU A 20 -1.09 -2.74 11.11
CA GLU A 20 -1.91 -3.08 12.30
C GLU A 20 -1.08 -3.98 13.23
N SER A 21 -0.80 -5.18 12.80
CA SER A 21 0.02 -6.09 13.64
C SER A 21 1.40 -5.47 13.84
N ILE A 22 1.71 -4.46 13.06
CA ILE A 22 3.04 -3.81 13.19
C ILE A 22 2.98 -2.80 14.35
N LYS A 23 1.98 -1.97 14.36
CA LYS A 23 1.88 -0.96 15.44
C LYS A 23 1.60 -1.65 16.78
N ARG A 24 0.96 -2.78 16.75
CA ARG A 24 0.64 -3.50 18.01
C ARG A 24 1.87 -4.30 18.47
N GLU A 25 2.17 -5.38 17.80
CA GLU A 25 3.34 -6.21 18.20
C GLU A 25 4.53 -5.30 18.52
N ASN A 26 4.65 -4.19 17.86
CA ASN A 26 5.79 -3.27 18.13
C ASN A 26 5.45 -2.35 19.30
N PRO A 27 6.48 -1.92 19.99
CA PRO A 27 6.36 -1.03 21.15
C PRO A 27 6.09 0.41 20.70
N GLY A 28 4.91 0.70 20.23
CA GLY A 28 4.62 2.09 19.78
C GLY A 28 5.81 2.55 18.93
N ILE A 29 6.47 1.61 18.29
CA ILE A 29 7.65 1.95 17.45
C ILE A 29 7.45 3.28 16.73
N LYS A 30 8.51 3.99 16.48
CA LYS A 30 8.38 5.30 15.77
C LYS A 30 7.87 5.08 14.35
N VAL A 31 7.61 6.14 13.64
CA VAL A 31 7.10 6.01 12.25
C VAL A 31 8.27 5.70 11.31
N THR A 32 9.48 6.05 11.71
CA THR A 32 10.65 5.78 10.83
C THR A 32 11.12 4.34 11.05
N GLU A 33 10.93 3.81 12.23
CA GLU A 33 11.36 2.42 12.51
C GLU A 33 10.29 1.44 12.01
N VAL A 34 9.07 1.86 11.94
CA VAL A 34 8.00 0.95 11.45
C VAL A 34 8.33 0.49 10.04
N ALA A 35 9.05 1.29 9.30
CA ALA A 35 9.40 0.90 7.91
C ALA A 35 10.65 0.00 7.95
N LYS A 36 11.51 0.20 8.91
CA LYS A 36 12.73 -0.64 9.01
C LYS A 36 12.30 -2.11 9.13
N ARG A 37 11.45 -2.42 10.07
CA ARG A 37 11.00 -3.82 10.24
C ARG A 37 10.04 -4.18 9.11
N GLY A 38 9.45 -3.20 8.49
CA GLY A 38 8.50 -3.48 7.37
C GLY A 38 9.28 -3.90 6.13
N GLY A 39 10.55 -3.63 6.10
CA GLY A 39 11.39 -4.01 4.92
C GLY A 39 11.98 -5.40 5.15
N GLU A 40 12.13 -5.78 6.39
CA GLU A 40 12.71 -7.13 6.69
C GLU A 40 11.64 -8.20 6.45
N LEU A 41 10.39 -7.85 6.63
CA LEU A 41 9.31 -8.83 6.43
C LEU A 41 8.93 -8.86 4.95
N TRP A 42 8.79 -7.70 4.34
CA TRP A 42 8.42 -7.66 2.91
C TRP A 42 9.48 -8.37 2.07
N ARG A 43 10.63 -8.63 2.65
CA ARG A 43 11.70 -9.31 1.91
C ARG A 43 11.15 -10.63 1.36
N ALA A 44 10.80 -11.52 2.23
CA ALA A 44 10.26 -12.83 1.80
C ALA A 44 9.16 -13.28 2.73
N MET A 45 7.96 -12.90 2.46
CA MET A 45 6.82 -13.28 3.31
C MET A 45 6.15 -14.52 2.71
N LYS A 46 4.90 -14.43 2.36
CA LYS A 46 4.19 -15.60 1.77
C LYS A 46 4.01 -15.37 0.27
N ASP A 47 3.52 -14.22 -0.11
CA ASP A 47 3.32 -13.93 -1.56
C ASP A 47 3.38 -12.42 -1.77
N LYS A 48 4.46 -11.93 -2.32
CA LYS A 48 4.58 -10.46 -2.54
C LYS A 48 3.78 -10.08 -3.80
N SER A 49 3.72 -10.96 -4.77
CA SER A 49 2.97 -10.65 -6.01
C SER A 49 1.50 -10.39 -5.65
N GLU A 50 1.10 -10.75 -4.46
CA GLU A 50 -0.30 -10.52 -4.05
C GLU A 50 -0.64 -9.03 -4.23
N TRP A 51 0.11 -8.19 -3.60
CA TRP A 51 -0.11 -6.73 -3.71
C TRP A 51 0.29 -6.27 -5.11
N GLU A 52 1.19 -6.97 -5.71
CA GLU A 52 1.64 -6.56 -7.07
C GLU A 52 0.44 -6.58 -8.02
N ALA A 53 -0.05 -7.74 -8.37
CA ALA A 53 -1.22 -7.80 -9.29
C ALA A 53 -2.38 -7.00 -8.70
N LYS A 54 -2.48 -6.94 -7.41
CA LYS A 54 -3.59 -6.18 -6.77
C LYS A 54 -3.45 -4.70 -7.09
N ALA A 55 -2.24 -4.22 -7.14
CA ALA A 55 -2.01 -2.78 -7.45
C ALA A 55 -2.44 -2.49 -8.89
N ALA A 56 -2.14 -3.39 -9.79
CA ALA A 56 -2.52 -3.18 -11.21
C ALA A 56 -4.00 -2.80 -11.29
N LYS A 57 -4.84 -3.51 -10.60
CA LYS A 57 -6.30 -3.19 -10.65
C LYS A 57 -6.50 -1.70 -10.41
N ALA A 58 -5.97 -1.17 -9.35
CA ALA A 58 -6.15 0.30 -9.10
C ALA A 58 -5.58 1.08 -10.27
N LYS A 59 -4.57 0.55 -10.90
CA LYS A 59 -3.95 1.26 -12.05
C LYS A 59 -4.98 1.46 -13.16
N ASP A 60 -5.74 0.45 -13.44
CA ASP A 60 -6.76 0.58 -14.52
C ASP A 60 -7.91 1.48 -14.04
N ASP A 61 -8.37 1.27 -12.84
CA ASP A 61 -9.49 2.11 -12.30
C ASP A 61 -8.95 3.49 -11.90
N TYR A 62 -7.65 3.65 -11.91
CA TYR A 62 -7.04 4.93 -11.51
C TYR A 62 -6.75 5.81 -12.74
N ASP A 63 -6.25 5.22 -13.79
CA ASP A 63 -5.95 6.01 -15.01
C ASP A 63 -7.26 6.43 -15.66
N ARG A 64 -8.23 5.58 -15.59
CA ARG A 64 -9.54 5.89 -16.20
C ARG A 64 -10.36 6.80 -15.27
N ALA A 65 -10.26 6.58 -13.99
CA ALA A 65 -11.03 7.40 -13.01
C ALA A 65 -10.37 8.76 -12.80
N VAL A 66 -9.10 8.89 -13.08
CA VAL A 66 -8.44 10.20 -12.86
C VAL A 66 -8.98 11.21 -13.88
N LYS A 67 -9.26 10.77 -15.07
CA LYS A 67 -9.79 11.70 -16.10
C LYS A 67 -11.14 12.22 -15.61
N GLU A 68 -12.06 11.33 -15.36
CA GLU A 68 -13.41 11.76 -14.86
C GLU A 68 -13.20 12.60 -13.60
N PHE A 69 -12.24 12.21 -12.83
CA PHE A 69 -11.90 12.91 -11.56
C PHE A 69 -11.59 14.38 -11.82
N GLU A 70 -10.68 14.63 -12.69
CA GLU A 70 -10.29 16.03 -12.95
C GLU A 70 -11.32 16.64 -13.90
N ALA A 71 -12.15 15.80 -14.41
CA ALA A 71 -13.20 16.22 -15.36
C ALA A 71 -14.27 17.02 -14.62
N ASN A 72 -14.52 16.70 -13.38
CA ASN A 72 -15.55 17.44 -12.60
C ASN A 72 -14.90 18.09 -11.37
N GLY A 73 -14.26 19.20 -11.54
CA GLY A 73 -13.60 19.88 -10.39
C GLY A 73 -14.63 20.10 -9.28
N SER A 1 -16.63 15.06 -0.17
CA SER A 1 -15.35 15.07 -0.94
C SER A 1 -14.50 13.86 -0.53
N ASP A 2 -14.58 12.78 -1.26
CA ASP A 2 -13.78 11.58 -0.91
C ASP A 2 -12.55 11.49 -1.81
N LYS A 3 -11.41 11.20 -1.24
CA LYS A 3 -10.17 11.09 -2.05
C LYS A 3 -10.05 9.66 -2.58
N PRO A 4 -9.30 9.50 -3.65
CA PRO A 4 -9.09 8.19 -4.28
C PRO A 4 -8.11 7.33 -3.49
N LYS A 5 -8.07 6.06 -3.79
CA LYS A 5 -7.16 5.14 -3.06
C LYS A 5 -5.71 5.37 -3.47
N ARG A 6 -5.09 6.37 -2.91
CA ARG A 6 -3.67 6.70 -3.24
C ARG A 6 -2.87 5.43 -3.62
N PRO A 7 -2.36 5.45 -4.82
CA PRO A 7 -1.57 4.35 -5.40
C PRO A 7 -0.13 4.37 -4.85
N LEU A 8 0.40 3.22 -4.55
CA LEU A 8 1.78 3.15 -4.01
C LEU A 8 2.41 1.80 -4.35
N SER A 9 3.67 1.67 -4.07
CA SER A 9 4.40 0.39 -4.38
C SER A 9 3.69 -0.81 -3.75
N ALA A 10 3.94 -1.97 -4.30
CA ALA A 10 3.33 -3.21 -3.75
C ALA A 10 3.78 -3.41 -2.30
N TYR A 11 5.04 -3.19 -2.04
CA TYR A 11 5.55 -3.34 -0.65
C TYR A 11 4.69 -2.48 0.27
N MET A 12 4.09 -1.45 -0.27
CA MET A 12 3.24 -0.57 0.56
C MET A 12 1.90 -1.26 0.83
N LEU A 13 1.32 -1.89 -0.16
CA LEU A 13 0.03 -2.58 0.08
C LEU A 13 0.20 -3.54 1.26
N TRP A 14 1.15 -4.43 1.17
CA TRP A 14 1.38 -5.39 2.28
C TRP A 14 1.64 -4.60 3.57
N LEU A 15 2.29 -3.48 3.46
CA LEU A 15 2.59 -2.66 4.66
C LEU A 15 1.29 -2.31 5.40
N ASN A 16 0.25 -1.99 4.68
CA ASN A 16 -1.04 -1.63 5.34
C ASN A 16 -1.65 -2.86 6.01
N SER A 17 -1.29 -4.04 5.58
CA SER A 17 -1.88 -5.27 6.18
C SER A 17 -1.01 -5.74 7.35
N ALA A 18 0.13 -5.13 7.55
CA ALA A 18 1.02 -5.55 8.67
C ALA A 18 1.14 -4.41 9.68
N ARG A 19 0.56 -3.29 9.39
CA ARG A 19 0.65 -2.13 10.33
C ARG A 19 -0.13 -2.44 11.61
N GLU A 20 -0.96 -3.45 11.58
CA GLU A 20 -1.74 -3.79 12.81
C GLU A 20 -0.85 -4.60 13.75
N SER A 21 -0.47 -5.78 13.35
CA SER A 21 0.41 -6.61 14.22
C SER A 21 1.75 -5.88 14.39
N ILE A 22 1.99 -4.88 13.58
CA ILE A 22 3.28 -4.14 13.70
C ILE A 22 3.14 -3.06 14.79
N LYS A 23 2.10 -2.28 14.72
CA LYS A 23 1.93 -1.21 15.73
C LYS A 23 1.51 -1.80 17.07
N ARG A 24 1.04 -3.02 17.08
CA ARG A 24 0.62 -3.65 18.36
C ARG A 24 1.83 -4.27 19.06
N GLU A 25 2.80 -4.72 18.31
CA GLU A 25 4.00 -5.34 18.95
C GLU A 25 5.11 -4.29 19.07
N ASN A 26 4.91 -3.14 18.49
CA ASN A 26 5.97 -2.08 18.58
C ASN A 26 5.54 -0.99 19.56
N PRO A 27 6.53 -0.36 20.15
CA PRO A 27 6.31 0.71 21.13
C PRO A 27 5.95 2.02 20.43
N GLY A 28 4.77 2.11 19.89
CA GLY A 28 4.38 3.37 19.18
C GLY A 28 5.55 3.77 18.27
N ILE A 29 6.32 2.80 17.84
CA ILE A 29 7.48 3.07 16.97
C ILE A 29 7.16 4.19 15.97
N LYS A 30 8.18 4.82 15.46
CA LYS A 30 7.95 5.93 14.49
C LYS A 30 7.68 5.33 13.09
N VAL A 31 7.05 6.07 12.23
CA VAL A 31 6.78 5.55 10.87
C VAL A 31 8.10 5.38 10.13
N THR A 32 9.16 5.96 10.64
CA THR A 32 10.48 5.83 9.98
C THR A 32 11.04 4.42 10.23
N GLU A 33 10.85 3.90 11.41
CA GLU A 33 11.37 2.54 11.72
C GLU A 33 10.27 1.52 11.47
N VAL A 34 9.05 1.96 11.32
CA VAL A 34 7.93 1.02 11.07
C VAL A 34 8.13 0.33 9.71
N ALA A 35 8.80 1.00 8.80
CA ALA A 35 9.02 0.39 7.46
C ALA A 35 10.21 -0.58 7.53
N LYS A 36 11.17 -0.30 8.36
CA LYS A 36 12.34 -1.21 8.46
C LYS A 36 11.88 -2.57 8.99
N ARG A 37 11.04 -2.56 9.98
CA ARG A 37 10.55 -3.85 10.56
C ARG A 37 9.52 -4.46 9.59
N GLY A 38 8.91 -3.67 8.76
CA GLY A 38 7.90 -4.21 7.81
C GLY A 38 8.63 -4.85 6.63
N GLY A 39 9.84 -4.45 6.37
CA GLY A 39 10.59 -5.04 5.22
C GLY A 39 11.07 -6.44 5.59
N GLU A 40 11.22 -6.72 6.86
CA GLU A 40 11.68 -8.07 7.27
C GLU A 40 10.64 -9.12 6.88
N LEU A 41 9.37 -8.79 6.99
CA LEU A 41 8.31 -9.76 6.64
C LEU A 41 7.97 -9.64 5.15
N TRP A 42 8.03 -8.44 4.61
CA TRP A 42 7.69 -8.25 3.18
C TRP A 42 8.55 -9.17 2.31
N ARG A 43 9.85 -9.07 2.42
CA ARG A 43 10.73 -9.92 1.59
C ARG A 43 10.90 -11.30 2.23
N ALA A 44 10.27 -11.55 3.36
CA ALA A 44 10.43 -12.87 4.01
C ALA A 44 9.08 -13.57 4.14
N MET A 45 8.04 -13.00 3.59
CA MET A 45 6.71 -13.64 3.69
C MET A 45 6.59 -14.74 2.63
N LYS A 46 5.71 -14.57 1.68
CA LYS A 46 5.55 -15.61 0.63
C LYS A 46 6.00 -15.02 -0.71
N ASP A 47 5.12 -14.33 -1.39
CA ASP A 47 5.49 -13.75 -2.70
C ASP A 47 5.07 -12.28 -2.72
N LYS A 48 5.40 -11.56 -3.75
CA LYS A 48 5.01 -10.11 -3.81
C LYS A 48 4.10 -9.90 -5.03
N SER A 49 4.03 -10.85 -5.91
CA SER A 49 3.15 -10.69 -7.11
C SER A 49 1.71 -10.48 -6.66
N GLU A 50 1.42 -10.78 -5.42
CA GLU A 50 0.04 -10.59 -4.90
C GLU A 50 -0.29 -9.10 -4.91
N TRP A 51 0.35 -8.35 -4.06
CA TRP A 51 0.09 -6.90 -4.01
C TRP A 51 0.37 -6.29 -5.38
N GLU A 52 1.47 -6.67 -5.97
CA GLU A 52 1.82 -6.11 -7.32
C GLU A 52 0.56 -5.97 -8.17
N ALA A 53 -0.12 -7.05 -8.44
CA ALA A 53 -1.35 -6.96 -9.26
C ALA A 53 -2.35 -6.02 -8.57
N LYS A 54 -2.40 -6.05 -7.27
CA LYS A 54 -3.35 -5.17 -6.53
C LYS A 54 -3.07 -3.70 -6.86
N ALA A 55 -1.83 -3.34 -7.00
CA ALA A 55 -1.51 -1.92 -7.31
C ALA A 55 -2.16 -1.54 -8.64
N ALA A 56 -2.01 -2.37 -9.63
CA ALA A 56 -2.62 -2.07 -10.96
C ALA A 56 -4.09 -1.69 -10.74
N LYS A 57 -4.79 -2.48 -9.98
CA LYS A 57 -6.23 -2.18 -9.73
C LYS A 57 -6.38 -0.72 -9.29
N ALA A 58 -5.76 -0.33 -8.21
CA ALA A 58 -5.89 1.08 -7.76
C ALA A 58 -5.58 2.00 -8.94
N LYS A 59 -4.71 1.58 -9.82
CA LYS A 59 -4.36 2.41 -10.98
C LYS A 59 -5.61 2.70 -11.78
N ASP A 60 -6.28 1.68 -12.24
CA ASP A 60 -7.52 1.89 -13.04
C ASP A 60 -8.54 2.70 -12.21
N ASP A 61 -8.77 2.31 -10.99
CA ASP A 61 -9.74 3.03 -10.13
C ASP A 61 -9.17 4.40 -9.74
N TYR A 62 -7.92 4.62 -10.03
CA TYR A 62 -7.28 5.92 -9.66
C TYR A 62 -7.38 6.91 -10.82
N ASP A 63 -7.29 6.45 -12.02
CA ASP A 63 -7.38 7.38 -13.18
C ASP A 63 -8.83 7.77 -13.40
N ARG A 64 -9.70 6.83 -13.18
CA ARG A 64 -11.15 7.10 -13.36
C ARG A 64 -11.74 7.75 -12.10
N ALA A 65 -11.30 7.34 -10.95
CA ALA A 65 -11.86 7.93 -9.70
C ALA A 65 -11.29 9.33 -9.46
N VAL A 66 -10.12 9.64 -9.95
CA VAL A 66 -9.59 11.01 -9.73
C VAL A 66 -10.41 11.99 -10.55
N LYS A 67 -10.90 11.54 -11.67
CA LYS A 67 -11.74 12.41 -12.55
C LYS A 67 -13.04 12.76 -11.82
N GLU A 68 -13.78 11.76 -11.43
CA GLU A 68 -15.04 12.02 -10.68
C GLU A 68 -14.66 12.75 -9.39
N PHE A 69 -13.50 12.42 -8.91
CA PHE A 69 -12.92 13.02 -7.69
C PHE A 69 -12.53 14.47 -7.95
N GLU A 70 -12.21 14.77 -9.17
CA GLU A 70 -11.80 16.16 -9.51
C GLU A 70 -13.07 16.94 -9.81
N ALA A 71 -14.12 16.23 -10.11
CA ALA A 71 -15.41 16.84 -10.44
C ALA A 71 -16.07 17.41 -9.18
N ASN A 72 -16.22 16.59 -8.16
CA ASN A 72 -16.86 17.08 -6.91
C ASN A 72 -15.85 17.87 -6.08
N GLY A 73 -16.24 18.99 -5.53
CA GLY A 73 -15.30 19.79 -4.72
C GLY A 73 -14.02 20.04 -5.51
N SER A 1 -11.94 13.86 -0.11
CA SER A 1 -10.67 14.51 0.31
C SER A 1 -10.13 15.36 -0.84
N ASP A 2 -9.61 14.74 -1.87
CA ASP A 2 -9.07 15.51 -3.02
C ASP A 2 -9.14 14.64 -4.29
N LYS A 3 -8.44 15.02 -5.32
CA LYS A 3 -8.46 14.23 -6.57
C LYS A 3 -7.54 13.01 -6.39
N PRO A 4 -7.39 12.22 -7.42
CA PRO A 4 -6.56 11.01 -7.36
C PRO A 4 -5.07 11.32 -7.41
N LYS A 5 -4.29 10.38 -6.95
CA LYS A 5 -2.81 10.55 -6.94
C LYS A 5 -2.19 9.15 -6.89
N ARG A 6 -1.47 8.78 -7.93
CA ARG A 6 -0.82 7.43 -8.03
C ARG A 6 -0.97 6.60 -6.74
N PRO A 7 -1.48 5.39 -6.87
CA PRO A 7 -1.71 4.49 -5.73
C PRO A 7 -0.40 3.87 -5.24
N LEU A 8 -0.31 3.66 -3.96
CA LEU A 8 0.93 3.09 -3.35
C LEU A 8 1.42 1.88 -4.14
N SER A 9 2.63 1.47 -3.86
CA SER A 9 3.22 0.29 -4.56
C SER A 9 2.82 -0.99 -3.82
N ALA A 10 3.12 -2.11 -4.40
CA ALA A 10 2.78 -3.41 -3.77
C ALA A 10 3.34 -3.48 -2.35
N TYR A 11 4.60 -3.25 -2.19
CA TYR A 11 5.21 -3.30 -0.84
C TYR A 11 4.37 -2.48 0.14
N MET A 12 3.84 -1.38 -0.31
CA MET A 12 3.01 -0.52 0.58
C MET A 12 1.69 -1.22 0.91
N LEU A 13 0.99 -1.70 -0.09
CA LEU A 13 -0.31 -2.38 0.19
C LEU A 13 -0.13 -3.32 1.37
N TRP A 14 0.95 -4.04 1.42
CA TRP A 14 1.17 -4.96 2.56
C TRP A 14 1.42 -4.15 3.83
N LEU A 15 2.17 -3.10 3.73
CA LEU A 15 2.45 -2.26 4.93
C LEU A 15 1.14 -1.75 5.53
N ASN A 16 0.12 -1.56 4.73
CA ASN A 16 -1.17 -1.08 5.27
C ASN A 16 -1.86 -2.19 6.05
N SER A 17 -2.04 -3.34 5.45
CA SER A 17 -2.72 -4.46 6.16
C SER A 17 -1.79 -4.99 7.26
N ALA A 18 -0.55 -4.60 7.26
CA ALA A 18 0.39 -5.09 8.30
C ALA A 18 0.66 -3.99 9.33
N ARG A 19 0.19 -2.80 9.07
CA ARG A 19 0.43 -1.69 10.04
C ARG A 19 -0.23 -2.01 11.38
N GLU A 20 -1.22 -2.86 11.37
CA GLU A 20 -1.90 -3.21 12.66
C GLU A 20 -1.04 -4.21 13.42
N SER A 21 -0.82 -5.36 12.84
CA SER A 21 0.03 -6.37 13.52
C SER A 21 1.46 -5.85 13.63
N ILE A 22 1.74 -4.77 12.94
CA ILE A 22 3.11 -4.20 13.01
C ILE A 22 3.23 -3.32 14.25
N LYS A 23 2.29 -2.45 14.47
CA LYS A 23 2.37 -1.55 15.64
C LYS A 23 2.00 -2.30 16.92
N ARG A 24 1.53 -3.52 16.80
CA ARG A 24 1.15 -4.28 18.02
C ARG A 24 2.34 -5.12 18.52
N GLU A 25 3.08 -5.72 17.62
CA GLU A 25 4.23 -6.55 18.06
C GLU A 25 5.53 -5.76 17.86
N ASN A 26 5.47 -4.46 17.97
CA ASN A 26 6.70 -3.64 17.78
C ASN A 26 6.99 -2.86 19.07
N PRO A 27 8.25 -2.59 19.27
CA PRO A 27 8.73 -1.85 20.45
C PRO A 27 8.46 -0.36 20.29
N GLY A 28 7.22 0.05 20.38
CA GLY A 28 6.90 1.50 20.21
C GLY A 28 7.68 2.00 19.00
N ILE A 29 7.93 1.13 18.06
CA ILE A 29 8.69 1.51 16.84
C ILE A 29 8.31 2.91 16.40
N LYS A 30 9.23 3.65 15.83
CA LYS A 30 8.90 5.04 15.38
C LYS A 30 7.89 5.00 14.24
N VAL A 31 7.09 6.01 14.11
CA VAL A 31 6.09 6.05 13.02
C VAL A 31 6.82 6.11 11.68
N THR A 32 8.01 6.65 11.67
CA THR A 32 8.78 6.74 10.39
C THR A 32 9.65 5.49 10.25
N GLU A 33 10.07 4.93 11.36
CA GLU A 33 10.92 3.72 11.30
C GLU A 33 10.03 2.48 11.12
N VAL A 34 8.74 2.64 11.27
CA VAL A 34 7.82 1.48 11.11
C VAL A 34 7.93 0.94 9.68
N ALA A 35 8.12 1.80 8.72
CA ALA A 35 8.24 1.35 7.31
C ALA A 35 9.55 0.60 7.13
N LYS A 36 10.56 0.95 7.89
CA LYS A 36 11.87 0.25 7.76
C LYS A 36 11.74 -1.18 8.31
N ARG A 37 11.40 -1.30 9.57
CA ARG A 37 11.27 -2.65 10.18
C ARG A 37 10.12 -3.40 9.50
N GLY A 38 9.22 -2.68 8.87
CA GLY A 38 8.06 -3.36 8.21
C GLY A 38 8.56 -4.12 6.98
N GLY A 39 9.49 -3.56 6.26
CA GLY A 39 10.01 -4.25 5.04
C GLY A 39 10.61 -5.61 5.41
N GLU A 40 11.09 -5.74 6.62
CA GLU A 40 11.70 -7.05 7.03
C GLU A 40 10.69 -8.17 6.82
N LEU A 41 9.43 -7.90 7.01
CA LEU A 41 8.39 -8.95 6.83
C LEU A 41 7.92 -8.97 5.37
N TRP A 42 7.93 -7.83 4.73
CA TRP A 42 7.48 -7.79 3.30
C TRP A 42 8.30 -8.78 2.46
N ARG A 43 9.58 -8.87 2.72
CA ARG A 43 10.42 -9.81 1.94
C ARG A 43 10.32 -11.23 2.51
N ALA A 44 9.79 -11.36 3.70
CA ALA A 44 9.69 -12.72 4.31
C ALA A 44 8.23 -13.04 4.63
N MET A 45 7.31 -12.30 4.08
CA MET A 45 5.88 -12.56 4.35
C MET A 45 5.46 -13.84 3.62
N LYS A 46 4.69 -13.72 2.56
CA LYS A 46 4.24 -14.91 1.82
C LYS A 46 4.63 -14.78 0.35
N ASP A 47 3.87 -14.04 -0.39
CA ASP A 47 4.18 -13.84 -1.84
C ASP A 47 3.89 -12.39 -2.22
N LYS A 48 4.69 -11.82 -3.08
CA LYS A 48 4.45 -10.40 -3.48
C LYS A 48 3.44 -10.36 -4.63
N SER A 49 3.28 -11.44 -5.35
CA SER A 49 2.31 -11.45 -6.48
C SER A 49 0.93 -11.02 -5.98
N GLU A 50 0.69 -11.14 -4.70
CA GLU A 50 -0.64 -10.74 -4.14
C GLU A 50 -0.82 -9.24 -4.29
N TRP A 51 -0.10 -8.48 -3.51
CA TRP A 51 -0.21 -7.00 -3.61
C TRP A 51 0.25 -6.58 -4.99
N GLU A 52 1.46 -6.92 -5.33
CA GLU A 52 2.03 -6.54 -6.66
C GLU A 52 0.94 -6.51 -7.74
N ALA A 53 0.35 -7.62 -8.05
CA ALA A 53 -0.72 -7.64 -9.09
C ALA A 53 -1.80 -6.63 -8.71
N LYS A 54 -2.17 -6.57 -7.46
CA LYS A 54 -3.22 -5.61 -7.01
C LYS A 54 -2.80 -4.16 -7.32
N ALA A 55 -1.55 -3.86 -7.22
CA ALA A 55 -1.07 -2.48 -7.48
C ALA A 55 -1.14 -2.18 -8.98
N ALA A 56 -0.66 -3.08 -9.78
CA ALA A 56 -0.68 -2.87 -11.26
C ALA A 56 -2.10 -2.51 -11.71
N LYS A 57 -3.08 -3.27 -11.27
CA LYS A 57 -4.49 -2.97 -11.68
C LYS A 57 -4.84 -1.55 -11.27
N ALA A 58 -4.55 -1.15 -10.06
CA ALA A 58 -4.89 0.23 -9.64
C ALA A 58 -4.12 1.21 -10.51
N LYS A 59 -3.03 0.80 -11.05
CA LYS A 59 -2.22 1.71 -11.92
C LYS A 59 -2.96 1.98 -13.22
N ASP A 60 -3.34 0.95 -13.92
CA ASP A 60 -4.04 1.15 -15.21
C ASP A 60 -5.39 1.84 -14.96
N ASP A 61 -6.12 1.43 -13.96
CA ASP A 61 -7.41 2.11 -13.69
C ASP A 61 -7.10 3.54 -13.27
N TYR A 62 -5.84 3.79 -13.00
CA TYR A 62 -5.40 5.13 -12.56
C TYR A 62 -5.14 6.03 -13.76
N ASP A 63 -4.05 5.83 -14.43
CA ASP A 63 -3.69 6.66 -15.59
C ASP A 63 -4.93 6.91 -16.41
N ARG A 64 -5.82 5.97 -16.37
CA ARG A 64 -7.07 6.13 -17.12
C ARG A 64 -7.83 7.36 -16.63
N ALA A 65 -8.11 7.42 -15.36
CA ALA A 65 -8.85 8.59 -14.80
C ALA A 65 -7.90 9.75 -14.54
N VAL A 66 -6.83 9.54 -13.82
CA VAL A 66 -5.91 10.67 -13.57
C VAL A 66 -5.60 11.37 -14.88
N LYS A 67 -5.27 10.63 -15.90
CA LYS A 67 -4.98 11.26 -17.22
C LYS A 67 -6.00 12.37 -17.48
N GLU A 68 -7.24 12.09 -17.21
CA GLU A 68 -8.30 13.11 -17.39
C GLU A 68 -8.01 14.24 -16.39
N PHE A 69 -7.90 13.85 -15.17
CA PHE A 69 -7.59 14.78 -14.04
C PHE A 69 -6.35 15.63 -14.34
N GLU A 70 -5.47 15.13 -15.15
CA GLU A 70 -4.22 15.86 -15.44
C GLU A 70 -4.43 16.67 -16.72
N ALA A 71 -5.36 16.22 -17.50
CA ALA A 71 -5.69 16.90 -18.78
C ALA A 71 -6.15 18.32 -18.47
N ASN A 72 -6.49 18.59 -17.24
CA ASN A 72 -6.96 19.96 -16.87
C ASN A 72 -5.75 20.88 -16.71
N GLY A 73 -5.17 21.30 -17.80
CA GLY A 73 -3.98 22.21 -17.70
C GLY A 73 -3.35 22.37 -19.08
#